data_9QT2
# 
_entry.id   9QT2 
# 
_audit_conform.dict_name       mmcif_pdbx.dic 
_audit_conform.dict_version    5.408 
_audit_conform.dict_location   http://mmcif.pdb.org/dictionaries/ascii/mmcif_pdbx.dic 
# 
loop_
_database_2.database_id 
_database_2.database_code 
_database_2.pdbx_database_accession 
_database_2.pdbx_DOI 
PDB   9QT2         pdb_00009qt2 10.2210/pdb9qt2/pdb 
WWPDB D_1292146932 ?            ?                   
# 
_pdbx_audit_revision_history.ordinal             1 
_pdbx_audit_revision_history.data_content_type   'Structure model' 
_pdbx_audit_revision_history.major_revision      1 
_pdbx_audit_revision_history.minor_revision      0 
_pdbx_audit_revision_history.revision_date       2025-12-24 
_pdbx_audit_revision_history.part_number         ? 
# 
_pdbx_audit_revision_details.ordinal             1 
_pdbx_audit_revision_details.revision_ordinal    1 
_pdbx_audit_revision_details.data_content_type   'Structure model' 
_pdbx_audit_revision_details.provider            repository 
_pdbx_audit_revision_details.type                'Initial release' 
_pdbx_audit_revision_details.description         ? 
_pdbx_audit_revision_details.details             ? 
# 
_pdbx_database_status.status_code                     REL 
_pdbx_database_status.status_code_sf                  REL 
_pdbx_database_status.status_code_mr                  ? 
_pdbx_database_status.entry_id                        9QT2 
_pdbx_database_status.recvd_initial_deposition_date   2025-04-07 
_pdbx_database_status.SG_entry                        N 
_pdbx_database_status.deposit_site                    PDBE 
_pdbx_database_status.process_site                    PDBE 
_pdbx_database_status.status_code_cs                  ? 
_pdbx_database_status.status_code_nmr_data            ? 
_pdbx_database_status.methods_development_category    ? 
_pdbx_database_status.pdb_format_compatible           Y 
# 
_pdbx_database_related.db_name        PDB 
_pdbx_database_related.details        'protein without DNA' 
_pdbx_database_related.db_id          9QT0 
_pdbx_database_related.content_type   unspecified 
# 
_pdbx_contact_author.id                 2 
_pdbx_contact_author.email              marcus.hartmann@tuebingen.mpg.de 
_pdbx_contact_author.name_first         Marcus 
_pdbx_contact_author.name_last          Hartmann 
_pdbx_contact_author.name_mi            D. 
_pdbx_contact_author.role               'principal investigator/group leader' 
_pdbx_contact_author.identifier_ORCID   0000-0001-6937-5677 
# 
loop_
_audit_author.name 
_audit_author.pdbx_ordinal 
_audit_author.identifier_ORCID 
'Hu, Y.'         1 0000-0002-6965-8965 
'Albrecht, R.'   2 0000-0003-1224-7599 
'Hartmann, M.D.' 3 0000-0001-6937-5677 
# 
_citation.abstract                  ? 
_citation.abstract_id_CAS           ? 
_citation.book_id_ISBN              ? 
_citation.book_publisher            ? 
_citation.book_publisher_city       ? 
_citation.book_title                ? 
_citation.coordinate_linkage        ? 
_citation.country                   UK 
_citation.database_id_Medline       ? 
_citation.details                   ? 
_citation.id                        primary 
_citation.journal_abbrev            'Nat Commun' 
_citation.journal_id_ASTM           ? 
_citation.journal_id_CSD            ? 
_citation.journal_id_ISSN           2041-1723 
_citation.journal_full              ? 
_citation.journal_issue             ? 
_citation.journal_volume            16 
_citation.language                  ? 
_citation.page_first                11108 
_citation.page_last                 11108 
_citation.title                     'DNA Wrapping by a tetrameric bacterial histone.' 
_citation.year                      2025 
_citation.database_id_CSD           ? 
_citation.pdbx_database_id_DOI      10.1038/s41467-025-67425-w 
_citation.pdbx_database_id_PubMed   41381525 
_citation.pdbx_database_id_patent   ? 
_citation.unpublished_flag          ? 
# 
loop_
_citation_author.citation_id 
_citation_author.name 
_citation_author.ordinal 
_citation_author.identifier_ORCID 
primary 'Hu, Y.'                1  0000-0002-6965-8965 
primary 'Schwab, S.'            2  0009-0003-9528-7736 
primary 'Qiu, K.'               3  0000-0002-0676-850X 
primary 'Zhang, Y.'             4  0000-0003-3476-6728 
primary 'Bar, K.'               5  ?                   
primary 'Reichle, H.'           6  ?                   
primary 'Panzera, A.'           7  0009-0002-5117-0854 
primary 'Lupas, A.N.'           8  0000-0002-1959-4836 
primary 'Hartmann, M.D.'        9  0000-0001-6937-5677 
primary 'Dame, R.T.'            10 0000-0001-9863-1692 
primary 'Alva, V.'              11 0000-0003-1188-473X 
primary 'Hernandez Alvarez, B.' 12 0000-0003-0635-8698 
# 
loop_
_entity.id 
_entity.type 
_entity.src_method 
_entity.pdbx_description 
_entity.formula_weight 
_entity.pdbx_number_of_molecules 
_entity.pdbx_ec 
_entity.pdbx_mutation 
_entity.pdbx_fragment 
_entity.details 
1 polymer man 'DUF1931 domain-containing protein'                            7121.090 1 ? ? ? ? 
2 polymer syn 
;DNA (5'-D(P*CP*CP*GP*TP*TP*TP*AP*AP*AP*GP*CP*CP*GP*TP*T)-3')
;
9221.966 1 ? ? ? ? 
3 water   nat water                                                          18.015   9 ? ? ? ? 
# 
loop_
_entity_poly.entity_id 
_entity_poly.type 
_entity_poly.nstd_linkage 
_entity_poly.nstd_monomer 
_entity_poly.pdbx_seq_one_letter_code 
_entity_poly.pdbx_seq_one_letter_code_can 
_entity_poly.pdbx_strand_id 
_entity_poly.pdbx_target_identifier 
1 'polypeptide(L)'        no no GSMAQNAEKDTLIVASKVKAYIKSKGFMTSGDAVDGLNEKLYALIDDALKRTESNKRTTVRPTDF 
GSMAQNAEKDTLIVASKVKAYIKSKGFMTSGDAVDGLNEKLYALIDDALKRTESNKRTTVRPTDF A ? 
2 polydeoxyribonucleotide no no 
;(DT)(DT)(DT)(DA)(DA)(DA)(DG)(DC)(DC)(DG)(DT)(DT)(DT)(DA)(DA)(DA)(DG)(DC)(DC)(DG)
(DT)(DT)(DT)(DA)(DA)(DA)(DG)(DC)(DC)(DG)
;
TTTAAAGCCGTTTAAAGCCGTTTAAAGCCG                                    B ? 
# 
_pdbx_entity_nonpoly.entity_id   3 
_pdbx_entity_nonpoly.name        water 
_pdbx_entity_nonpoly.comp_id     HOH 
# 
loop_
_entity_poly_seq.entity_id 
_entity_poly_seq.num 
_entity_poly_seq.mon_id 
_entity_poly_seq.hetero 
1 1  GLY n 
1 2  SER n 
1 3  MET n 
1 4  ALA n 
1 5  GLN n 
1 6  ASN n 
1 7  ALA n 
1 8  GLU n 
1 9  LYS n 
1 10 ASP n 
1 11 THR n 
1 12 LEU n 
1 13 ILE n 
1 14 VAL n 
1 15 ALA n 
1 16 SER n 
1 17 LYS n 
1 18 VAL n 
1 19 LYS n 
1 20 ALA n 
1 21 TYR n 
1 22 ILE n 
1 23 LYS n 
1 24 SER n 
1 25 LYS n 
1 26 GLY n 
1 27 PHE n 
1 28 MET n 
1 29 THR n 
1 30 SER n 
1 31 GLY n 
1 32 ASP n 
1 33 ALA n 
1 34 VAL n 
1 35 ASP n 
1 36 GLY n 
1 37 LEU n 
1 38 ASN n 
1 39 GLU n 
1 40 LYS n 
1 41 LEU n 
1 42 TYR n 
1 43 ALA n 
1 44 LEU n 
1 45 ILE n 
1 46 ASP n 
1 47 ASP n 
1 48 ALA n 
1 49 LEU n 
1 50 LYS n 
1 51 ARG n 
1 52 THR n 
1 53 GLU n 
1 54 SER n 
1 55 ASN n 
1 56 LYS n 
1 57 ARG n 
1 58 THR n 
1 59 THR n 
1 60 VAL n 
1 61 ARG n 
1 62 PRO n 
1 63 THR n 
1 64 ASP n 
1 65 PHE n 
2 1  DT  n 
2 2  DT  n 
2 3  DT  n 
2 4  DA  n 
2 5  DA  n 
2 6  DA  n 
2 7  DG  n 
2 8  DC  n 
2 9  DC  n 
2 10 DG  n 
2 11 DT  n 
2 12 DT  n 
2 13 DT  n 
2 14 DA  n 
2 15 DA  n 
2 16 DA  n 
2 17 DG  n 
2 18 DC  n 
2 19 DC  n 
2 20 DG  n 
2 21 DT  n 
2 22 DT  n 
2 23 DT  n 
2 24 DA  n 
2 25 DA  n 
2 26 DA  n 
2 27 DG  n 
2 28 DC  n 
2 29 DC  n 
2 30 DG  n 
# 
_entity_src_gen.entity_id                          1 
_entity_src_gen.pdbx_src_id                        1 
_entity_src_gen.pdbx_alt_source_flag               sample 
_entity_src_gen.pdbx_seq_type                      'Biological sequence' 
_entity_src_gen.pdbx_beg_seq_num                   1 
_entity_src_gen.pdbx_end_seq_num                   65 
_entity_src_gen.gene_src_common_name               ? 
_entity_src_gen.gene_src_genus                     ? 
_entity_src_gen.pdbx_gene_src_gene                 CH373_10155 
_entity_src_gen.gene_src_species                   ? 
_entity_src_gen.gene_src_strain                    ? 
_entity_src_gen.gene_src_tissue                    ? 
_entity_src_gen.gene_src_tissue_fraction           ? 
_entity_src_gen.gene_src_details                   ? 
_entity_src_gen.pdbx_gene_src_fragment             ? 
_entity_src_gen.pdbx_gene_src_scientific_name      'Leptospira perolatii' 
_entity_src_gen.pdbx_gene_src_ncbi_taxonomy_id     2023191 
_entity_src_gen.pdbx_gene_src_variant              ? 
_entity_src_gen.pdbx_gene_src_cell_line            ? 
_entity_src_gen.pdbx_gene_src_atcc                 ? 
_entity_src_gen.pdbx_gene_src_organ                ? 
_entity_src_gen.pdbx_gene_src_organelle            ? 
_entity_src_gen.pdbx_gene_src_cell                 ? 
_entity_src_gen.pdbx_gene_src_cellular_location    ? 
_entity_src_gen.host_org_common_name               ? 
_entity_src_gen.pdbx_host_org_scientific_name      'Escherichia coli' 
_entity_src_gen.pdbx_host_org_ncbi_taxonomy_id     562 
_entity_src_gen.host_org_genus                     ? 
_entity_src_gen.pdbx_host_org_gene                 ? 
_entity_src_gen.pdbx_host_org_organ                ? 
_entity_src_gen.host_org_species                   ? 
_entity_src_gen.pdbx_host_org_tissue               ? 
_entity_src_gen.pdbx_host_org_tissue_fraction      ? 
_entity_src_gen.pdbx_host_org_strain               ? 
_entity_src_gen.pdbx_host_org_variant              ? 
_entity_src_gen.pdbx_host_org_cell_line            ? 
_entity_src_gen.pdbx_host_org_atcc                 ? 
_entity_src_gen.pdbx_host_org_culture_collection   ? 
_entity_src_gen.pdbx_host_org_cell                 ? 
_entity_src_gen.pdbx_host_org_organelle            ? 
_entity_src_gen.pdbx_host_org_cellular_location    ? 
_entity_src_gen.pdbx_host_org_vector_type          ? 
_entity_src_gen.pdbx_host_org_vector               ? 
_entity_src_gen.host_org_details                   ? 
_entity_src_gen.expression_system_id               ? 
_entity_src_gen.plasmid_name                       ? 
_entity_src_gen.plasmid_details                    ? 
_entity_src_gen.pdbx_description                   ? 
# 
_pdbx_entity_src_syn.entity_id              2 
_pdbx_entity_src_syn.pdbx_src_id            1 
_pdbx_entity_src_syn.pdbx_alt_source_flag   sample 
_pdbx_entity_src_syn.pdbx_beg_seq_num       1 
_pdbx_entity_src_syn.pdbx_end_seq_num       30 
_pdbx_entity_src_syn.organism_scientific    'DNA molecule' 
_pdbx_entity_src_syn.organism_common_name   ? 
_pdbx_entity_src_syn.ncbi_taxonomy_id       2853804 
_pdbx_entity_src_syn.details                ? 
# 
loop_
_chem_comp.id 
_chem_comp.type 
_chem_comp.mon_nstd_flag 
_chem_comp.name 
_chem_comp.pdbx_synonyms 
_chem_comp.formula 
_chem_comp.formula_weight 
ALA 'L-peptide linking' y ALANINE                              ? 'C3 H7 N O2'      89.093  
ARG 'L-peptide linking' y ARGININE                             ? 'C6 H15 N4 O2 1'  175.209 
ASN 'L-peptide linking' y ASPARAGINE                           ? 'C4 H8 N2 O3'     132.118 
ASP 'L-peptide linking' y 'ASPARTIC ACID'                      ? 'C4 H7 N O4'      133.103 
DA  'DNA linking'       y "2'-DEOXYADENOSINE-5'-MONOPHOSPHATE" ? 'C10 H14 N5 O6 P' 331.222 
DC  'DNA linking'       y "2'-DEOXYCYTIDINE-5'-MONOPHOSPHATE"  ? 'C9 H14 N3 O7 P'  307.197 
DG  'DNA linking'       y "2'-DEOXYGUANOSINE-5'-MONOPHOSPHATE" ? 'C10 H14 N5 O7 P' 347.221 
DT  'DNA linking'       y "THYMIDINE-5'-MONOPHOSPHATE"         ? 'C10 H15 N2 O8 P' 322.208 
GLN 'L-peptide linking' y GLUTAMINE                            ? 'C5 H10 N2 O3'    146.144 
GLU 'L-peptide linking' y 'GLUTAMIC ACID'                      ? 'C5 H9 N O4'      147.129 
GLY 'peptide linking'   y GLYCINE                              ? 'C2 H5 N O2'      75.067  
HOH non-polymer         . WATER                                ? 'H2 O'            18.015  
ILE 'L-peptide linking' y ISOLEUCINE                           ? 'C6 H13 N O2'     131.173 
LEU 'L-peptide linking' y LEUCINE                              ? 'C6 H13 N O2'     131.173 
LYS 'L-peptide linking' y LYSINE                               ? 'C6 H15 N2 O2 1'  147.195 
MET 'L-peptide linking' y METHIONINE                           ? 'C5 H11 N O2 S'   149.211 
PHE 'L-peptide linking' y PHENYLALANINE                        ? 'C9 H11 N O2'     165.189 
PRO 'L-peptide linking' y PROLINE                              ? 'C5 H9 N O2'      115.130 
SER 'L-peptide linking' y SERINE                               ? 'C3 H7 N O3'      105.093 
THR 'L-peptide linking' y THREONINE                            ? 'C4 H9 N O3'      119.119 
TYR 'L-peptide linking' y TYROSINE                             ? 'C9 H11 N O3'     181.189 
VAL 'L-peptide linking' y VALINE                               ? 'C5 H11 N O2'     117.146 
# 
loop_
_pdbx_poly_seq_scheme.asym_id 
_pdbx_poly_seq_scheme.entity_id 
_pdbx_poly_seq_scheme.seq_id 
_pdbx_poly_seq_scheme.mon_id 
_pdbx_poly_seq_scheme.ndb_seq_num 
_pdbx_poly_seq_scheme.pdb_seq_num 
_pdbx_poly_seq_scheme.auth_seq_num 
_pdbx_poly_seq_scheme.pdb_mon_id 
_pdbx_poly_seq_scheme.auth_mon_id 
_pdbx_poly_seq_scheme.pdb_strand_id 
_pdbx_poly_seq_scheme.pdb_ins_code 
_pdbx_poly_seq_scheme.hetero 
A 1 1  GLY 1  -1 ?  ?   ?   A . n 
A 1 2  SER 2  0  ?  ?   ?   A . n 
A 1 3  MET 3  1  ?  ?   ?   A . n 
A 1 4  ALA 4  2  ?  ?   ?   A . n 
A 1 5  GLN 5  3  ?  ?   ?   A . n 
A 1 6  ASN 6  4  ?  ?   ?   A . n 
A 1 7  ALA 7  5  ?  ?   ?   A . n 
A 1 8  GLU 8  6  ?  ?   ?   A . n 
A 1 9  LYS 9  7  7  LYS LYS A . n 
A 1 10 ASP 10 8  8  ASP ASP A . n 
A 1 11 THR 11 9  9  THR THR A . n 
A 1 12 LEU 12 10 10 LEU LEU A . n 
A 1 13 ILE 13 11 11 ILE ILE A . n 
A 1 14 VAL 14 12 12 VAL VAL A . n 
A 1 15 ALA 15 13 13 ALA ALA A . n 
A 1 16 SER 16 14 14 SER SER A . n 
A 1 17 LYS 17 15 15 LYS LYS A . n 
A 1 18 VAL 18 16 16 VAL VAL A . n 
A 1 19 LYS 19 17 17 LYS LYS A . n 
A 1 20 ALA 20 18 18 ALA ALA A . n 
A 1 21 TYR 21 19 19 TYR TYR A . n 
A 1 22 ILE 22 20 20 ILE ILE A . n 
A 1 23 LYS 23 21 21 LYS LYS A . n 
A 1 24 SER 24 22 22 SER SER A . n 
A 1 25 LYS 25 23 23 LYS LYS A . n 
A 1 26 GLY 26 24 24 GLY GLY A . n 
A 1 27 PHE 27 25 25 PHE PHE A . n 
A 1 28 MET 28 26 26 MET MET A . n 
A 1 29 THR 29 27 27 THR THR A . n 
A 1 30 SER 30 28 28 SER SER A . n 
A 1 31 GLY 31 29 29 GLY GLY A . n 
A 1 32 ASP 32 30 30 ASP ASP A . n 
A 1 33 ALA 33 31 31 ALA ALA A . n 
A 1 34 VAL 34 32 32 VAL VAL A . n 
A 1 35 ASP 35 33 33 ASP ASP A . n 
A 1 36 GLY 36 34 34 GLY GLY A . n 
A 1 37 LEU 37 35 35 LEU LEU A . n 
A 1 38 ASN 38 36 36 ASN ASN A . n 
A 1 39 GLU 39 37 37 GLU GLU A . n 
A 1 40 LYS 40 38 38 LYS LYS A . n 
A 1 41 LEU 41 39 39 LEU LEU A . n 
A 1 42 TYR 42 40 40 TYR TYR A . n 
A 1 43 ALA 43 41 41 ALA ALA A . n 
A 1 44 LEU 44 42 42 LEU LEU A . n 
A 1 45 ILE 45 43 43 ILE ILE A . n 
A 1 46 ASP 46 44 44 ASP ASP A . n 
A 1 47 ASP 47 45 45 ASP ASP A . n 
A 1 48 ALA 48 46 46 ALA ALA A . n 
A 1 49 LEU 49 47 47 LEU LEU A . n 
A 1 50 LYS 50 48 48 LYS LYS A . n 
A 1 51 ARG 51 49 49 ARG ARG A . n 
A 1 52 THR 52 50 50 THR THR A . n 
A 1 53 GLU 53 51 51 GLU GLU A . n 
A 1 54 SER 54 52 52 SER SER A . n 
A 1 55 ASN 55 53 53 ASN ASN A . n 
A 1 56 LYS 56 54 54 LYS LYS A . n 
A 1 57 ARG 57 55 55 ARG ARG A . n 
A 1 58 THR 58 56 56 THR THR A . n 
A 1 59 THR 59 57 57 THR THR A . n 
A 1 60 VAL 60 58 58 VAL VAL A . n 
A 1 61 ARG 61 59 59 ARG ARG A . n 
A 1 62 PRO 62 60 60 PRO PRO A . n 
A 1 63 THR 63 61 61 THR THR A . n 
A 1 64 ASP 64 62 62 ASP ASP A . n 
A 1 65 PHE 65 63 63 PHE PHE A . n 
B 2 1  DT  1  1  ?  ?   ?   B . n 
B 2 2  DT  2  2  ?  ?   ?   B . n 
B 2 3  DT  3  3  ?  ?   ?   B . n 
B 2 4  DA  4  4  ?  ?   ?   B . n 
B 2 5  DA  5  5  ?  ?   ?   B . n 
B 2 6  DA  6  6  ?  ?   ?   B . n 
B 2 7  DG  7  7  ?  ?   ?   B . n 
B 2 8  DC  8  8  8  DC  DC  B . n 
B 2 9  DC  9  9  9  DC  DC  B . n 
B 2 10 DG  10 10 10 DG  DG  B . n 
B 2 11 DT  11 11 11 DT  DT  B . n 
B 2 12 DT  12 12 12 DT  DT  B . n 
B 2 13 DT  13 13 13 DT  DT  B . n 
B 2 14 DA  14 14 14 DA  DA  B . n 
B 2 15 DA  15 15 15 DA  DA  B . n 
B 2 16 DA  16 16 16 DA  DA  B . n 
B 2 17 DG  17 17 17 DG  DG  B . n 
B 2 18 DC  18 18 18 DC  DC  B . n 
B 2 19 DC  19 19 19 DC  DC  B . n 
B 2 20 DG  20 20 20 DG  DG  B . n 
B 2 21 DT  21 21 21 DT  DT  B . n 
B 2 22 DT  22 22 22 DT  DT  B . n 
B 2 23 DT  23 23 ?  ?   ?   B . n 
B 2 24 DA  24 24 ?  ?   ?   B . n 
B 2 25 DA  25 25 ?  ?   ?   B . n 
B 2 26 DA  26 26 ?  ?   ?   B . n 
B 2 27 DG  27 27 ?  ?   ?   B . n 
B 2 28 DC  28 28 ?  ?   ?   B . n 
B 2 29 DC  29 29 ?  ?   ?   B . n 
B 2 30 DG  30 30 ?  ?   ?   B . n 
# 
loop_
_pdbx_nonpoly_scheme.asym_id 
_pdbx_nonpoly_scheme.entity_id 
_pdbx_nonpoly_scheme.mon_id 
_pdbx_nonpoly_scheme.ndb_seq_num 
_pdbx_nonpoly_scheme.pdb_seq_num 
_pdbx_nonpoly_scheme.auth_seq_num 
_pdbx_nonpoly_scheme.pdb_mon_id 
_pdbx_nonpoly_scheme.auth_mon_id 
_pdbx_nonpoly_scheme.pdb_strand_id 
_pdbx_nonpoly_scheme.pdb_ins_code 
C 3 HOH 1 101 7  HOH HOH A . 
C 3 HOH 2 102 16 HOH HOH A . 
C 3 HOH 3 103 5  HOH HOH A . 
C 3 HOH 4 104 13 HOH HOH A . 
C 3 HOH 5 105 10 HOH HOH A . 
C 3 HOH 6 106 14 HOH HOH A . 
C 3 HOH 7 107 2  HOH HOH A . 
C 3 HOH 8 108 15 HOH HOH A . 
D 3 HOH 1 101 6  HOH HOH B . 
# 
loop_
_pdbx_unobs_or_zero_occ_atoms.id 
_pdbx_unobs_or_zero_occ_atoms.PDB_model_num 
_pdbx_unobs_or_zero_occ_atoms.polymer_flag 
_pdbx_unobs_or_zero_occ_atoms.occupancy_flag 
_pdbx_unobs_or_zero_occ_atoms.auth_asym_id 
_pdbx_unobs_or_zero_occ_atoms.auth_comp_id 
_pdbx_unobs_or_zero_occ_atoms.auth_seq_id 
_pdbx_unobs_or_zero_occ_atoms.PDB_ins_code 
_pdbx_unobs_or_zero_occ_atoms.auth_atom_id 
_pdbx_unobs_or_zero_occ_atoms.label_alt_id 
_pdbx_unobs_or_zero_occ_atoms.label_asym_id 
_pdbx_unobs_or_zero_occ_atoms.label_comp_id 
_pdbx_unobs_or_zero_occ_atoms.label_seq_id 
_pdbx_unobs_or_zero_occ_atoms.label_atom_id 
1  1 Y 1 A LYS 7  ? CG  ? A LYS 9  CG  
2  1 Y 1 A LYS 7  ? CD  ? A LYS 9  CD  
3  1 Y 1 A LYS 7  ? CE  ? A LYS 9  CE  
4  1 Y 1 A LYS 7  ? NZ  ? A LYS 9  NZ  
5  1 Y 1 A ASP 8  ? CG  ? A ASP 10 CG  
6  1 Y 1 A ASP 8  ? OD1 ? A ASP 10 OD1 
7  1 Y 1 A ASP 8  ? OD2 ? A ASP 10 OD2 
8  1 Y 1 A LYS 15 ? CG  ? A LYS 17 CG  
9  1 Y 1 A LYS 15 ? CD  ? A LYS 17 CD  
10 1 Y 1 A LYS 15 ? CE  ? A LYS 17 CE  
11 1 Y 1 A LYS 15 ? NZ  ? A LYS 17 NZ  
12 1 Y 1 A LYS 54 ? CG  ? A LYS 56 CG  
13 1 Y 1 A LYS 54 ? CD  ? A LYS 56 CD  
14 1 Y 1 A LYS 54 ? CE  ? A LYS 56 CE  
15 1 Y 1 A LYS 54 ? NZ  ? A LYS 56 NZ  
# 
loop_
_software.citation_id 
_software.classification 
_software.compiler_name 
_software.compiler_version 
_software.contact_author 
_software.contact_author_email 
_software.date 
_software.description 
_software.dependencies 
_software.hardware 
_software.language 
_software.location 
_software.mods 
_software.name 
_software.os 
_software.os_version 
_software.type 
_software.version 
_software.pdbx_reference_DOI 
_software.pdbx_ordinal 
? 'data reduction' ? ? ? ? ? ? ? ? ? ? ? XDS       ? ? ? .        ? 1 
? 'data scaling'   ? ? ? ? ? ? ? ? ? ? ? STARANISO ? ? ? .        ? 2 
? phasing          ? ? ? ? ? ? ? ? ? ? ? MOLREP    ? ? ? .        ? 3 
? refinement       ? ? ? ? ? ? ? ? ? ? ? REFMAC    ? ? ? 5.8.0266 ? 4 
# 
_cell.angle_alpha                  90.00 
_cell.angle_alpha_esd              ? 
_cell.angle_beta                   90.00 
_cell.angle_beta_esd               ? 
_cell.angle_gamma                  90.00 
_cell.angle_gamma_esd              ? 
_cell.entry_id                     9QT2 
_cell.details                      ? 
_cell.formula_units_Z              ? 
_cell.length_a                     48.769 
_cell.length_a_esd                 ? 
_cell.length_b                     91.613 
_cell.length_b_esd                 ? 
_cell.length_c                     100.330 
_cell.length_c_esd                 ? 
_cell.volume                       ? 
_cell.volume_esd                   ? 
_cell.Z_PDB                        16 
_cell.reciprocal_angle_alpha       ? 
_cell.reciprocal_angle_beta        ? 
_cell.reciprocal_angle_gamma       ? 
_cell.reciprocal_angle_alpha_esd   ? 
_cell.reciprocal_angle_beta_esd    ? 
_cell.reciprocal_angle_gamma_esd   ? 
_cell.reciprocal_length_a          ? 
_cell.reciprocal_length_b          ? 
_cell.reciprocal_length_c          ? 
_cell.reciprocal_length_a_esd      ? 
_cell.reciprocal_length_b_esd      ? 
_cell.reciprocal_length_c_esd      ? 
_cell.pdbx_unique_axis             ? 
_cell.pdbx_esd_method              ? 
# 
_symmetry.entry_id                         9QT2 
_symmetry.cell_setting                     ? 
_symmetry.Int_Tables_number                22 
_symmetry.space_group_name_Hall            ? 
_symmetry.space_group_name_H-M             'F 2 2 2' 
_symmetry.pdbx_full_space_group_name_H-M   ? 
# 
_exptl.absorpt_coefficient_mu     ? 
_exptl.absorpt_correction_T_max   ? 
_exptl.absorpt_correction_T_min   ? 
_exptl.absorpt_correction_type    ? 
_exptl.absorpt_process_details    ? 
_exptl.entry_id                   9QT2 
_exptl.crystals_number            1 
_exptl.details                    ? 
_exptl.method                     'X-RAY DIFFRACTION' 
_exptl.method_details             ? 
# 
_exptl_crystal.colour                       ? 
_exptl_crystal.density_diffrn               ? 
_exptl_crystal.density_Matthews             1.71 
_exptl_crystal.density_method               ? 
_exptl_crystal.density_percent_sol          28.25 
_exptl_crystal.description                  ? 
_exptl_crystal.F_000                        ? 
_exptl_crystal.id                           1 
_exptl_crystal.preparation                  ? 
_exptl_crystal.size_max                     ? 
_exptl_crystal.size_mid                     ? 
_exptl_crystal.size_min                     ? 
_exptl_crystal.size_rad                     ? 
_exptl_crystal.colour_lustre                ? 
_exptl_crystal.colour_modifier              ? 
_exptl_crystal.colour_primary               ? 
_exptl_crystal.density_meas                 ? 
_exptl_crystal.density_meas_esd             ? 
_exptl_crystal.density_meas_gt              ? 
_exptl_crystal.density_meas_lt              ? 
_exptl_crystal.density_meas_temp            ? 
_exptl_crystal.density_meas_temp_esd        ? 
_exptl_crystal.density_meas_temp_gt         ? 
_exptl_crystal.density_meas_temp_lt         ? 
_exptl_crystal.pdbx_crystal_image_url       ? 
_exptl_crystal.pdbx_crystal_image_format    ? 
_exptl_crystal.pdbx_mosaicity               ? 
_exptl_crystal.pdbx_mosaicity_esd           ? 
_exptl_crystal.pdbx_mosaic_method           ? 
_exptl_crystal.pdbx_mosaic_block_size       ? 
_exptl_crystal.pdbx_mosaic_block_size_esd   ? 
# 
_exptl_crystal_grow.apparatus       ? 
_exptl_crystal_grow.atmosphere      ? 
_exptl_crystal_grow.crystal_id      1 
_exptl_crystal_grow.details         ? 
_exptl_crystal_grow.method          'VAPOR DIFFUSION, SITTING DROP' 
_exptl_crystal_grow.method_ref      ? 
_exptl_crystal_grow.pH              8.5 
_exptl_crystal_grow.pressure        ? 
_exptl_crystal_grow.pressure_esd    ? 
_exptl_crystal_grow.seeding         ? 
_exptl_crystal_grow.seeding_ref     ? 
_exptl_crystal_grow.temp_details    ? 
_exptl_crystal_grow.temp_esd        ? 
_exptl_crystal_grow.time            ? 
_exptl_crystal_grow.pdbx_details    
'0.1 M Carboxylic acids, 0.1 M Morpheus Buffer System 3, pH 8.5 and 50% (v/v) Morpheus Precipitant Mix 4' 
_exptl_crystal_grow.pdbx_pH_range   ? 
_exptl_crystal_grow.temp            293 
# 
_diffrn.ambient_environment              ? 
_diffrn.ambient_temp                     100 
_diffrn.ambient_temp_details             ? 
_diffrn.ambient_temp_esd                 ? 
_diffrn.crystal_id                       1 
_diffrn.crystal_support                  ? 
_diffrn.crystal_treatment                ? 
_diffrn.details                          ? 
_diffrn.id                               1 
_diffrn.ambient_pressure                 ? 
_diffrn.ambient_pressure_esd             ? 
_diffrn.ambient_pressure_gt              ? 
_diffrn.ambient_pressure_lt              ? 
_diffrn.ambient_temp_gt                  ? 
_diffrn.ambient_temp_lt                  ? 
_diffrn.pdbx_serial_crystal_experiment   N 
# 
_diffrn_detector.details                      ? 
_diffrn_detector.detector                     PIXEL 
_diffrn_detector.diffrn_id                    1 
_diffrn_detector.type                         'DECTRIS EIGER X 16M' 
_diffrn_detector.area_resol_mean              ? 
_diffrn_detector.dtime                        ? 
_diffrn_detector.pdbx_frames_total            ? 
_diffrn_detector.pdbx_collection_time_total   ? 
_diffrn_detector.pdbx_collection_date         2023-06-11 
_diffrn_detector.pdbx_frequency               ? 
_diffrn_detector.id                           ? 
_diffrn_detector.number_of_axes               ? 
# 
_diffrn_radiation.collimation                      ? 
_diffrn_radiation.diffrn_id                        1 
_diffrn_radiation.filter_edge                      ? 
_diffrn_radiation.inhomogeneity                    ? 
_diffrn_radiation.monochromator                    ? 
_diffrn_radiation.polarisn_norm                    ? 
_diffrn_radiation.polarisn_ratio                   ? 
_diffrn_radiation.probe                            ? 
_diffrn_radiation.type                             ? 
_diffrn_radiation.xray_symbol                      ? 
_diffrn_radiation.wavelength_id                    1 
_diffrn_radiation.pdbx_monochromatic_or_laue_m_l   M 
_diffrn_radiation.pdbx_wavelength_list             ? 
_diffrn_radiation.pdbx_wavelength                  ? 
_diffrn_radiation.pdbx_diffrn_protocol             'SINGLE WAVELENGTH' 
_diffrn_radiation.pdbx_analyzer                    ? 
_diffrn_radiation.pdbx_scattering_type             x-ray 
# 
_diffrn_radiation_wavelength.id           1 
_diffrn_radiation_wavelength.wavelength   1.00 
_diffrn_radiation_wavelength.wt           1.0 
# 
_diffrn_source.current                     ? 
_diffrn_source.details                     ? 
_diffrn_source.diffrn_id                   1 
_diffrn_source.power                       ? 
_diffrn_source.size                        ? 
_diffrn_source.source                      SYNCHROTRON 
_diffrn_source.target                      ? 
_diffrn_source.type                        'SLS BEAMLINE X10SA' 
_diffrn_source.voltage                     ? 
_diffrn_source.take-off_angle              ? 
_diffrn_source.pdbx_wavelength_list        1.00 
_diffrn_source.pdbx_wavelength             ? 
_diffrn_source.pdbx_synchrotron_beamline   X10SA 
_diffrn_source.pdbx_synchrotron_site       SLS 
# 
_reflns.B_iso_Wilson_estimate                          ? 
_reflns.entry_id                                       9QT2 
_reflns.data_reduction_details                         ? 
_reflns.data_reduction_method                          ? 
_reflns.d_resolution_high                              1.90 
_reflns.d_resolution_low                               39.56 
_reflns.details                                        ? 
_reflns.limit_h_max                                    ? 
_reflns.limit_h_min                                    ? 
_reflns.limit_k_max                                    ? 
_reflns.limit_k_min                                    ? 
_reflns.limit_l_max                                    ? 
_reflns.limit_l_min                                    ? 
_reflns.number_all                                     ? 
_reflns.number_obs                                     6179 
_reflns.observed_criterion                             ? 
_reflns.observed_criterion_F_max                       ? 
_reflns.observed_criterion_F_min                       ? 
_reflns.observed_criterion_I_max                       ? 
_reflns.observed_criterion_I_min                       ? 
_reflns.observed_criterion_sigma_F                     ? 
_reflns.observed_criterion_sigma_I                     ? 
_reflns.percent_possible_obs                           68.4 
_reflns.R_free_details                                 ? 
_reflns.Rmerge_F_all                                   ? 
_reflns.Rmerge_F_obs                                   ? 
_reflns.Friedel_coverage                               ? 
_reflns.number_gt                                      ? 
_reflns.threshold_expression                           ? 
_reflns.pdbx_redundancy                                7.51 
_reflns.pdbx_netI_over_av_sigmaI                       ? 
_reflns.pdbx_netI_over_sigmaI                          13.86 
_reflns.pdbx_res_netI_over_av_sigmaI_2                 ? 
_reflns.pdbx_res_netI_over_sigmaI_2                    ? 
_reflns.pdbx_chi_squared                               ? 
_reflns.pdbx_scaling_rejects                           ? 
_reflns.pdbx_d_res_high_opt                            ? 
_reflns.pdbx_d_res_low_opt                             ? 
_reflns.pdbx_d_res_opt_method                          ? 
_reflns.phase_calculation_details                      ? 
_reflns.pdbx_Rrim_I_all                                0.060 
_reflns.pdbx_Rpim_I_all                                ? 
_reflns.pdbx_d_opt                                     ? 
_reflns.pdbx_number_measured_all                       ? 
_reflns.pdbx_diffrn_id                                 1 
_reflns.pdbx_ordinal                                   1 
_reflns.pdbx_CC_half                                   1.00 
_reflns.pdbx_CC_star                                   ? 
_reflns.pdbx_R_split                                   ? 
_reflns.pdbx_Rmerge_I_obs                              ? 
_reflns.pdbx_Rmerge_I_all                              ? 
_reflns.pdbx_Rsym_value                                ? 
_reflns.pdbx_CC_split_method                           ? 
_reflns.pdbx_aniso_diffraction_limit_axis_1_ortho[1]   ? 
_reflns.pdbx_aniso_diffraction_limit_axis_1_ortho[2]   ? 
_reflns.pdbx_aniso_diffraction_limit_axis_1_ortho[3]   ? 
_reflns.pdbx_aniso_diffraction_limit_axis_2_ortho[1]   ? 
_reflns.pdbx_aniso_diffraction_limit_axis_2_ortho[2]   ? 
_reflns.pdbx_aniso_diffraction_limit_axis_2_ortho[3]   ? 
_reflns.pdbx_aniso_diffraction_limit_axis_3_ortho[1]   ? 
_reflns.pdbx_aniso_diffraction_limit_axis_3_ortho[2]   ? 
_reflns.pdbx_aniso_diffraction_limit_axis_3_ortho[3]   ? 
_reflns.pdbx_aniso_diffraction_limit_1                 ? 
_reflns.pdbx_aniso_diffraction_limit_2                 ? 
_reflns.pdbx_aniso_diffraction_limit_3                 ? 
_reflns.pdbx_aniso_B_tensor_eigenvector_1_ortho[1]     ? 
_reflns.pdbx_aniso_B_tensor_eigenvector_1_ortho[2]     ? 
_reflns.pdbx_aniso_B_tensor_eigenvector_1_ortho[3]     ? 
_reflns.pdbx_aniso_B_tensor_eigenvector_2_ortho[1]     ? 
_reflns.pdbx_aniso_B_tensor_eigenvector_2_ortho[2]     ? 
_reflns.pdbx_aniso_B_tensor_eigenvector_2_ortho[3]     ? 
_reflns.pdbx_aniso_B_tensor_eigenvector_3_ortho[1]     ? 
_reflns.pdbx_aniso_B_tensor_eigenvector_3_ortho[2]     ? 
_reflns.pdbx_aniso_B_tensor_eigenvector_3_ortho[3]     ? 
_reflns.pdbx_aniso_B_tensor_eigenvalue_1               ? 
_reflns.pdbx_aniso_B_tensor_eigenvalue_2               ? 
_reflns.pdbx_aniso_B_tensor_eigenvalue_3               ? 
_reflns.pdbx_orthogonalization_convention              ? 
_reflns.pdbx_percent_possible_ellipsoidal              ? 
_reflns.pdbx_percent_possible_spherical                ? 
_reflns.pdbx_percent_possible_ellipsoidal_anomalous    ? 
_reflns.pdbx_percent_possible_spherical_anomalous      ? 
_reflns.pdbx_redundancy_anomalous                      ? 
_reflns.pdbx_CC_half_anomalous                         ? 
_reflns.pdbx_absDiff_over_sigma_anomalous              ? 
_reflns.pdbx_percent_possible_anomalous                ? 
_reflns.pdbx_observed_signal_threshold                 ? 
_reflns.pdbx_signal_type                               ? 
_reflns.pdbx_signal_details                            ? 
_reflns.pdbx_signal_software_id                        ? 
# 
_reflns_shell.d_res_high                                    1.90 
_reflns_shell.d_res_low                                     2.05 
_reflns_shell.meanI_over_sigI_all                           ? 
_reflns_shell.meanI_over_sigI_obs                           1.340 
_reflns_shell.number_measured_all                           ? 
_reflns_shell.number_measured_obs                           ? 
_reflns_shell.number_possible                               ? 
_reflns_shell.number_unique_all                             ? 
_reflns_shell.number_unique_obs                             364 
_reflns_shell.percent_possible_obs                          ? 
_reflns_shell.Rmerge_F_all                                  ? 
_reflns_shell.Rmerge_F_obs                                  ? 
_reflns_shell.meanI_over_sigI_gt                            ? 
_reflns_shell.meanI_over_uI_all                             ? 
_reflns_shell.meanI_over_uI_gt                              ? 
_reflns_shell.number_measured_gt                            ? 
_reflns_shell.number_unique_gt                              ? 
_reflns_shell.percent_possible_gt                           ? 
_reflns_shell.Rmerge_F_gt                                   ? 
_reflns_shell.Rmerge_I_gt                                   ? 
_reflns_shell.pdbx_redundancy                               6.44 
_reflns_shell.pdbx_chi_squared                              ? 
_reflns_shell.pdbx_netI_over_sigmaI_all                     ? 
_reflns_shell.pdbx_netI_over_sigmaI_obs                     ? 
_reflns_shell.pdbx_Rrim_I_all                               1.534 
_reflns_shell.pdbx_Rpim_I_all                               ? 
_reflns_shell.pdbx_rejects                                  ? 
_reflns_shell.pdbx_ordinal                                  1 
_reflns_shell.pdbx_diffrn_id                                1 
_reflns_shell.pdbx_CC_half                                  0.426 
_reflns_shell.pdbx_CC_star                                  ? 
_reflns_shell.pdbx_R_split                                  ? 
_reflns_shell.percent_possible_all                          20.0 
_reflns_shell.Rmerge_I_all                                  ? 
_reflns_shell.Rmerge_I_obs                                  ? 
_reflns_shell.pdbx_Rsym_value                               ? 
_reflns_shell.pdbx_percent_possible_ellipsoidal             ? 
_reflns_shell.pdbx_percent_possible_spherical               ? 
_reflns_shell.pdbx_percent_possible_ellipsoidal_anomalous   ? 
_reflns_shell.pdbx_percent_possible_spherical_anomalous     ? 
_reflns_shell.pdbx_redundancy_anomalous                     ? 
_reflns_shell.pdbx_CC_half_anomalous                        ? 
_reflns_shell.pdbx_absDiff_over_sigma_anomalous             ? 
_reflns_shell.pdbx_percent_possible_anomalous               ? 
# 
_refine.aniso_B[1][1]                            0.33 
_refine.aniso_B[1][2]                            -0.00 
_refine.aniso_B[1][3]                            0.00 
_refine.aniso_B[2][2]                            0.28 
_refine.aniso_B[2][3]                            0.00 
_refine.aniso_B[3][3]                            -0.61 
_refine.B_iso_max                                ? 
_refine.B_iso_mean                               45.919 
_refine.B_iso_min                                ? 
_refine.correlation_coeff_Fo_to_Fc               0.946 
_refine.correlation_coeff_Fo_to_Fc_free          0.924 
_refine.details                                  'HYDROGENS HAVE BEEN ADDED IN THE RIDING POSITIONS' 
_refine.diff_density_max                         ? 
_refine.diff_density_max_esd                     ? 
_refine.diff_density_min                         ? 
_refine.diff_density_min_esd                     ? 
_refine.diff_density_rms                         ? 
_refine.diff_density_rms_esd                     ? 
_refine.entry_id                                 9QT2 
_refine.pdbx_refine_id                           'X-RAY DIFFRACTION' 
_refine.ls_abs_structure_details                 ? 
_refine.ls_abs_structure_Flack                   ? 
_refine.ls_abs_structure_Flack_esd               ? 
_refine.ls_abs_structure_Rogers                  ? 
_refine.ls_abs_structure_Rogers_esd              ? 
_refine.ls_d_res_high                            1.90 
_refine.ls_d_res_low                             39.56 
_refine.ls_extinction_coef                       ? 
_refine.ls_extinction_coef_esd                   ? 
_refine.ls_extinction_expression                 ? 
_refine.ls_extinction_method                     ? 
_refine.ls_goodness_of_fit_all                   ? 
_refine.ls_goodness_of_fit_all_esd               ? 
_refine.ls_goodness_of_fit_obs                   ? 
_refine.ls_goodness_of_fit_obs_esd               ? 
_refine.ls_hydrogen_treatment                    ? 
_refine.ls_matrix_type                           ? 
_refine.ls_number_constraints                    ? 
_refine.ls_number_parameters                     ? 
_refine.ls_number_reflns_all                     ? 
_refine.ls_number_reflns_obs                     5261 
_refine.ls_number_reflns_R_free                  918 
_refine.ls_number_reflns_R_work                  ? 
_refine.ls_number_restraints                     ? 
_refine.ls_percent_reflns_obs                    68.35 
_refine.ls_percent_reflns_R_free                 14.9 
_refine.ls_R_factor_all                          ? 
_refine.ls_R_factor_obs                          0.24269 
_refine.ls_R_factor_R_free                       0.28794 
_refine.ls_R_factor_R_free_error                 ? 
_refine.ls_R_factor_R_free_error_details         ? 
_refine.ls_R_factor_R_work                       0.23492 
_refine.ls_R_Fsqd_factor_obs                     ? 
_refine.ls_R_I_factor_obs                        ? 
_refine.ls_redundancy_reflns_all                 ? 
_refine.ls_redundancy_reflns_obs                 ? 
_refine.ls_restrained_S_all                      ? 
_refine.ls_restrained_S_obs                      ? 
_refine.ls_shift_over_esd_max                    ? 
_refine.ls_shift_over_esd_mean                   ? 
_refine.ls_structure_factor_coef                 ? 
_refine.ls_weighting_details                     ? 
_refine.ls_weighting_scheme                      ? 
_refine.ls_wR_factor_all                         ? 
_refine.ls_wR_factor_obs                         ? 
_refine.ls_wR_factor_R_free                      ? 
_refine.ls_wR_factor_R_work                      ? 
_refine.occupancy_max                            ? 
_refine.occupancy_min                            ? 
_refine.solvent_model_details                    MASK 
_refine.solvent_model_param_bsol                 ? 
_refine.solvent_model_param_ksol                 ? 
_refine.correlation_coeff_I_to_Fcsqd_work        ? 
_refine.correlation_coeff_I_to_Fcsqd_free        ? 
_refine.pdbx_R_complete                          ? 
_refine.ls_R_factor_gt                           ? 
_refine.ls_goodness_of_fit_gt                    ? 
_refine.ls_goodness_of_fit_ref                   ? 
_refine.ls_shift_over_su_max                     ? 
_refine.ls_shift_over_su_max_lt                  ? 
_refine.ls_shift_over_su_mean                    ? 
_refine.ls_shift_over_su_mean_lt                 ? 
_refine.pdbx_ls_sigma_I                          ? 
_refine.pdbx_ls_sigma_F                          ? 
_refine.pdbx_ls_sigma_Fsqd                       ? 
_refine.pdbx_data_cutoff_high_absF               ? 
_refine.pdbx_data_cutoff_high_rms_absF           ? 
_refine.pdbx_data_cutoff_low_absF                ? 
_refine.pdbx_isotropic_thermal_model             ? 
_refine.pdbx_ls_cross_valid_method               THROUGHOUT 
_refine.pdbx_method_to_determine_struct          'MOLECULAR REPLACEMENT' 
_refine.pdbx_starting_model                      ? 
_refine.pdbx_stereochemistry_target_values       'MAXIMUM LIKELIHOOD' 
_refine.pdbx_R_Free_selection_details            RANDOM 
_refine.pdbx_stereochem_target_val_spec_case     ? 
_refine.pdbx_overall_ESU_R                       0.305 
_refine.pdbx_overall_ESU_R_Free                  0.247 
_refine.pdbx_solvent_vdw_probe_radii             1.20 
_refine.pdbx_solvent_ion_probe_radii             0.80 
_refine.pdbx_solvent_shrinkage_radii             0.80 
_refine.pdbx_real_space_R                        ? 
_refine.pdbx_density_correlation                 ? 
_refine.pdbx_pd_number_of_powder_patterns        ? 
_refine.pdbx_pd_number_of_points                 ? 
_refine.pdbx_pd_meas_number_of_points            ? 
_refine.pdbx_pd_proc_ls_prof_R_factor            ? 
_refine.pdbx_pd_proc_ls_prof_wR_factor           ? 
_refine.pdbx_pd_Marquardt_correlation_coeff      ? 
_refine.pdbx_pd_Fsqrd_R_factor                   ? 
_refine.pdbx_pd_ls_matrix_band_width             ? 
_refine.pdbx_overall_phase_error                 ? 
_refine.pdbx_overall_SU_R_free_Cruickshank_DPI   ? 
_refine.pdbx_overall_SU_R_free_Blow_DPI          ? 
_refine.pdbx_overall_SU_R_Blow_DPI               ? 
_refine.pdbx_TLS_residual_ADP_flag               ? 
_refine.pdbx_diffrn_id                           1 
_refine.overall_SU_B                             6.087 
_refine.overall_SU_ML                            0.170 
_refine.overall_SU_R_Cruickshank_DPI             ? 
_refine.overall_SU_R_free                        ? 
_refine.overall_FOM_free_R_set                   ? 
_refine.overall_FOM_work_R_set                   ? 
_refine.pdbx_average_fsc_overall                 ? 
_refine.pdbx_average_fsc_work                    ? 
_refine.pdbx_average_fsc_free                    ? 
# 
_refine_hist.pdbx_refine_id                   'X-RAY DIFFRACTION' 
_refine_hist.cycle_id                         1 
_refine_hist.details                          ? 
_refine_hist.d_res_high                       1.90 
_refine_hist.d_res_low                        39.56 
_refine_hist.number_atoms_solvent             9 
_refine_hist.number_atoms_total               743 
_refine_hist.number_reflns_all                ? 
_refine_hist.number_reflns_obs                ? 
_refine_hist.number_reflns_R_free             ? 
_refine_hist.number_reflns_R_work             ? 
_refine_hist.R_factor_all                     ? 
_refine_hist.R_factor_obs                     ? 
_refine_hist.R_factor_R_free                  ? 
_refine_hist.R_factor_R_work                  ? 
_refine_hist.pdbx_number_residues_total       ? 
_refine_hist.pdbx_B_iso_mean_ligand           ? 
_refine_hist.pdbx_B_iso_mean_solvent          ? 
_refine_hist.pdbx_number_atoms_protein        429 
_refine_hist.pdbx_number_atoms_nucleic_acid   305 
_refine_hist.pdbx_number_atoms_ligand         0 
_refine_hist.pdbx_number_atoms_lipid          ? 
_refine_hist.pdbx_number_atoms_carb           ? 
_refine_hist.pdbx_pseudo_atom_details         ? 
# 
loop_
_refine_ls_restr.pdbx_refine_id 
_refine_ls_restr.criterion 
_refine_ls_restr.dev_ideal 
_refine_ls_restr.dev_ideal_target 
_refine_ls_restr.number 
_refine_ls_restr.rejects 
_refine_ls_restr.type 
_refine_ls_restr.weight 
_refine_ls_restr.pdbx_Zscore 
_refine_ls_restr.pdbx_restraint_function 
'X-RAY DIFFRACTION' ? 0.004  0.012  774  ? r_bond_refined_d             ? ? ? 
'X-RAY DIFFRACTION' ? 0.002  0.018  592  ? r_bond_other_d               ? ? ? 
'X-RAY DIFFRACTION' ? 1.173  1.438  1107 ? r_angle_refined_deg          ? ? ? 
'X-RAY DIFFRACTION' ? 1.350  2.013  1373 ? r_angle_other_deg            ? ? ? 
'X-RAY DIFFRACTION' ? 4.041  5.000  56   ? r_dihedral_angle_1_deg       ? ? ? 
'X-RAY DIFFRACTION' ? 26.567 21.579 19   ? r_dihedral_angle_2_deg       ? ? ? 
'X-RAY DIFFRACTION' ? 13.195 15.000 77   ? r_dihedral_angle_3_deg       ? ? ? 
'X-RAY DIFFRACTION' ? 17.549 15.000 3    ? r_dihedral_angle_4_deg       ? ? ? 
'X-RAY DIFFRACTION' ? 0.051  0.200  108  ? r_chiral_restr               ? ? ? 
'X-RAY DIFFRACTION' ? 0.004  0.020  664  ? r_gen_planes_refined         ? ? ? 
'X-RAY DIFFRACTION' ? 0.002  0.020  162  ? r_gen_planes_other           ? ? ? 
'X-RAY DIFFRACTION' ? ?      ?      ?    ? r_nbd_refined                ? ? ? 
'X-RAY DIFFRACTION' ? ?      ?      ?    ? r_nbd_other                  ? ? ? 
'X-RAY DIFFRACTION' ? ?      ?      ?    ? r_nbtor_refined              ? ? ? 
'X-RAY DIFFRACTION' ? ?      ?      ?    ? r_nbtor_other                ? ? ? 
'X-RAY DIFFRACTION' ? ?      ?      ?    ? r_xyhbond_nbd_refined        ? ? ? 
'X-RAY DIFFRACTION' ? ?      ?      ?    ? r_xyhbond_nbd_other          ? ? ? 
'X-RAY DIFFRACTION' ? ?      ?      ?    ? r_metal_ion_refined          ? ? ? 
'X-RAY DIFFRACTION' ? ?      ?      ?    ? r_metal_ion_other            ? ? ? 
'X-RAY DIFFRACTION' ? ?      ?      ?    ? r_symmetry_vdw_refined       ? ? ? 
'X-RAY DIFFRACTION' ? ?      ?      ?    ? r_symmetry_vdw_other         ? ? ? 
'X-RAY DIFFRACTION' ? ?      ?      ?    ? r_symmetry_hbond_refined     ? ? ? 
'X-RAY DIFFRACTION' ? ?      ?      ?    ? r_symmetry_hbond_other       ? ? ? 
'X-RAY DIFFRACTION' ? ?      ?      ?    ? r_symmetry_metal_ion_refined ? ? ? 
'X-RAY DIFFRACTION' ? ?      ?      ?    ? r_symmetry_metal_ion_other   ? ? ? 
'X-RAY DIFFRACTION' ? 1.775  3.964  227  ? r_mcbond_it                  ? ? ? 
'X-RAY DIFFRACTION' ? 1.767  3.963  226  ? r_mcbond_other               ? ? ? 
'X-RAY DIFFRACTION' ? 2.608  5.938  282  ? r_mcangle_it                 ? ? ? 
'X-RAY DIFFRACTION' ? 2.608  5.939  283  ? r_mcangle_other              ? ? ? 
'X-RAY DIFFRACTION' ? 2.587  5.528  545  ? r_scbond_it                  ? ? ? 
'X-RAY DIFFRACTION' ? 2.585  5.523  544  ? r_scbond_other               ? ? ? 
'X-RAY DIFFRACTION' ? ?      ?      ?    ? r_scangle_it                 ? ? ? 
'X-RAY DIFFRACTION' ? 4.090  8.278  826  ? r_scangle_other              ? ? ? 
'X-RAY DIFFRACTION' ? 5.373  51.620 911  ? r_long_range_B_refined       ? ? ? 
'X-RAY DIFFRACTION' ? 5.365  51.620 910  ? r_long_range_B_other         ? ? ? 
'X-RAY DIFFRACTION' ? ?      ?      ?    ? r_rigid_bond_restr           ? ? ? 
'X-RAY DIFFRACTION' ? ?      ?      ?    ? r_sphericity_free            ? ? ? 
'X-RAY DIFFRACTION' ? ?      ?      ?    ? r_sphericity_bonded          ? ? ? 
# 
_refine_ls_shell.pdbx_refine_id                      'X-RAY DIFFRACTION' 
_refine_ls_shell.d_res_high                          1.903 
_refine_ls_shell.d_res_low                           1.952 
_refine_ls_shell.number_reflns_all                   ? 
_refine_ls_shell.number_reflns_obs                   ? 
_refine_ls_shell.number_reflns_R_free                10 
_refine_ls_shell.number_reflns_R_work                42 
_refine_ls_shell.percent_reflns_obs                  7.85 
_refine_ls_shell.percent_reflns_R_free               ? 
_refine_ls_shell.R_factor_all                        ? 
_refine_ls_shell.R_factor_obs                        ? 
_refine_ls_shell.R_factor_R_free_error               ? 
_refine_ls_shell.R_factor_R_work                     0.300 
_refine_ls_shell.redundancy_reflns_all               ? 
_refine_ls_shell.redundancy_reflns_obs               ? 
_refine_ls_shell.wR_factor_all                       ? 
_refine_ls_shell.wR_factor_obs                       ? 
_refine_ls_shell.wR_factor_R_free                    ? 
_refine_ls_shell.wR_factor_R_work                    ? 
_refine_ls_shell.pdbx_R_complete                     ? 
_refine_ls_shell.correlation_coeff_Fo_to_Fc          ? 
_refine_ls_shell.correlation_coeff_Fo_to_Fc_free     ? 
_refine_ls_shell.correlation_coeff_I_to_Fcsqd_work   ? 
_refine_ls_shell.correlation_coeff_I_to_Fcsqd_free   ? 
_refine_ls_shell.pdbx_total_number_of_bins_used      20 
_refine_ls_shell.pdbx_phase_error                    ? 
_refine_ls_shell.pdbx_fsc_work                       ? 
_refine_ls_shell.pdbx_fsc_free                       ? 
_refine_ls_shell.R_factor_R_free                     0.322 
# 
_struct.entry_id                     9QT2 
_struct.title                        'Bacterial histone HLp from Leptospira perolatii bound to DNA' 
_struct.pdbx_model_details           ? 
_struct.pdbx_formula_weight          ? 
_struct.pdbx_formula_weight_method   ? 
_struct.pdbx_model_type_details      ? 
_struct.pdbx_CASP_flag               N 
# 
_struct_keywords.entry_id        9QT2 
_struct_keywords.text            'Bacterial histone, protein-DNA complex, DNA BINDING PROTEIN' 
_struct_keywords.pdbx_keywords   'DNA BINDING PROTEIN' 
# 
loop_
_struct_asym.id 
_struct_asym.pdbx_blank_PDB_chainid_flag 
_struct_asym.pdbx_modified 
_struct_asym.entity_id 
_struct_asym.details 
A N N 1 ? 
B N N 2 ? 
C N N 3 ? 
D N N 3 ? 
# 
loop_
_struct_ref.id 
_struct_ref.db_name 
_struct_ref.db_code 
_struct_ref.pdbx_db_accession 
_struct_ref.pdbx_db_isoform 
_struct_ref.entity_id 
_struct_ref.pdbx_seq_one_letter_code 
_struct_ref.pdbx_align_begin 
1 UNP A0A2M9ZN55_9LEPT A0A2M9ZN55 ? 1 MAQNAEKDTLIVASKVKAYIKSKGFMTSGDAVDGLNEKLYALIDDALKRTESNKRTTVRPTDF 1 
2 PDB 9QT2             9QT2       ? 2 ?                                                               1 
# 
loop_
_struct_ref_seq.align_id 
_struct_ref_seq.ref_id 
_struct_ref_seq.pdbx_PDB_id_code 
_struct_ref_seq.pdbx_strand_id 
_struct_ref_seq.seq_align_beg 
_struct_ref_seq.pdbx_seq_align_beg_ins_code 
_struct_ref_seq.seq_align_end 
_struct_ref_seq.pdbx_seq_align_end_ins_code 
_struct_ref_seq.pdbx_db_accession 
_struct_ref_seq.db_align_beg 
_struct_ref_seq.pdbx_db_align_beg_ins_code 
_struct_ref_seq.db_align_end 
_struct_ref_seq.pdbx_db_align_end_ins_code 
_struct_ref_seq.pdbx_auth_seq_align_beg 
_struct_ref_seq.pdbx_auth_seq_align_end 
1 1 9QT2 A 3 ? 65 ? A0A2M9ZN55 1 ? 63 ? 1 63 
2 2 9QT2 B 1 ? 30 ? 9QT2       1 ? 30 ? 1 30 
# 
loop_
_struct_ref_seq_dif.align_id 
_struct_ref_seq_dif.pdbx_pdb_id_code 
_struct_ref_seq_dif.mon_id 
_struct_ref_seq_dif.pdbx_pdb_strand_id 
_struct_ref_seq_dif.seq_num 
_struct_ref_seq_dif.pdbx_pdb_ins_code 
_struct_ref_seq_dif.pdbx_seq_db_name 
_struct_ref_seq_dif.pdbx_seq_db_accession_code 
_struct_ref_seq_dif.db_mon_id 
_struct_ref_seq_dif.pdbx_seq_db_seq_num 
_struct_ref_seq_dif.details 
_struct_ref_seq_dif.pdbx_auth_seq_num 
_struct_ref_seq_dif.pdbx_ordinal 
1 9QT2 GLY A 1 ? UNP A0A2M9ZN55 ? ? 'expression tag' -1 1 
1 9QT2 SER A 2 ? UNP A0A2M9ZN55 ? ? 'expression tag' 0  2 
# 
_pdbx_struct_assembly.id                   1 
_pdbx_struct_assembly.details              author_defined_assembly 
_pdbx_struct_assembly.method_details       ? 
_pdbx_struct_assembly.oligomeric_details   dodecameric 
_pdbx_struct_assembly.oligomeric_count     12 
# 
loop_
_pdbx_struct_assembly_gen.assembly_id 
_pdbx_struct_assembly_gen.oper_expression 
_pdbx_struct_assembly_gen.asym_id_list 
1 1 A,B,C,D 
1 2 B,D     
1 3 B,D     
1 4 A,B,C,D 
1 5 B,D     
1 6 A,B,C,D 
1 7 A,B,C,D 
1 8 B,D     
# 
_pdbx_struct_assembly_auth_evidence.id                     1 
_pdbx_struct_assembly_auth_evidence.assembly_id            1 
_pdbx_struct_assembly_auth_evidence.experimental_support   'light scattering' 
_pdbx_struct_assembly_auth_evidence.details                ? 
# 
loop_
_pdbx_struct_oper_list.id 
_pdbx_struct_oper_list.type 
_pdbx_struct_oper_list.name 
_pdbx_struct_oper_list.symmetry_operation 
_pdbx_struct_oper_list.matrix[1][1] 
_pdbx_struct_oper_list.matrix[1][2] 
_pdbx_struct_oper_list.matrix[1][3] 
_pdbx_struct_oper_list.vector[1] 
_pdbx_struct_oper_list.matrix[2][1] 
_pdbx_struct_oper_list.matrix[2][2] 
_pdbx_struct_oper_list.matrix[2][3] 
_pdbx_struct_oper_list.vector[2] 
_pdbx_struct_oper_list.matrix[3][1] 
_pdbx_struct_oper_list.matrix[3][2] 
_pdbx_struct_oper_list.matrix[3][3] 
_pdbx_struct_oper_list.vector[3] 
1 'identity operation'         1_555  x,y,z           1.0000000000  0.0000000000  0.0000000000  0.0000000000   0.0000000000  1.0000000000  0.0000000000  0.0000000000   0.0000000000  0.0000000000  1.0000000000  0.0000000000   
2 'crystal symmetry operation' 4_555  x,-y,-z         -0.2706097716 -0.8997819965 0.3422903889  22.3408541211  -0.8997819965 0.1099787325  -0.4222523383 32.5634374094  0.3422903889  -0.4222523383 -0.8393689608 37.9934536753  
3 'crystal symmetry operation' 5_555  x,y+1/2,z+1/2   1.0000000000  0.0000000000  0.0000000000  -39.6552889784 0.0000000000  1.0000000000  0.0000000000  -44.5280808209 0.0000000000  0.0000000000  1.0000000000  -32.5495121575 
4 'crystal symmetry operation' 8_555  x,-y+1/2,-z+1/2 -0.2706097716 -0.8997819965 0.3422903889  -17.3144348574 -0.8997819965 0.1099787325  -0.4222523383 -11.9646434115 0.3422903889  -0.4222523383 -0.8393689608 5.4439415178   
5 'crystal symmetry operation' 10_555 -x+1/2,-y,z+1/2 -0.9915184067 0.0521600948  0.1190402191  17.5698039814  0.0521600948  -0.6792258982 0.7320734278  -9.3377604185  0.1190402191  0.7320734278  0.6707443048  -52.0462035388 
6 'crystal symmetry operation' 11_555 -x+1/2,y,-z+1/2 0.2621281783  0.8476219017  -0.4613306080 1.6396969311   0.8476219017  -0.4307528343 -0.3098210895 -2.4763915051  -0.4613306080 -0.3098210895 -0.8313753440 -0.0640234484  
7 'crystal symmetry operation' 14_555 -x+1/2,-y+1/2,z -0.9915184067 0.0521600948  0.1190402191  -15.5518549880 0.0521600948  -0.6792258982 0.7320734278  -13.6853295377 0.1190402191  0.7320734278  0.6707443048  7.1045954170   
8 'crystal symmetry operation' 15_555 -x+1/2,y+1/2,-z 0.2621281783  0.8476219017  -0.4613306080 -31.4819620383 0.8476219017  -0.4307528343 -0.3098210895 -6.8239606243  -0.4613306080 -0.3098210895 -0.8313753440 59.0867755075  
# 
loop_
_struct_conf.conf_type_id 
_struct_conf.id 
_struct_conf.pdbx_PDB_helix_id 
_struct_conf.beg_label_comp_id 
_struct_conf.beg_label_asym_id 
_struct_conf.beg_label_seq_id 
_struct_conf.pdbx_beg_PDB_ins_code 
_struct_conf.end_label_comp_id 
_struct_conf.end_label_asym_id 
_struct_conf.end_label_seq_id 
_struct_conf.pdbx_end_PDB_ins_code 
_struct_conf.beg_auth_comp_id 
_struct_conf.beg_auth_asym_id 
_struct_conf.beg_auth_seq_id 
_struct_conf.end_auth_comp_id 
_struct_conf.end_auth_asym_id 
_struct_conf.end_auth_seq_id 
_struct_conf.pdbx_PDB_helix_class 
_struct_conf.details 
_struct_conf.pdbx_PDB_helix_length 
HELX_P HELX_P1 AA1 VAL A 14 ? LYS A 25 ? VAL A 12 LYS A 23 1 ? 12 
HELX_P HELX_P2 AA2 ASP A 32 ? ASN A 55 ? ASP A 30 ASN A 53 1 ? 24 
HELX_P HELX_P3 AA3 ARG A 61 ? PHE A 65 ? ARG A 59 PHE A 63 5 ? 5  
# 
_struct_conf_type.id          HELX_P 
_struct_conf_type.criteria    ? 
_struct_conf_type.reference   ? 
# 
loop_
_struct_conn.id 
_struct_conn.conn_type_id 
_struct_conn.pdbx_leaving_atom_flag 
_struct_conn.pdbx_PDB_id 
_struct_conn.ptnr1_label_asym_id 
_struct_conn.ptnr1_label_comp_id 
_struct_conn.ptnr1_label_seq_id 
_struct_conn.ptnr1_label_atom_id 
_struct_conn.pdbx_ptnr1_label_alt_id 
_struct_conn.pdbx_ptnr1_PDB_ins_code 
_struct_conn.pdbx_ptnr1_standard_comp_id 
_struct_conn.ptnr1_symmetry 
_struct_conn.ptnr2_label_asym_id 
_struct_conn.ptnr2_label_comp_id 
_struct_conn.ptnr2_label_seq_id 
_struct_conn.ptnr2_label_atom_id 
_struct_conn.pdbx_ptnr2_label_alt_id 
_struct_conn.pdbx_ptnr2_PDB_ins_code 
_struct_conn.ptnr1_auth_asym_id 
_struct_conn.ptnr1_auth_comp_id 
_struct_conn.ptnr1_auth_seq_id 
_struct_conn.ptnr2_auth_asym_id 
_struct_conn.ptnr2_auth_comp_id 
_struct_conn.ptnr2_auth_seq_id 
_struct_conn.ptnr2_symmetry 
_struct_conn.pdbx_ptnr3_label_atom_id 
_struct_conn.pdbx_ptnr3_label_seq_id 
_struct_conn.pdbx_ptnr3_label_comp_id 
_struct_conn.pdbx_ptnr3_label_asym_id 
_struct_conn.pdbx_ptnr3_label_alt_id 
_struct_conn.pdbx_ptnr3_PDB_ins_code 
_struct_conn.details 
_struct_conn.pdbx_dist_value 
_struct_conn.pdbx_value_order 
_struct_conn.pdbx_role 
hydrog1  hydrog ? ? B DA 14 N1 ? ? ? 1_555 B DT 22 N3 ? ? B DA 14 B DT 22 14_555 ? ? ? ? ? ? WATSON-CRICK ? ? ? 
hydrog2  hydrog ? ? B DA 14 N6 ? ? ? 1_555 B DT 22 O4 ? ? B DA 14 B DT 22 14_555 ? ? ? ? ? ? WATSON-CRICK ? ? ? 
hydrog3  hydrog ? ? B DA 15 N1 ? ? ? 1_555 B DT 21 N3 ? ? B DA 15 B DT 21 14_555 ? ? ? ? ? ? WATSON-CRICK ? ? ? 
hydrog4  hydrog ? ? B DA 15 N6 ? ? ? 1_555 B DT 21 O4 ? ? B DA 15 B DT 21 14_555 ? ? ? ? ? ? WATSON-CRICK ? ? ? 
hydrog5  hydrog ? ? B DA 16 N1 ? ? ? 1_555 B DG 20 N1 ? ? B DA 16 B DG 20 14_555 ? ? ? ? ? ? TYPE_8_PAIR  ? ? ? 
hydrog6  hydrog ? ? B DA 16 N6 ? ? ? 1_555 B DG 20 O6 ? ? B DA 16 B DG 20 14_555 ? ? ? ? ? ? TYPE_8_PAIR  ? ? ? 
hydrog7  hydrog ? ? B DG 17 N1 ? ? ? 1_555 B DC 19 N3 ? ? B DG 17 B DC 19 14_555 ? ? ? ? ? ? WATSON-CRICK ? ? ? 
hydrog8  hydrog ? ? B DG 17 N2 ? ? ? 1_555 B DC 19 O2 ? ? B DG 17 B DC 19 14_555 ? ? ? ? ? ? WATSON-CRICK ? ? ? 
hydrog9  hydrog ? ? B DG 17 O6 ? ? ? 1_555 B DC 19 N4 ? ? B DG 17 B DC 19 14_555 ? ? ? ? ? ? WATSON-CRICK ? ? ? 
hydrog10 hydrog ? ? B DC 19 N3 ? ? ? 1_555 B DG 17 N1 ? ? B DC 19 B DG 17 14_555 ? ? ? ? ? ? WATSON-CRICK ? ? ? 
hydrog11 hydrog ? ? B DC 19 N4 ? ? ? 1_555 B DG 17 O6 ? ? B DC 19 B DG 17 14_555 ? ? ? ? ? ? WATSON-CRICK ? ? ? 
hydrog12 hydrog ? ? B DC 19 O2 ? ? ? 1_555 B DG 17 N2 ? ? B DC 19 B DG 17 14_555 ? ? ? ? ? ? WATSON-CRICK ? ? ? 
hydrog13 hydrog ? ? B DG 20 N1 ? ? ? 1_555 B DA 16 N1 ? ? B DG 20 B DA 16 14_555 ? ? ? ? ? ? TYPE_8_PAIR  ? ? ? 
hydrog14 hydrog ? ? B DG 20 O6 ? ? ? 1_555 B DA 16 N6 ? ? B DG 20 B DA 16 14_555 ? ? ? ? ? ? TYPE_8_PAIR  ? ? ? 
hydrog15 hydrog ? ? B DT 21 N3 ? ? ? 1_555 B DA 15 N1 ? ? B DT 21 B DA 15 14_555 ? ? ? ? ? ? WATSON-CRICK ? ? ? 
hydrog16 hydrog ? ? B DT 21 O4 ? ? ? 1_555 B DA 15 N6 ? ? B DT 21 B DA 15 14_555 ? ? ? ? ? ? WATSON-CRICK ? ? ? 
hydrog17 hydrog ? ? B DT 22 N3 ? ? ? 1_555 B DA 14 N1 ? ? B DT 22 B DA 14 14_555 ? ? ? ? ? ? WATSON-CRICK ? ? ? 
hydrog18 hydrog ? ? B DT 22 O4 ? ? ? 1_555 B DA 14 N6 ? ? B DT 22 B DA 14 14_555 ? ? ? ? ? ? WATSON-CRICK ? ? ? 
# 
_struct_conn_type.id          hydrog 
_struct_conn_type.criteria    ? 
_struct_conn_type.reference   ? 
# 
_pdbx_entry_details.entry_id                   9QT2 
_pdbx_entry_details.compound_details           ? 
_pdbx_entry_details.source_details             ? 
_pdbx_entry_details.nonpolymer_details         ? 
_pdbx_entry_details.sequence_details           ? 
_pdbx_entry_details.has_ligand_of_interest     ? 
_pdbx_entry_details.has_protein_modification   N 
# 
loop_
_pdbx_validate_symm_contact.id 
_pdbx_validate_symm_contact.PDB_model_num 
_pdbx_validate_symm_contact.auth_atom_id_1 
_pdbx_validate_symm_contact.auth_asym_id_1 
_pdbx_validate_symm_contact.auth_comp_id_1 
_pdbx_validate_symm_contact.auth_seq_id_1 
_pdbx_validate_symm_contact.PDB_ins_code_1 
_pdbx_validate_symm_contact.label_alt_id_1 
_pdbx_validate_symm_contact.site_symmetry_1 
_pdbx_validate_symm_contact.auth_atom_id_2 
_pdbx_validate_symm_contact.auth_asym_id_2 
_pdbx_validate_symm_contact.auth_comp_id_2 
_pdbx_validate_symm_contact.auth_seq_id_2 
_pdbx_validate_symm_contact.PDB_ins_code_2 
_pdbx_validate_symm_contact.label_alt_id_2 
_pdbx_validate_symm_contact.site_symmetry_2 
_pdbx_validate_symm_contact.dist 
1 1 P   B DC 8 ? ? 1_555 "O3'" B DT 22 ? ? 15_545 1.60 
2 1 OP2 B DC 8 ? ? 1_555 "O3'" B DT 22 ? ? 15_545 2.16 
# 
loop_
_pdbx_unobs_or_zero_occ_residues.id 
_pdbx_unobs_or_zero_occ_residues.PDB_model_num 
_pdbx_unobs_or_zero_occ_residues.polymer_flag 
_pdbx_unobs_or_zero_occ_residues.occupancy_flag 
_pdbx_unobs_or_zero_occ_residues.auth_asym_id 
_pdbx_unobs_or_zero_occ_residues.auth_comp_id 
_pdbx_unobs_or_zero_occ_residues.auth_seq_id 
_pdbx_unobs_or_zero_occ_residues.PDB_ins_code 
_pdbx_unobs_or_zero_occ_residues.label_asym_id 
_pdbx_unobs_or_zero_occ_residues.label_comp_id 
_pdbx_unobs_or_zero_occ_residues.label_seq_id 
1  1 Y 1 A GLY -1 ? A GLY 1  
2  1 Y 1 A SER 0  ? A SER 2  
3  1 Y 1 A MET 1  ? A MET 3  
4  1 Y 1 A ALA 2  ? A ALA 4  
5  1 Y 1 A GLN 3  ? A GLN 5  
6  1 Y 1 A ASN 4  ? A ASN 6  
7  1 Y 1 A ALA 5  ? A ALA 7  
8  1 Y 1 A GLU 6  ? A GLU 8  
9  1 Y 1 B DT  1  ? B DT  1  
10 1 Y 1 B DT  2  ? B DT  2  
11 1 Y 1 B DT  3  ? B DT  3  
12 1 Y 1 B DA  4  ? B DA  4  
13 1 Y 1 B DA  5  ? B DA  5  
14 1 Y 1 B DA  6  ? B DA  6  
15 1 Y 1 B DG  7  ? B DG  7  
16 1 Y 1 B DT  23 ? B DT  23 
17 1 Y 1 B DA  24 ? B DA  24 
18 1 Y 1 B DA  25 ? B DA  25 
19 1 Y 1 B DA  26 ? B DA  26 
20 1 Y 1 B DG  27 ? B DG  27 
21 1 Y 1 B DC  28 ? B DC  28 
22 1 Y 1 B DC  29 ? B DC  29 
23 1 Y 1 B DG  30 ? B DG  30 
# 
loop_
_chem_comp_atom.comp_id 
_chem_comp_atom.atom_id 
_chem_comp_atom.type_symbol 
_chem_comp_atom.pdbx_aromatic_flag 
_chem_comp_atom.pdbx_stereo_config 
_chem_comp_atom.pdbx_ordinal 
ALA N      N N N 1   
ALA CA     C N S 2   
ALA C      C N N 3   
ALA O      O N N 4   
ALA CB     C N N 5   
ALA OXT    O N N 6   
ALA H      H N N 7   
ALA H2     H N N 8   
ALA HA     H N N 9   
ALA HB1    H N N 10  
ALA HB2    H N N 11  
ALA HB3    H N N 12  
ALA HXT    H N N 13  
ARG N      N N N 14  
ARG CA     C N S 15  
ARG C      C N N 16  
ARG O      O N N 17  
ARG CB     C N N 18  
ARG CG     C N N 19  
ARG CD     C N N 20  
ARG NE     N N N 21  
ARG CZ     C N N 22  
ARG NH1    N N N 23  
ARG NH2    N N N 24  
ARG OXT    O N N 25  
ARG H      H N N 26  
ARG H2     H N N 27  
ARG HA     H N N 28  
ARG HB2    H N N 29  
ARG HB3    H N N 30  
ARG HG2    H N N 31  
ARG HG3    H N N 32  
ARG HD2    H N N 33  
ARG HD3    H N N 34  
ARG HE     H N N 35  
ARG HH11   H N N 36  
ARG HH12   H N N 37  
ARG HH21   H N N 38  
ARG HH22   H N N 39  
ARG HXT    H N N 40  
ASN N      N N N 41  
ASN CA     C N S 42  
ASN C      C N N 43  
ASN O      O N N 44  
ASN CB     C N N 45  
ASN CG     C N N 46  
ASN OD1    O N N 47  
ASN ND2    N N N 48  
ASN OXT    O N N 49  
ASN H      H N N 50  
ASN H2     H N N 51  
ASN HA     H N N 52  
ASN HB2    H N N 53  
ASN HB3    H N N 54  
ASN HD21   H N N 55  
ASN HD22   H N N 56  
ASN HXT    H N N 57  
ASP N      N N N 58  
ASP CA     C N S 59  
ASP C      C N N 60  
ASP O      O N N 61  
ASP CB     C N N 62  
ASP CG     C N N 63  
ASP OD1    O N N 64  
ASP OD2    O N N 65  
ASP OXT    O N N 66  
ASP H      H N N 67  
ASP H2     H N N 68  
ASP HA     H N N 69  
ASP HB2    H N N 70  
ASP HB3    H N N 71  
ASP HD2    H N N 72  
ASP HXT    H N N 73  
DA  OP3    O N N 74  
DA  P      P N N 75  
DA  OP1    O N N 76  
DA  OP2    O N N 77  
DA  "O5'"  O N N 78  
DA  "C5'"  C N N 79  
DA  "C4'"  C N R 80  
DA  "O4'"  O N N 81  
DA  "C3'"  C N S 82  
DA  "O3'"  O N N 83  
DA  "C2'"  C N N 84  
DA  "C1'"  C N R 85  
DA  N9     N Y N 86  
DA  C8     C Y N 87  
DA  N7     N Y N 88  
DA  C5     C Y N 89  
DA  C6     C Y N 90  
DA  N6     N N N 91  
DA  N1     N Y N 92  
DA  C2     C Y N 93  
DA  N3     N Y N 94  
DA  C4     C Y N 95  
DA  HOP3   H N N 96  
DA  HOP2   H N N 97  
DA  "H5'"  H N N 98  
DA  "H5''" H N N 99  
DA  "H4'"  H N N 100 
DA  "H3'"  H N N 101 
DA  "HO3'" H N N 102 
DA  "H2'"  H N N 103 
DA  "H2''" H N N 104 
DA  "H1'"  H N N 105 
DA  H8     H N N 106 
DA  H61    H N N 107 
DA  H62    H N N 108 
DA  H2     H N N 109 
DC  OP3    O N N 110 
DC  P      P N N 111 
DC  OP1    O N N 112 
DC  OP2    O N N 113 
DC  "O5'"  O N N 114 
DC  "C5'"  C N N 115 
DC  "C4'"  C N R 116 
DC  "O4'"  O N N 117 
DC  "C3'"  C N S 118 
DC  "O3'"  O N N 119 
DC  "C2'"  C N N 120 
DC  "C1'"  C N R 121 
DC  N1     N N N 122 
DC  C2     C N N 123 
DC  O2     O N N 124 
DC  N3     N N N 125 
DC  C4     C N N 126 
DC  N4     N N N 127 
DC  C5     C N N 128 
DC  C6     C N N 129 
DC  HOP3   H N N 130 
DC  HOP2   H N N 131 
DC  "H5'"  H N N 132 
DC  "H5''" H N N 133 
DC  "H4'"  H N N 134 
DC  "H3'"  H N N 135 
DC  "HO3'" H N N 136 
DC  "H2'"  H N N 137 
DC  "H2''" H N N 138 
DC  "H1'"  H N N 139 
DC  H41    H N N 140 
DC  H42    H N N 141 
DC  H5     H N N 142 
DC  H6     H N N 143 
DG  OP3    O N N 144 
DG  P      P N N 145 
DG  OP1    O N N 146 
DG  OP2    O N N 147 
DG  "O5'"  O N N 148 
DG  "C5'"  C N N 149 
DG  "C4'"  C N R 150 
DG  "O4'"  O N N 151 
DG  "C3'"  C N S 152 
DG  "O3'"  O N N 153 
DG  "C2'"  C N N 154 
DG  "C1'"  C N R 155 
DG  N9     N Y N 156 
DG  C8     C Y N 157 
DG  N7     N Y N 158 
DG  C5     C Y N 159 
DG  C6     C N N 160 
DG  O6     O N N 161 
DG  N1     N N N 162 
DG  C2     C N N 163 
DG  N2     N N N 164 
DG  N3     N N N 165 
DG  C4     C Y N 166 
DG  HOP3   H N N 167 
DG  HOP2   H N N 168 
DG  "H5'"  H N N 169 
DG  "H5''" H N N 170 
DG  "H4'"  H N N 171 
DG  "H3'"  H N N 172 
DG  "HO3'" H N N 173 
DG  "H2'"  H N N 174 
DG  "H2''" H N N 175 
DG  "H1'"  H N N 176 
DG  H8     H N N 177 
DG  H1     H N N 178 
DG  H21    H N N 179 
DG  H22    H N N 180 
DT  OP3    O N N 181 
DT  P      P N N 182 
DT  OP1    O N N 183 
DT  OP2    O N N 184 
DT  "O5'"  O N N 185 
DT  "C5'"  C N N 186 
DT  "C4'"  C N R 187 
DT  "O4'"  O N N 188 
DT  "C3'"  C N S 189 
DT  "O3'"  O N N 190 
DT  "C2'"  C N N 191 
DT  "C1'"  C N R 192 
DT  N1     N N N 193 
DT  C2     C N N 194 
DT  O2     O N N 195 
DT  N3     N N N 196 
DT  C4     C N N 197 
DT  O4     O N N 198 
DT  C5     C N N 199 
DT  C7     C N N 200 
DT  C6     C N N 201 
DT  HOP3   H N N 202 
DT  HOP2   H N N 203 
DT  "H5'"  H N N 204 
DT  "H5''" H N N 205 
DT  "H4'"  H N N 206 
DT  "H3'"  H N N 207 
DT  "HO3'" H N N 208 
DT  "H2'"  H N N 209 
DT  "H2''" H N N 210 
DT  "H1'"  H N N 211 
DT  H3     H N N 212 
DT  H71    H N N 213 
DT  H72    H N N 214 
DT  H73    H N N 215 
DT  H6     H N N 216 
GLN N      N N N 217 
GLN CA     C N S 218 
GLN C      C N N 219 
GLN O      O N N 220 
GLN CB     C N N 221 
GLN CG     C N N 222 
GLN CD     C N N 223 
GLN OE1    O N N 224 
GLN NE2    N N N 225 
GLN OXT    O N N 226 
GLN H      H N N 227 
GLN H2     H N N 228 
GLN HA     H N N 229 
GLN HB2    H N N 230 
GLN HB3    H N N 231 
GLN HG2    H N N 232 
GLN HG3    H N N 233 
GLN HE21   H N N 234 
GLN HE22   H N N 235 
GLN HXT    H N N 236 
GLU N      N N N 237 
GLU CA     C N S 238 
GLU C      C N N 239 
GLU O      O N N 240 
GLU CB     C N N 241 
GLU CG     C N N 242 
GLU CD     C N N 243 
GLU OE1    O N N 244 
GLU OE2    O N N 245 
GLU OXT    O N N 246 
GLU H      H N N 247 
GLU H2     H N N 248 
GLU HA     H N N 249 
GLU HB2    H N N 250 
GLU HB3    H N N 251 
GLU HG2    H N N 252 
GLU HG3    H N N 253 
GLU HE2    H N N 254 
GLU HXT    H N N 255 
GLY N      N N N 256 
GLY CA     C N N 257 
GLY C      C N N 258 
GLY O      O N N 259 
GLY OXT    O N N 260 
GLY H      H N N 261 
GLY H2     H N N 262 
GLY HA2    H N N 263 
GLY HA3    H N N 264 
GLY HXT    H N N 265 
HOH O      O N N 266 
HOH H1     H N N 267 
HOH H2     H N N 268 
ILE N      N N N 269 
ILE CA     C N S 270 
ILE C      C N N 271 
ILE O      O N N 272 
ILE CB     C N S 273 
ILE CG1    C N N 274 
ILE CG2    C N N 275 
ILE CD1    C N N 276 
ILE OXT    O N N 277 
ILE H      H N N 278 
ILE H2     H N N 279 
ILE HA     H N N 280 
ILE HB     H N N 281 
ILE HG12   H N N 282 
ILE HG13   H N N 283 
ILE HG21   H N N 284 
ILE HG22   H N N 285 
ILE HG23   H N N 286 
ILE HD11   H N N 287 
ILE HD12   H N N 288 
ILE HD13   H N N 289 
ILE HXT    H N N 290 
LEU N      N N N 291 
LEU CA     C N S 292 
LEU C      C N N 293 
LEU O      O N N 294 
LEU CB     C N N 295 
LEU CG     C N N 296 
LEU CD1    C N N 297 
LEU CD2    C N N 298 
LEU OXT    O N N 299 
LEU H      H N N 300 
LEU H2     H N N 301 
LEU HA     H N N 302 
LEU HB2    H N N 303 
LEU HB3    H N N 304 
LEU HG     H N N 305 
LEU HD11   H N N 306 
LEU HD12   H N N 307 
LEU HD13   H N N 308 
LEU HD21   H N N 309 
LEU HD22   H N N 310 
LEU HD23   H N N 311 
LEU HXT    H N N 312 
LYS N      N N N 313 
LYS CA     C N S 314 
LYS C      C N N 315 
LYS O      O N N 316 
LYS CB     C N N 317 
LYS CG     C N N 318 
LYS CD     C N N 319 
LYS CE     C N N 320 
LYS NZ     N N N 321 
LYS OXT    O N N 322 
LYS H      H N N 323 
LYS H2     H N N 324 
LYS HA     H N N 325 
LYS HB2    H N N 326 
LYS HB3    H N N 327 
LYS HG2    H N N 328 
LYS HG3    H N N 329 
LYS HD2    H N N 330 
LYS HD3    H N N 331 
LYS HE2    H N N 332 
LYS HE3    H N N 333 
LYS HZ1    H N N 334 
LYS HZ2    H N N 335 
LYS HZ3    H N N 336 
LYS HXT    H N N 337 
MET N      N N N 338 
MET CA     C N S 339 
MET C      C N N 340 
MET O      O N N 341 
MET CB     C N N 342 
MET CG     C N N 343 
MET SD     S N N 344 
MET CE     C N N 345 
MET OXT    O N N 346 
MET H      H N N 347 
MET H2     H N N 348 
MET HA     H N N 349 
MET HB2    H N N 350 
MET HB3    H N N 351 
MET HG2    H N N 352 
MET HG3    H N N 353 
MET HE1    H N N 354 
MET HE2    H N N 355 
MET HE3    H N N 356 
MET HXT    H N N 357 
PHE N      N N N 358 
PHE CA     C N S 359 
PHE C      C N N 360 
PHE O      O N N 361 
PHE CB     C N N 362 
PHE CG     C Y N 363 
PHE CD1    C Y N 364 
PHE CD2    C Y N 365 
PHE CE1    C Y N 366 
PHE CE2    C Y N 367 
PHE CZ     C Y N 368 
PHE OXT    O N N 369 
PHE H      H N N 370 
PHE H2     H N N 371 
PHE HA     H N N 372 
PHE HB2    H N N 373 
PHE HB3    H N N 374 
PHE HD1    H N N 375 
PHE HD2    H N N 376 
PHE HE1    H N N 377 
PHE HE2    H N N 378 
PHE HZ     H N N 379 
PHE HXT    H N N 380 
PRO N      N N N 381 
PRO CA     C N S 382 
PRO C      C N N 383 
PRO O      O N N 384 
PRO CB     C N N 385 
PRO CG     C N N 386 
PRO CD     C N N 387 
PRO OXT    O N N 388 
PRO H      H N N 389 
PRO HA     H N N 390 
PRO HB2    H N N 391 
PRO HB3    H N N 392 
PRO HG2    H N N 393 
PRO HG3    H N N 394 
PRO HD2    H N N 395 
PRO HD3    H N N 396 
PRO HXT    H N N 397 
SER N      N N N 398 
SER CA     C N S 399 
SER C      C N N 400 
SER O      O N N 401 
SER CB     C N N 402 
SER OG     O N N 403 
SER OXT    O N N 404 
SER H      H N N 405 
SER H2     H N N 406 
SER HA     H N N 407 
SER HB2    H N N 408 
SER HB3    H N N 409 
SER HG     H N N 410 
SER HXT    H N N 411 
THR N      N N N 412 
THR CA     C N S 413 
THR C      C N N 414 
THR O      O N N 415 
THR CB     C N R 416 
THR OG1    O N N 417 
THR CG2    C N N 418 
THR OXT    O N N 419 
THR H      H N N 420 
THR H2     H N N 421 
THR HA     H N N 422 
THR HB     H N N 423 
THR HG1    H N N 424 
THR HG21   H N N 425 
THR HG22   H N N 426 
THR HG23   H N N 427 
THR HXT    H N N 428 
TYR N      N N N 429 
TYR CA     C N S 430 
TYR C      C N N 431 
TYR O      O N N 432 
TYR CB     C N N 433 
TYR CG     C Y N 434 
TYR CD1    C Y N 435 
TYR CD2    C Y N 436 
TYR CE1    C Y N 437 
TYR CE2    C Y N 438 
TYR CZ     C Y N 439 
TYR OH     O N N 440 
TYR OXT    O N N 441 
TYR H      H N N 442 
TYR H2     H N N 443 
TYR HA     H N N 444 
TYR HB2    H N N 445 
TYR HB3    H N N 446 
TYR HD1    H N N 447 
TYR HD2    H N N 448 
TYR HE1    H N N 449 
TYR HE2    H N N 450 
TYR HH     H N N 451 
TYR HXT    H N N 452 
VAL N      N N N 453 
VAL CA     C N S 454 
VAL C      C N N 455 
VAL O      O N N 456 
VAL CB     C N N 457 
VAL CG1    C N N 458 
VAL CG2    C N N 459 
VAL OXT    O N N 460 
VAL H      H N N 461 
VAL H2     H N N 462 
VAL HA     H N N 463 
VAL HB     H N N 464 
VAL HG11   H N N 465 
VAL HG12   H N N 466 
VAL HG13   H N N 467 
VAL HG21   H N N 468 
VAL HG22   H N N 469 
VAL HG23   H N N 470 
VAL HXT    H N N 471 
# 
loop_
_chem_comp_bond.comp_id 
_chem_comp_bond.atom_id_1 
_chem_comp_bond.atom_id_2 
_chem_comp_bond.value_order 
_chem_comp_bond.pdbx_aromatic_flag 
_chem_comp_bond.pdbx_stereo_config 
_chem_comp_bond.pdbx_ordinal 
ALA N     CA     sing N N 1   
ALA N     H      sing N N 2   
ALA N     H2     sing N N 3   
ALA CA    C      sing N N 4   
ALA CA    CB     sing N N 5   
ALA CA    HA     sing N N 6   
ALA C     O      doub N N 7   
ALA C     OXT    sing N N 8   
ALA CB    HB1    sing N N 9   
ALA CB    HB2    sing N N 10  
ALA CB    HB3    sing N N 11  
ALA OXT   HXT    sing N N 12  
ARG N     CA     sing N N 13  
ARG N     H      sing N N 14  
ARG N     H2     sing N N 15  
ARG CA    C      sing N N 16  
ARG CA    CB     sing N N 17  
ARG CA    HA     sing N N 18  
ARG C     O      doub N N 19  
ARG C     OXT    sing N N 20  
ARG CB    CG     sing N N 21  
ARG CB    HB2    sing N N 22  
ARG CB    HB3    sing N N 23  
ARG CG    CD     sing N N 24  
ARG CG    HG2    sing N N 25  
ARG CG    HG3    sing N N 26  
ARG CD    NE     sing N N 27  
ARG CD    HD2    sing N N 28  
ARG CD    HD3    sing N N 29  
ARG NE    CZ     sing N N 30  
ARG NE    HE     sing N N 31  
ARG CZ    NH1    sing N N 32  
ARG CZ    NH2    doub N N 33  
ARG NH1   HH11   sing N N 34  
ARG NH1   HH12   sing N N 35  
ARG NH2   HH21   sing N N 36  
ARG NH2   HH22   sing N N 37  
ARG OXT   HXT    sing N N 38  
ASN N     CA     sing N N 39  
ASN N     H      sing N N 40  
ASN N     H2     sing N N 41  
ASN CA    C      sing N N 42  
ASN CA    CB     sing N N 43  
ASN CA    HA     sing N N 44  
ASN C     O      doub N N 45  
ASN C     OXT    sing N N 46  
ASN CB    CG     sing N N 47  
ASN CB    HB2    sing N N 48  
ASN CB    HB3    sing N N 49  
ASN CG    OD1    doub N N 50  
ASN CG    ND2    sing N N 51  
ASN ND2   HD21   sing N N 52  
ASN ND2   HD22   sing N N 53  
ASN OXT   HXT    sing N N 54  
ASP N     CA     sing N N 55  
ASP N     H      sing N N 56  
ASP N     H2     sing N N 57  
ASP CA    C      sing N N 58  
ASP CA    CB     sing N N 59  
ASP CA    HA     sing N N 60  
ASP C     O      doub N N 61  
ASP C     OXT    sing N N 62  
ASP CB    CG     sing N N 63  
ASP CB    HB2    sing N N 64  
ASP CB    HB3    sing N N 65  
ASP CG    OD1    doub N N 66  
ASP CG    OD2    sing N N 67  
ASP OD2   HD2    sing N N 68  
ASP OXT   HXT    sing N N 69  
DA  OP3   P      sing N N 70  
DA  OP3   HOP3   sing N N 71  
DA  P     OP1    doub N N 72  
DA  P     OP2    sing N N 73  
DA  P     "O5'"  sing N N 74  
DA  OP2   HOP2   sing N N 75  
DA  "O5'" "C5'"  sing N N 76  
DA  "C5'" "C4'"  sing N N 77  
DA  "C5'" "H5'"  sing N N 78  
DA  "C5'" "H5''" sing N N 79  
DA  "C4'" "O4'"  sing N N 80  
DA  "C4'" "C3'"  sing N N 81  
DA  "C4'" "H4'"  sing N N 82  
DA  "O4'" "C1'"  sing N N 83  
DA  "C3'" "O3'"  sing N N 84  
DA  "C3'" "C2'"  sing N N 85  
DA  "C3'" "H3'"  sing N N 86  
DA  "O3'" "HO3'" sing N N 87  
DA  "C2'" "C1'"  sing N N 88  
DA  "C2'" "H2'"  sing N N 89  
DA  "C2'" "H2''" sing N N 90  
DA  "C1'" N9     sing N N 91  
DA  "C1'" "H1'"  sing N N 92  
DA  N9    C8     sing Y N 93  
DA  N9    C4     sing Y N 94  
DA  C8    N7     doub Y N 95  
DA  C8    H8     sing N N 96  
DA  N7    C5     sing Y N 97  
DA  C5    C6     sing Y N 98  
DA  C5    C4     doub Y N 99  
DA  C6    N6     sing N N 100 
DA  C6    N1     doub Y N 101 
DA  N6    H61    sing N N 102 
DA  N6    H62    sing N N 103 
DA  N1    C2     sing Y N 104 
DA  C2    N3     doub Y N 105 
DA  C2    H2     sing N N 106 
DA  N3    C4     sing Y N 107 
DC  OP3   P      sing N N 108 
DC  OP3   HOP3   sing N N 109 
DC  P     OP1    doub N N 110 
DC  P     OP2    sing N N 111 
DC  P     "O5'"  sing N N 112 
DC  OP2   HOP2   sing N N 113 
DC  "O5'" "C5'"  sing N N 114 
DC  "C5'" "C4'"  sing N N 115 
DC  "C5'" "H5'"  sing N N 116 
DC  "C5'" "H5''" sing N N 117 
DC  "C4'" "O4'"  sing N N 118 
DC  "C4'" "C3'"  sing N N 119 
DC  "C4'" "H4'"  sing N N 120 
DC  "O4'" "C1'"  sing N N 121 
DC  "C3'" "O3'"  sing N N 122 
DC  "C3'" "C2'"  sing N N 123 
DC  "C3'" "H3'"  sing N N 124 
DC  "O3'" "HO3'" sing N N 125 
DC  "C2'" "C1'"  sing N N 126 
DC  "C2'" "H2'"  sing N N 127 
DC  "C2'" "H2''" sing N N 128 
DC  "C1'" N1     sing N N 129 
DC  "C1'" "H1'"  sing N N 130 
DC  N1    C2     sing N N 131 
DC  N1    C6     sing N N 132 
DC  C2    O2     doub N N 133 
DC  C2    N3     sing N N 134 
DC  N3    C4     doub N N 135 
DC  C4    N4     sing N N 136 
DC  C4    C5     sing N N 137 
DC  N4    H41    sing N N 138 
DC  N4    H42    sing N N 139 
DC  C5    C6     doub N N 140 
DC  C5    H5     sing N N 141 
DC  C6    H6     sing N N 142 
DG  OP3   P      sing N N 143 
DG  OP3   HOP3   sing N N 144 
DG  P     OP1    doub N N 145 
DG  P     OP2    sing N N 146 
DG  P     "O5'"  sing N N 147 
DG  OP2   HOP2   sing N N 148 
DG  "O5'" "C5'"  sing N N 149 
DG  "C5'" "C4'"  sing N N 150 
DG  "C5'" "H5'"  sing N N 151 
DG  "C5'" "H5''" sing N N 152 
DG  "C4'" "O4'"  sing N N 153 
DG  "C4'" "C3'"  sing N N 154 
DG  "C4'" "H4'"  sing N N 155 
DG  "O4'" "C1'"  sing N N 156 
DG  "C3'" "O3'"  sing N N 157 
DG  "C3'" "C2'"  sing N N 158 
DG  "C3'" "H3'"  sing N N 159 
DG  "O3'" "HO3'" sing N N 160 
DG  "C2'" "C1'"  sing N N 161 
DG  "C2'" "H2'"  sing N N 162 
DG  "C2'" "H2''" sing N N 163 
DG  "C1'" N9     sing N N 164 
DG  "C1'" "H1'"  sing N N 165 
DG  N9    C8     sing Y N 166 
DG  N9    C4     sing Y N 167 
DG  C8    N7     doub Y N 168 
DG  C8    H8     sing N N 169 
DG  N7    C5     sing Y N 170 
DG  C5    C6     sing N N 171 
DG  C5    C4     doub Y N 172 
DG  C6    O6     doub N N 173 
DG  C6    N1     sing N N 174 
DG  N1    C2     sing N N 175 
DG  N1    H1     sing N N 176 
DG  C2    N2     sing N N 177 
DG  C2    N3     doub N N 178 
DG  N2    H21    sing N N 179 
DG  N2    H22    sing N N 180 
DG  N3    C4     sing N N 181 
DT  OP3   P      sing N N 182 
DT  OP3   HOP3   sing N N 183 
DT  P     OP1    doub N N 184 
DT  P     OP2    sing N N 185 
DT  P     "O5'"  sing N N 186 
DT  OP2   HOP2   sing N N 187 
DT  "O5'" "C5'"  sing N N 188 
DT  "C5'" "C4'"  sing N N 189 
DT  "C5'" "H5'"  sing N N 190 
DT  "C5'" "H5''" sing N N 191 
DT  "C4'" "O4'"  sing N N 192 
DT  "C4'" "C3'"  sing N N 193 
DT  "C4'" "H4'"  sing N N 194 
DT  "O4'" "C1'"  sing N N 195 
DT  "C3'" "O3'"  sing N N 196 
DT  "C3'" "C2'"  sing N N 197 
DT  "C3'" "H3'"  sing N N 198 
DT  "O3'" "HO3'" sing N N 199 
DT  "C2'" "C1'"  sing N N 200 
DT  "C2'" "H2'"  sing N N 201 
DT  "C2'" "H2''" sing N N 202 
DT  "C1'" N1     sing N N 203 
DT  "C1'" "H1'"  sing N N 204 
DT  N1    C2     sing N N 205 
DT  N1    C6     sing N N 206 
DT  C2    O2     doub N N 207 
DT  C2    N3     sing N N 208 
DT  N3    C4     sing N N 209 
DT  N3    H3     sing N N 210 
DT  C4    O4     doub N N 211 
DT  C4    C5     sing N N 212 
DT  C5    C7     sing N N 213 
DT  C5    C6     doub N N 214 
DT  C7    H71    sing N N 215 
DT  C7    H72    sing N N 216 
DT  C7    H73    sing N N 217 
DT  C6    H6     sing N N 218 
GLN N     CA     sing N N 219 
GLN N     H      sing N N 220 
GLN N     H2     sing N N 221 
GLN CA    C      sing N N 222 
GLN CA    CB     sing N N 223 
GLN CA    HA     sing N N 224 
GLN C     O      doub N N 225 
GLN C     OXT    sing N N 226 
GLN CB    CG     sing N N 227 
GLN CB    HB2    sing N N 228 
GLN CB    HB3    sing N N 229 
GLN CG    CD     sing N N 230 
GLN CG    HG2    sing N N 231 
GLN CG    HG3    sing N N 232 
GLN CD    OE1    doub N N 233 
GLN CD    NE2    sing N N 234 
GLN NE2   HE21   sing N N 235 
GLN NE2   HE22   sing N N 236 
GLN OXT   HXT    sing N N 237 
GLU N     CA     sing N N 238 
GLU N     H      sing N N 239 
GLU N     H2     sing N N 240 
GLU CA    C      sing N N 241 
GLU CA    CB     sing N N 242 
GLU CA    HA     sing N N 243 
GLU C     O      doub N N 244 
GLU C     OXT    sing N N 245 
GLU CB    CG     sing N N 246 
GLU CB    HB2    sing N N 247 
GLU CB    HB3    sing N N 248 
GLU CG    CD     sing N N 249 
GLU CG    HG2    sing N N 250 
GLU CG    HG3    sing N N 251 
GLU CD    OE1    doub N N 252 
GLU CD    OE2    sing N N 253 
GLU OE2   HE2    sing N N 254 
GLU OXT   HXT    sing N N 255 
GLY N     CA     sing N N 256 
GLY N     H      sing N N 257 
GLY N     H2     sing N N 258 
GLY CA    C      sing N N 259 
GLY CA    HA2    sing N N 260 
GLY CA    HA3    sing N N 261 
GLY C     O      doub N N 262 
GLY C     OXT    sing N N 263 
GLY OXT   HXT    sing N N 264 
HOH O     H1     sing N N 265 
HOH O     H2     sing N N 266 
ILE N     CA     sing N N 267 
ILE N     H      sing N N 268 
ILE N     H2     sing N N 269 
ILE CA    C      sing N N 270 
ILE CA    CB     sing N N 271 
ILE CA    HA     sing N N 272 
ILE C     O      doub N N 273 
ILE C     OXT    sing N N 274 
ILE CB    CG1    sing N N 275 
ILE CB    CG2    sing N N 276 
ILE CB    HB     sing N N 277 
ILE CG1   CD1    sing N N 278 
ILE CG1   HG12   sing N N 279 
ILE CG1   HG13   sing N N 280 
ILE CG2   HG21   sing N N 281 
ILE CG2   HG22   sing N N 282 
ILE CG2   HG23   sing N N 283 
ILE CD1   HD11   sing N N 284 
ILE CD1   HD12   sing N N 285 
ILE CD1   HD13   sing N N 286 
ILE OXT   HXT    sing N N 287 
LEU N     CA     sing N N 288 
LEU N     H      sing N N 289 
LEU N     H2     sing N N 290 
LEU CA    C      sing N N 291 
LEU CA    CB     sing N N 292 
LEU CA    HA     sing N N 293 
LEU C     O      doub N N 294 
LEU C     OXT    sing N N 295 
LEU CB    CG     sing N N 296 
LEU CB    HB2    sing N N 297 
LEU CB    HB3    sing N N 298 
LEU CG    CD1    sing N N 299 
LEU CG    CD2    sing N N 300 
LEU CG    HG     sing N N 301 
LEU CD1   HD11   sing N N 302 
LEU CD1   HD12   sing N N 303 
LEU CD1   HD13   sing N N 304 
LEU CD2   HD21   sing N N 305 
LEU CD2   HD22   sing N N 306 
LEU CD2   HD23   sing N N 307 
LEU OXT   HXT    sing N N 308 
LYS N     CA     sing N N 309 
LYS N     H      sing N N 310 
LYS N     H2     sing N N 311 
LYS CA    C      sing N N 312 
LYS CA    CB     sing N N 313 
LYS CA    HA     sing N N 314 
LYS C     O      doub N N 315 
LYS C     OXT    sing N N 316 
LYS CB    CG     sing N N 317 
LYS CB    HB2    sing N N 318 
LYS CB    HB3    sing N N 319 
LYS CG    CD     sing N N 320 
LYS CG    HG2    sing N N 321 
LYS CG    HG3    sing N N 322 
LYS CD    CE     sing N N 323 
LYS CD    HD2    sing N N 324 
LYS CD    HD3    sing N N 325 
LYS CE    NZ     sing N N 326 
LYS CE    HE2    sing N N 327 
LYS CE    HE3    sing N N 328 
LYS NZ    HZ1    sing N N 329 
LYS NZ    HZ2    sing N N 330 
LYS NZ    HZ3    sing N N 331 
LYS OXT   HXT    sing N N 332 
MET N     CA     sing N N 333 
MET N     H      sing N N 334 
MET N     H2     sing N N 335 
MET CA    C      sing N N 336 
MET CA    CB     sing N N 337 
MET CA    HA     sing N N 338 
MET C     O      doub N N 339 
MET C     OXT    sing N N 340 
MET CB    CG     sing N N 341 
MET CB    HB2    sing N N 342 
MET CB    HB3    sing N N 343 
MET CG    SD     sing N N 344 
MET CG    HG2    sing N N 345 
MET CG    HG3    sing N N 346 
MET SD    CE     sing N N 347 
MET CE    HE1    sing N N 348 
MET CE    HE2    sing N N 349 
MET CE    HE3    sing N N 350 
MET OXT   HXT    sing N N 351 
PHE N     CA     sing N N 352 
PHE N     H      sing N N 353 
PHE N     H2     sing N N 354 
PHE CA    C      sing N N 355 
PHE CA    CB     sing N N 356 
PHE CA    HA     sing N N 357 
PHE C     O      doub N N 358 
PHE C     OXT    sing N N 359 
PHE CB    CG     sing N N 360 
PHE CB    HB2    sing N N 361 
PHE CB    HB3    sing N N 362 
PHE CG    CD1    doub Y N 363 
PHE CG    CD2    sing Y N 364 
PHE CD1   CE1    sing Y N 365 
PHE CD1   HD1    sing N N 366 
PHE CD2   CE2    doub Y N 367 
PHE CD2   HD2    sing N N 368 
PHE CE1   CZ     doub Y N 369 
PHE CE1   HE1    sing N N 370 
PHE CE2   CZ     sing Y N 371 
PHE CE2   HE2    sing N N 372 
PHE CZ    HZ     sing N N 373 
PHE OXT   HXT    sing N N 374 
PRO N     CA     sing N N 375 
PRO N     CD     sing N N 376 
PRO N     H      sing N N 377 
PRO CA    C      sing N N 378 
PRO CA    CB     sing N N 379 
PRO CA    HA     sing N N 380 
PRO C     O      doub N N 381 
PRO C     OXT    sing N N 382 
PRO CB    CG     sing N N 383 
PRO CB    HB2    sing N N 384 
PRO CB    HB3    sing N N 385 
PRO CG    CD     sing N N 386 
PRO CG    HG2    sing N N 387 
PRO CG    HG3    sing N N 388 
PRO CD    HD2    sing N N 389 
PRO CD    HD3    sing N N 390 
PRO OXT   HXT    sing N N 391 
SER N     CA     sing N N 392 
SER N     H      sing N N 393 
SER N     H2     sing N N 394 
SER CA    C      sing N N 395 
SER CA    CB     sing N N 396 
SER CA    HA     sing N N 397 
SER C     O      doub N N 398 
SER C     OXT    sing N N 399 
SER CB    OG     sing N N 400 
SER CB    HB2    sing N N 401 
SER CB    HB3    sing N N 402 
SER OG    HG     sing N N 403 
SER OXT   HXT    sing N N 404 
THR N     CA     sing N N 405 
THR N     H      sing N N 406 
THR N     H2     sing N N 407 
THR CA    C      sing N N 408 
THR CA    CB     sing N N 409 
THR CA    HA     sing N N 410 
THR C     O      doub N N 411 
THR C     OXT    sing N N 412 
THR CB    OG1    sing N N 413 
THR CB    CG2    sing N N 414 
THR CB    HB     sing N N 415 
THR OG1   HG1    sing N N 416 
THR CG2   HG21   sing N N 417 
THR CG2   HG22   sing N N 418 
THR CG2   HG23   sing N N 419 
THR OXT   HXT    sing N N 420 
TYR N     CA     sing N N 421 
TYR N     H      sing N N 422 
TYR N     H2     sing N N 423 
TYR CA    C      sing N N 424 
TYR CA    CB     sing N N 425 
TYR CA    HA     sing N N 426 
TYR C     O      doub N N 427 
TYR C     OXT    sing N N 428 
TYR CB    CG     sing N N 429 
TYR CB    HB2    sing N N 430 
TYR CB    HB3    sing N N 431 
TYR CG    CD1    doub Y N 432 
TYR CG    CD2    sing Y N 433 
TYR CD1   CE1    sing Y N 434 
TYR CD1   HD1    sing N N 435 
TYR CD2   CE2    doub Y N 436 
TYR CD2   HD2    sing N N 437 
TYR CE1   CZ     doub Y N 438 
TYR CE1   HE1    sing N N 439 
TYR CE2   CZ     sing Y N 440 
TYR CE2   HE2    sing N N 441 
TYR CZ    OH     sing N N 442 
TYR OH    HH     sing N N 443 
TYR OXT   HXT    sing N N 444 
VAL N     CA     sing N N 445 
VAL N     H      sing N N 446 
VAL N     H2     sing N N 447 
VAL CA    C      sing N N 448 
VAL CA    CB     sing N N 449 
VAL CA    HA     sing N N 450 
VAL C     O      doub N N 451 
VAL C     OXT    sing N N 452 
VAL CB    CG1    sing N N 453 
VAL CB    CG2    sing N N 454 
VAL CB    HB     sing N N 455 
VAL CG1   HG11   sing N N 456 
VAL CG1   HG12   sing N N 457 
VAL CG1   HG13   sing N N 458 
VAL CG2   HG21   sing N N 459 
VAL CG2   HG22   sing N N 460 
VAL CG2   HG23   sing N N 461 
VAL OXT   HXT    sing N N 462 
# 
loop_
_ndb_struct_conf_na.entry_id 
_ndb_struct_conf_na.feature 
9QT2 'double helix'        
9QT2 'b-form double helix' 
# 
loop_
_ndb_struct_na_base_pair.model_number 
_ndb_struct_na_base_pair.i_label_asym_id 
_ndb_struct_na_base_pair.i_label_comp_id 
_ndb_struct_na_base_pair.i_label_seq_id 
_ndb_struct_na_base_pair.i_symmetry 
_ndb_struct_na_base_pair.j_label_asym_id 
_ndb_struct_na_base_pair.j_label_comp_id 
_ndb_struct_na_base_pair.j_label_seq_id 
_ndb_struct_na_base_pair.j_symmetry 
_ndb_struct_na_base_pair.shear 
_ndb_struct_na_base_pair.stretch 
_ndb_struct_na_base_pair.stagger 
_ndb_struct_na_base_pair.buckle 
_ndb_struct_na_base_pair.propeller 
_ndb_struct_na_base_pair.opening 
_ndb_struct_na_base_pair.pair_number 
_ndb_struct_na_base_pair.pair_name 
_ndb_struct_na_base_pair.i_auth_asym_id 
_ndb_struct_na_base_pair.i_auth_seq_id 
_ndb_struct_na_base_pair.i_PDB_ins_code 
_ndb_struct_na_base_pair.j_auth_asym_id 
_ndb_struct_na_base_pair.j_auth_seq_id 
_ndb_struct_na_base_pair.j_PDB_ins_code 
_ndb_struct_na_base_pair.hbond_type_28 
_ndb_struct_na_base_pair.hbond_type_12 
1 B DA 14 1_555 B DT 22 14_555 0.500  -0.302 0.164  3.994  -12.357 -5.084 1 B_DA14:DT22_B B 14 ? B 22 ? 20 1 
1 B DA 15 1_555 B DT 21 14_555 0.649  -0.275 0.089  3.881  -12.631 -6.874 2 B_DA15:DT21_B B 15 ? B 21 ? 20 1 
1 B DA 16 1_555 B DG 20 14_555 0.722  1.019  -0.522 1.320  -19.177 6.118  3 B_DA16:DG20_B B 16 ? B 20 ? 8  1 
1 B DG 17 1_555 B DC 19 14_555 0.173  0.005  0.427  1.731  -7.356  7.739  4 B_DG17:DC19_B B 17 ? B 19 ? 19 1 
1 B DC 19 1_555 B DG 17 14_555 -0.173 0.005  0.427  -1.731 -7.356  7.739  5 B_DC19:DG17_B B 19 ? B 17 ? 19 1 
1 B DG 20 1_555 B DA 16 14_555 -0.722 1.019  -0.522 -1.320 -19.177 6.118  6 B_DG20:DA16_B B 20 ? B 16 ? 8  1 
1 B DT 21 1_555 B DA 15 14_555 -0.649 -0.275 0.089  -3.881 -12.631 -6.874 7 B_DT21:DA15_B B 21 ? B 15 ? 20 1 
1 B DT 22 1_555 B DA 14 14_555 -0.500 -0.302 0.164  -3.994 -12.357 -5.084 8 B_DT22:DA14_B B 22 ? B 14 ? 20 1 
# 
loop_
_ndb_struct_na_base_pair_step.model_number 
_ndb_struct_na_base_pair_step.i_label_asym_id_1 
_ndb_struct_na_base_pair_step.i_label_comp_id_1 
_ndb_struct_na_base_pair_step.i_label_seq_id_1 
_ndb_struct_na_base_pair_step.i_symmetry_1 
_ndb_struct_na_base_pair_step.j_label_asym_id_1 
_ndb_struct_na_base_pair_step.j_label_comp_id_1 
_ndb_struct_na_base_pair_step.j_label_seq_id_1 
_ndb_struct_na_base_pair_step.j_symmetry_1 
_ndb_struct_na_base_pair_step.i_label_asym_id_2 
_ndb_struct_na_base_pair_step.i_label_comp_id_2 
_ndb_struct_na_base_pair_step.i_label_seq_id_2 
_ndb_struct_na_base_pair_step.i_symmetry_2 
_ndb_struct_na_base_pair_step.j_label_asym_id_2 
_ndb_struct_na_base_pair_step.j_label_comp_id_2 
_ndb_struct_na_base_pair_step.j_label_seq_id_2 
_ndb_struct_na_base_pair_step.j_symmetry_2 
_ndb_struct_na_base_pair_step.shift 
_ndb_struct_na_base_pair_step.slide 
_ndb_struct_na_base_pair_step.rise 
_ndb_struct_na_base_pair_step.tilt 
_ndb_struct_na_base_pair_step.roll 
_ndb_struct_na_base_pair_step.twist 
_ndb_struct_na_base_pair_step.x_displacement 
_ndb_struct_na_base_pair_step.y_displacement 
_ndb_struct_na_base_pair_step.helical_rise 
_ndb_struct_na_base_pair_step.inclination 
_ndb_struct_na_base_pair_step.tip 
_ndb_struct_na_base_pair_step.helical_twist 
_ndb_struct_na_base_pair_step.step_number 
_ndb_struct_na_base_pair_step.step_name 
_ndb_struct_na_base_pair_step.i_auth_asym_id_1 
_ndb_struct_na_base_pair_step.i_auth_seq_id_1 
_ndb_struct_na_base_pair_step.i_PDB_ins_code_1 
_ndb_struct_na_base_pair_step.j_auth_asym_id_1 
_ndb_struct_na_base_pair_step.j_auth_seq_id_1 
_ndb_struct_na_base_pair_step.j_PDB_ins_code_1 
_ndb_struct_na_base_pair_step.i_auth_asym_id_2 
_ndb_struct_na_base_pair_step.i_auth_seq_id_2 
_ndb_struct_na_base_pair_step.i_PDB_ins_code_2 
_ndb_struct_na_base_pair_step.j_auth_asym_id_2 
_ndb_struct_na_base_pair_step.j_auth_seq_id_2 
_ndb_struct_na_base_pair_step.j_PDB_ins_code_2 
1 B DA 14 1_555 B DT 22 14_555 B DA 15 1_555 B DT 21 14_555 -0.361 -0.001 3.275 -1.751  -3.723 37.835 0.473  0.330  3.273 -5.721 
2.690   38.050 1 BB_DA14DA15:DT21DT22_BB B 14 ? B 22 ? B 15 ? B 21 ? 
1 B DA 15 1_555 B DT 21 14_555 B DA 16 1_555 B DG 20 14_555 0.472  -0.335 3.432 5.897   1.537  37.968 -0.712 0.059  3.449 2.344  
-8.993  38.436 2 BB_DA15DA16:DG20DT21_BB B 15 ? B 21 ? B 16 ? B 20 ? 
1 B DA 16 1_555 B DG 20 14_555 B DG 17 1_555 B DC 19 14_555 0.254  0.469  3.173 -10.164 7.559  34.043 -0.282 -1.801 3.011 12.391 
16.662  36.258 3 BB_DA16DG17:DC19DG20_BB B 16 ? B 20 ? B 17 ? B 19 ? 
1 B DG 17 1_555 B DC 19 14_555 B DC 19 1_555 B DG 17 14_555 0.000  0.430  6.676 0.000   16.584 58.665 -1.229 0.000  6.573 16.568 
0.000   60.763 4 BB_DG17DC19:DG17DC19_BB B 17 ? B 19 ? B 19 ? B 17 ? 
1 B DC 19 1_555 B DG 17 14_555 B DG 20 1_555 B DA 16 14_555 -0.254 0.469  3.173 10.164  7.559  34.043 -0.282 1.801  3.011 12.391 
-16.662 36.258 5 BB_DC19DG20:DA16DG17_BB B 19 ? B 17 ? B 20 ? B 16 ? 
1 B DG 20 1_555 B DA 16 14_555 B DT 21 1_555 B DA 15 14_555 -0.472 -0.335 3.432 -5.897  1.537  37.968 -0.712 -0.059 3.449 2.344  
8.993   38.436 6 BB_DG20DT21:DA15DA16_BB B 20 ? B 16 ? B 21 ? B 15 ? 
1 B DT 21 1_555 B DA 15 14_555 B DT 22 1_555 B DA 14 14_555 0.361  -0.001 3.275 1.751   -3.723 37.835 0.473  -0.330 3.273 -5.721 
-2.690  38.050 7 BB_DT21DT22:DA14DA15_BB B 21 ? B 15 ? B 22 ? B 14 ? 
# 
_pdbx_audit_support.funding_organization   'Max Planck Society' 
_pdbx_audit_support.country                Germany 
_pdbx_audit_support.grant_number           ? 
_pdbx_audit_support.ordinal                1 
# 
_pdbx_initial_refinement_model.id               1 
_pdbx_initial_refinement_model.entity_id_list   ? 
_pdbx_initial_refinement_model.type             'experimental model' 
_pdbx_initial_refinement_model.source_name      PDB 
_pdbx_initial_refinement_model.accession_code   9QT0 
_pdbx_initial_refinement_model.details          'protein without DNA' 
# 
_atom_sites.entry_id                    9QT2 
_atom_sites.Cartn_transf_matrix[1][1]   ? 
_atom_sites.Cartn_transf_matrix[1][2]   ? 
_atom_sites.Cartn_transf_matrix[1][3]   ? 
_atom_sites.Cartn_transf_matrix[2][1]   ? 
_atom_sites.Cartn_transf_matrix[2][2]   ? 
_atom_sites.Cartn_transf_matrix[2][3]   ? 
_atom_sites.Cartn_transf_matrix[3][1]   ? 
_atom_sites.Cartn_transf_matrix[3][2]   ? 
_atom_sites.Cartn_transf_matrix[3][3]   ? 
_atom_sites.Cartn_transf_vector[1]      ? 
_atom_sites.Cartn_transf_vector[2]      ? 
_atom_sites.Cartn_transf_vector[3]      ? 
_atom_sites.Cartn_transform_axes        ? 
_atom_sites.fract_transf_matrix[1][1]   0.01238297 
_atom_sites.fract_transf_matrix[1][2]   -0.01527573 
_atom_sites.fract_transf_matrix[1][3]   0.00581112 
_atom_sites.fract_transf_matrix[2][1]   -0.00867083 
_atom_sites.fract_transf_matrix[2][2]   -0.00582317 
_atom_sites.fract_transf_matrix[2][3]   0.00316934 
_atom_sites.fract_transf_matrix[3][1]   -0.00064906 
_atom_sites.fract_transf_matrix[3][2]   -0.00399162 
_atom_sites.fract_transf_matrix[3][3]   -0.00910971 
_atom_sites.fract_transf_vector[1]      0.221122 
_atom_sites.fract_transf_vector[2]      0.131461 
_atom_sites.fract_transf_vector[3]      0.245295 
_atom_sites.solution_primary            ? 
_atom_sites.solution_secondary          ? 
_atom_sites.solution_hydrogens          ? 
_atom_sites.special_details             ? 
# 
loop_
_atom_type.symbol 
C 
N 
O 
P 
S 
# 
loop_
_atom_site.group_PDB 
_atom_site.id 
_atom_site.type_symbol 
_atom_site.label_atom_id 
_atom_site.label_alt_id 
_atom_site.label_comp_id 
_atom_site.label_asym_id 
_atom_site.label_entity_id 
_atom_site.label_seq_id 
_atom_site.pdbx_PDB_ins_code 
_atom_site.Cartn_x 
_atom_site.Cartn_y 
_atom_site.Cartn_z 
_atom_site.occupancy 
_atom_site.B_iso_or_equiv 
_atom_site.pdbx_formal_charge 
_atom_site.auth_seq_id 
_atom_site.auth_comp_id 
_atom_site.auth_asym_id 
_atom_site.auth_atom_id 
_atom_site.pdbx_PDB_model_num 
ATOM   1   N N     . LYS A 1 9  ? -3.394  10.470  -4.495  1.00 64.44 ? 7   LYS A N     1 
ATOM   2   C CA    . LYS A 1 9  ? -2.725  11.455  -5.412  1.00 64.05 ? 7   LYS A CA    1 
ATOM   3   C C     . LYS A 1 9  ? -1.289  10.999  -5.697  1.00 61.05 ? 7   LYS A C     1 
ATOM   4   O O     . LYS A 1 9  ? -1.025  10.535  -6.818  1.00 60.53 ? 7   LYS A O     1 
ATOM   5   C CB    . LYS A 1 9  ? -2.737  12.860  -4.799  1.00 63.29 ? 7   LYS A CB    1 
ATOM   6   N N     . ASP A 1 10 ? -0.403  11.124  -4.707  1.00 60.51 ? 8   ASP A N     1 
ATOM   7   C CA    . ASP A 1 10 ? 1.037   10.773  -4.813  1.00 59.30 ? 8   ASP A CA    1 
ATOM   8   C C     . ASP A 1 10 ? 1.190   9.251   -4.880  1.00 57.72 ? 8   ASP A C     1 
ATOM   9   O O     . ASP A 1 10 ? 0.418   8.539   -4.210  1.00 55.41 ? 8   ASP A O     1 
ATOM   10  C CB    . ASP A 1 10 ? 1.836   11.338  -3.634  1.00 59.81 ? 8   ASP A CB    1 
ATOM   11  N N     . THR A 1 11 ? 2.165   8.781   -5.661  1.00 56.15 ? 9   THR A N     1 
ATOM   12  C CA    . THR A 1 11 ? 2.654   7.380   -5.671  1.00 53.62 ? 9   THR A CA    1 
ATOM   13  C C     . THR A 1 11 ? 3.398   7.118   -4.359  1.00 51.65 ? 9   THR A C     1 
ATOM   14  O O     . THR A 1 11 ? 4.310   7.900   -4.041  1.00 52.35 ? 9   THR A O     1 
ATOM   15  C CB    . THR A 1 11 ? 3.537   7.131   -6.897  1.00 55.32 ? 9   THR A CB    1 
ATOM   16  O OG1   . THR A 1 11 ? 2.741   7.485   -8.028  1.00 58.62 ? 9   THR A OG1   1 
ATOM   17  C CG2   . THR A 1 11 ? 4.024   5.703   -7.009  1.00 55.98 ? 9   THR A CG2   1 
ATOM   18  N N     . LEU A 1 12 ? 3.010   6.068   -3.628  1.00 47.26 ? 10  LEU A N     1 
ATOM   19  C CA    . LEU A 1 12 ? 3.580   5.712   -2.302  1.00 45.75 ? 10  LEU A CA    1 
ATOM   20  C C     . LEU A 1 12 ? 4.511   4.501   -2.419  1.00 43.09 ? 10  LEU A C     1 
ATOM   21  O O     . LEU A 1 12 ? 5.203   4.219   -1.433  1.00 42.24 ? 10  LEU A O     1 
ATOM   22  C CB    . LEU A 1 12 ? 2.433   5.422   -1.331  1.00 46.07 ? 10  LEU A CB    1 
ATOM   23  C CG    . LEU A 1 12 ? 1.473   6.586   -1.098  1.00 49.09 ? 10  LEU A CG    1 
ATOM   24  C CD1   . LEU A 1 12 ? 0.276   6.142   -0.265  1.00 51.38 ? 10  LEU A CD1   1 
ATOM   25  C CD2   . LEU A 1 12 ? 2.194   7.750   -0.431  1.00 49.41 ? 10  LEU A CD2   1 
ATOM   26  N N     . ILE A 1 13 ? 4.533   3.823   -3.569  1.00 44.67 ? 11  ILE A N     1 
ATOM   27  C CA    . ILE A 1 13 ? 5.311   2.562   -3.768  1.00 47.66 ? 11  ILE A CA    1 
ATOM   28  C C     . ILE A 1 13 ? 6.427   2.788   -4.796  1.00 47.44 ? 11  ILE A C     1 
ATOM   29  O O     . ILE A 1 13 ? 6.306   3.713   -5.628  1.00 42.45 ? 11  ILE A O     1 
ATOM   30  C CB    . ILE A 1 13 ? 4.384   1.396   -4.176  1.00 52.01 ? 11  ILE A CB    1 
ATOM   31  C CG1   . ILE A 1 13 ? 3.617   1.678   -5.470  1.00 53.71 ? 11  ILE A CG1   1 
ATOM   32  C CG2   . ILE A 1 13 ? 3.442   1.049   -3.037  1.00 52.36 ? 11  ILE A CG2   1 
ATOM   33  C CD1   . ILE A 1 13 ? 2.760   0.523   -5.930  1.00 57.30 ? 11  ILE A CD1   1 
ATOM   34  N N     . VAL A 1 14 ? 7.459   1.942   -4.741  1.00 47.57 ? 12  VAL A N     1 
ATOM   35  C CA    . VAL A 1 14 ? 8.611   1.927   -5.688  1.00 49.58 ? 12  VAL A CA    1 
ATOM   36  C C     . VAL A 1 14 ? 8.306   0.906   -6.787  1.00 49.77 ? 12  VAL A C     1 
ATOM   37  O O     . VAL A 1 14 ? 8.667   -0.282  -6.629  1.00 51.60 ? 12  VAL A O     1 
ATOM   38  C CB    . VAL A 1 14 ? 9.933   1.632   -4.957  1.00 51.83 ? 12  VAL A CB    1 
ATOM   39  C CG1   . VAL A 1 14 ? 11.133  1.685   -5.897  1.00 51.89 ? 12  VAL A CG1   1 
ATOM   40  C CG2   . VAL A 1 14 ? 10.135  2.584   -3.786  1.00 52.93 ? 12  VAL A CG2   1 
ATOM   41  N N     . ALA A 1 15 ? 7.656   1.373   -7.856  1.00 46.47 ? 13  ALA A N     1 
ATOM   42  C CA    . ALA A 1 15 ? 7.261   0.572   -9.037  1.00 46.80 ? 13  ALA A CA    1 
ATOM   43  C C     . ALA A 1 15 ? 8.365   -0.433  -9.377  1.00 45.41 ? 13  ALA A C     1 
ATOM   44  O O     . ALA A 1 15 ? 8.057   -1.629  -9.487  1.00 41.14 ? 13  ALA A O     1 
ATOM   45  C CB    . ALA A 1 15 ? 6.966   1.484   -10.202 1.00 47.56 ? 13  ALA A CB    1 
ATOM   46  N N     . SER A 1 16 ? 9.608   0.037   -9.529  1.00 43.79 ? 14  SER A N     1 
ATOM   47  C CA    . SER A 1 16 ? 10.760  -0.797  -9.964  1.00 42.49 ? 14  SER A CA    1 
ATOM   48  C C     . SER A 1 16 ? 10.956  -1.942  -8.968  1.00 38.01 ? 14  SER A C     1 
ATOM   49  O O     . SER A 1 16 ? 11.131  -3.068  -9.418  1.00 41.30 ? 14  SER A O     1 
ATOM   50  C CB    . SER A 1 16 ? 12.021  0.022   -10.125 1.00 41.66 ? 14  SER A CB    1 
ATOM   51  O OG    . SER A 1 16 ? 12.269  0.806   -8.967  1.00 39.92 ? 14  SER A OG    1 
ATOM   52  N N     . LYS A 1 17 ? 10.902  -1.641  -7.667  1.00 41.01 ? 15  LYS A N     1 
ATOM   53  C CA    . LYS A 1 17 ? 11.042  -2.621  -6.552  1.00 38.76 ? 15  LYS A CA    1 
ATOM   54  C C     . LYS A 1 17 ? 9.910   -3.650  -6.629  1.00 36.90 ? 15  LYS A C     1 
ATOM   55  O O     . LYS A 1 17 ? 10.202  -4.862  -6.518  1.00 38.54 ? 15  LYS A O     1 
ATOM   56  C CB    . LYS A 1 17 ? 11.016  -1.902  -5.201  1.00 37.85 ? 15  LYS A CB    1 
ATOM   57  N N     . VAL A 1 18 ? 8.671   -3.190  -6.826  1.00 37.62 ? 16  VAL A N     1 
ATOM   58  C CA    . VAL A 1 18 ? 7.470   -4.076  -6.955  1.00 38.74 ? 16  VAL A CA    1 
ATOM   59  C C     . VAL A 1 18 ? 7.677   -5.014  -8.150  1.00 38.25 ? 16  VAL A C     1 
ATOM   60  O O     . VAL A 1 18 ? 7.538   -6.240  -7.969  1.00 37.82 ? 16  VAL A O     1 
ATOM   61  C CB    . VAL A 1 18 ? 6.161   -3.268  -7.078  1.00 39.69 ? 16  VAL A CB    1 
ATOM   62  C CG1   . VAL A 1 18 ? 4.947   -4.170  -7.267  1.00 39.04 ? 16  VAL A CG1   1 
ATOM   63  C CG2   . VAL A 1 18 ? 5.950   -2.352  -5.879  1.00 41.01 ? 16  VAL A CG2   1 
ATOM   64  N N     . LYS A 1 19 ? 8.016   -4.467  -9.321  1.00 40.40 ? 17  LYS A N     1 
ATOM   65  C CA    . LYS A 1 19 ? 8.223   -5.249  -10.575 1.00 42.24 ? 17  LYS A CA    1 
ATOM   66  C C     . LYS A 1 19 ? 9.363   -6.251  -10.366 1.00 39.23 ? 17  LYS A C     1 
ATOM   67  O O     . LYS A 1 19 ? 9.214   -7.401  -10.794 1.00 38.16 ? 17  LYS A O     1 
ATOM   68  C CB    . LYS A 1 19 ? 8.519   -4.329  -11.764 1.00 46.97 ? 17  LYS A CB    1 
ATOM   69  C CG    . LYS A 1 19 ? 7.386   -3.388  -12.155 1.00 49.66 ? 17  LYS A CG    1 
ATOM   70  C CD    . LYS A 1 19 ? 7.357   -3.042  -13.630 1.00 54.25 ? 17  LYS A CD    1 
ATOM   71  C CE    . LYS A 1 19 ? 6.444   -1.873  -13.943 1.00 58.09 ? 17  LYS A CE    1 
ATOM   72  N NZ    . LYS A 1 19 ? 5.690   -2.077  -15.205 1.00 60.17 ? 17  LYS A NZ    1 
ATOM   73  N N     . ALA A 1 20 ? 10.458  -5.816  -9.733  1.00 40.64 ? 18  ALA A N     1 
ATOM   74  C CA    . ALA A 1 20 ? 11.604  -6.672  -9.340  1.00 38.69 ? 18  ALA A CA    1 
ATOM   75  C C     . ALA A 1 20 ? 11.078  -7.901  -8.595  1.00 37.30 ? 18  ALA A C     1 
ATOM   76  O O     . ALA A 1 20 ? 11.321  -9.017  -9.065  1.00 40.29 ? 18  ALA A O     1 
ATOM   77  C CB    . ALA A 1 20 ? 12.582  -5.891  -8.496  1.00 37.91 ? 18  ALA A CB    1 
ATOM   78  N N     . TYR A 1 21 ? 10.342  -7.697  -7.497  1.00 37.28 ? 19  TYR A N     1 
ATOM   79  C CA    . TYR A 1 21 ? 9.795   -8.790  -6.650  1.00 36.24 ? 19  TYR A CA    1 
ATOM   80  C C     . TYR A 1 21 ? 8.878   -9.697  -7.487  1.00 34.81 ? 19  TYR A C     1 
ATOM   81  O O     . TYR A 1 21 ? 9.062   -10.932 -7.447  1.00 32.70 ? 19  TYR A O     1 
ATOM   82  C CB    . TYR A 1 21 ? 9.088   -8.223  -5.416  1.00 38.47 ? 19  TYR A CB    1 
ATOM   83  C CG    . TYR A 1 21 ? 8.496   -9.275  -4.517  1.00 39.89 ? 19  TYR A CG    1 
ATOM   84  C CD1   . TYR A 1 21 ? 9.300   -10.052 -3.700  1.00 40.90 ? 19  TYR A CD1   1 
ATOM   85  C CD2   . TYR A 1 21 ? 7.130   -9.503  -4.487  1.00 40.65 ? 19  TYR A CD2   1 
ATOM   86  C CE1   . TYR A 1 21 ? 8.762   -11.029 -2.878  1.00 40.93 ? 19  TYR A CE1   1 
ATOM   87  C CE2   . TYR A 1 21 ? 6.577   -10.478 -3.676  1.00 41.14 ? 19  TYR A CE2   1 
ATOM   88  C CZ    . TYR A 1 21 ? 7.396   -11.244 -2.867  1.00 40.16 ? 19  TYR A CZ    1 
ATOM   89  O OH    . TYR A 1 21 ? 6.850   -12.208 -2.072  1.00 42.46 ? 19  TYR A OH    1 
ATOM   90  N N     . ILE A 1 22 ? 7.923   -9.118  -8.223  1.00 34.84 ? 20  ILE A N     1 
ATOM   91  C CA    . ILE A 1 22 ? 6.915   -9.883  -9.017  1.00 35.70 ? 20  ILE A CA    1 
ATOM   92  C C     . ILE A 1 22 ? 7.658   -10.755 -10.034 1.00 36.39 ? 20  ILE A C     1 
ATOM   93  O O     . ILE A 1 22 ? 7.262   -11.928 -10.210 1.00 36.81 ? 20  ILE A O     1 
ATOM   94  C CB    . ILE A 1 22 ? 5.889   -8.949  -9.692  1.00 35.80 ? 20  ILE A CB    1 
ATOM   95  C CG1   . ILE A 1 22 ? 4.950   -8.313  -8.659  1.00 36.75 ? 20  ILE A CG1   1 
ATOM   96  C CG2   . ILE A 1 22 ? 5.118   -9.691  -10.774 1.00 34.96 ? 20  ILE A CG2   1 
ATOM   97  C CD1   . ILE A 1 22 ? 3.971   -7.309  -9.233  1.00 35.45 ? 20  ILE A CD1   1 
ATOM   98  N N     . LYS A 1 23 ? 8.689   -10.193 -10.670 1.00 39.74 ? 21  LYS A N     1 
ATOM   99  C CA    . LYS A 1 23 ? 9.557   -10.896 -11.650 1.00 41.63 ? 21  LYS A CA    1 
ATOM   100 C C     . LYS A 1 23 ? 10.205  -12.097 -10.961 1.00 39.93 ? 21  LYS A C     1 
ATOM   101 O O     . LYS A 1 23 ? 10.148  -13.191 -11.528 1.00 38.45 ? 21  LYS A O     1 
ATOM   102 C CB    . LYS A 1 23 ? 10.614  -9.939  -12.211 1.00 46.39 ? 21  LYS A CB    1 
ATOM   103 C CG    . LYS A 1 23 ? 11.451  -10.498 -13.350 1.00 47.49 ? 21  LYS A CG    1 
ATOM   104 C CD    . LYS A 1 23 ? 12.517  -9.532  -13.800 1.00 52.62 ? 21  LYS A CD    1 
ATOM   105 C CE    . LYS A 1 23 ? 13.221  -9.968  -15.065 1.00 55.46 ? 21  LYS A CE    1 
ATOM   106 N NZ    . LYS A 1 23 ? 14.043  -11.185 -14.851 1.00 56.61 ? 21  LYS A NZ    1 
ATOM   107 N N     . SER A 1 24 ? 10.768  -11.890 -9.768  1.00 41.62 ? 22  SER A N     1 
ATOM   108 C CA    . SER A 1 24 ? 11.499  -12.918 -8.980  1.00 42.22 ? 22  SER A CA    1 
ATOM   109 C C     . SER A 1 24 ? 10.591  -14.112 -8.645  1.00 43.45 ? 22  SER A C     1 
ATOM   110 O O     . SER A 1 24 ? 11.142  -15.184 -8.331  1.00 44.62 ? 22  SER A O     1 
ATOM   111 C CB    . SER A 1 24 ? 12.081  -12.323 -7.728  1.00 43.95 ? 22  SER A CB    1 
ATOM   112 O OG    . SER A 1 24 ? 11.095  -12.224 -6.709  1.00 44.43 ? 22  SER A OG    1 
ATOM   113 N N     . LYS A 1 25 ? 9.264   -13.939 -8.676  1.00 42.35 ? 23  LYS A N     1 
ATOM   114 C CA    . LYS A 1 25 ? 8.288   -15.020 -8.387  1.00 42.04 ? 23  LYS A CA    1 
ATOM   115 C C     . LYS A 1 25 ? 7.802   -15.642 -9.694  1.00 42.67 ? 23  LYS A C     1 
ATOM   116 O O     . LYS A 1 25 ? 6.901   -16.485 -9.630  1.00 43.89 ? 23  LYS A O     1 
ATOM   117 C CB    . LYS A 1 25 ? 7.103   -14.486 -7.580  1.00 44.89 ? 23  LYS A CB    1 
ATOM   118 C CG    . LYS A 1 25 ? 7.464   -13.873 -6.237  1.00 46.57 ? 23  LYS A CG    1 
ATOM   119 C CD    . LYS A 1 25 ? 8.110   -14.845 -5.275  1.00 49.09 ? 23  LYS A CD    1 
ATOM   120 C CE    . LYS A 1 25 ? 8.659   -14.160 -4.043  1.00 50.86 ? 23  LYS A CE    1 
ATOM   121 N NZ    . LYS A 1 25 ? 9.072   -15.131 -3.002  1.00 53.57 ? 23  LYS A NZ    1 
ATOM   122 N N     . GLY A 1 26 ? 8.381   -15.246 -10.830 1.00 43.81 ? 24  GLY A N     1 
ATOM   123 C CA    . GLY A 1 26 ? 8.104   -15.857 -12.143 1.00 42.58 ? 24  GLY A CA    1 
ATOM   124 C C     . GLY A 1 26 ? 6.885   -15.252 -12.813 1.00 42.40 ? 24  GLY A C     1 
ATOM   125 O O     . GLY A 1 26 ? 6.254   -15.968 -13.599 1.00 42.24 ? 24  GLY A O     1 
ATOM   126 N N     . PHE A 1 27 ? 6.592   -13.971 -12.559 1.00 42.69 ? 25  PHE A N     1 
ATOM   127 C CA    . PHE A 1 27 ? 5.419   -13.253 -13.127 1.00 43.19 ? 25  PHE A CA    1 
ATOM   128 C C     . PHE A 1 27 ? 5.852   -11.921 -13.750 1.00 42.79 ? 25  PHE A C     1 
ATOM   129 O O     . PHE A 1 27 ? 6.974   -11.466 -13.481 1.00 43.10 ? 25  PHE A O     1 
ATOM   130 C CB    . PHE A 1 27 ? 4.361   -13.009 -12.046 1.00 42.10 ? 25  PHE A CB    1 
ATOM   131 C CG    . PHE A 1 27 ? 3.672   -14.249 -11.540 1.00 40.57 ? 25  PHE A CG    1 
ATOM   132 C CD1   . PHE A 1 27 ? 2.517   -14.721 -12.151 1.00 39.11 ? 25  PHE A CD1   1 
ATOM   133 C CD2   . PHE A 1 27 ? 4.164   -14.931 -10.440 1.00 40.32 ? 25  PHE A CD2   1 
ATOM   134 C CE1   . PHE A 1 27 ? 1.882   -15.861 -11.685 1.00 39.38 ? 25  PHE A CE1   1 
ATOM   135 C CE2   . PHE A 1 27 ? 3.515   -16.062 -9.962  1.00 40.98 ? 25  PHE A CE2   1 
ATOM   136 C CZ    . PHE A 1 27 ? 2.374   -16.524 -10.584 1.00 40.85 ? 25  PHE A CZ    1 
ATOM   137 N N     . MET A 1 28 ? 4.957   -11.312 -14.537 1.00 44.59 ? 26  MET A N     1 
ATOM   138 C CA    . MET A 1 28 ? 5.118   -9.962  -15.150 1.00 46.06 ? 26  MET A CA    1 
ATOM   139 C C     . MET A 1 28 ? 4.097   -8.995  -14.537 1.00 42.72 ? 26  MET A C     1 
ATOM   140 O O     . MET A 1 28 ? 3.093   -9.467  -13.975 1.00 42.55 ? 26  MET A O     1 
ATOM   141 C CB    . MET A 1 28 ? 4.872   -10.009 -16.660 1.00 47.20 ? 26  MET A CB    1 
ATOM   142 C CG    . MET A 1 28 ? 5.900   -10.792 -17.429 1.00 48.42 ? 26  MET A CG    1 
ATOM   143 S SD    . MET A 1 28 ? 5.474   -10.800 -19.182 1.00 51.90 ? 26  MET A SD    1 
ATOM   144 C CE    . MET A 1 28 ? 6.969   -11.484 -19.896 1.00 54.20 ? 26  MET A CE    1 
ATOM   145 N N     . THR A 1 29 ? 4.326   -7.689  -14.699 1.00 39.53 ? 27  THR A N     1 
ATOM   146 C CA    . THR A 1 29 ? 3.470   -6.603  -14.154 1.00 38.95 ? 27  THR A CA    1 
ATOM   147 C C     . THR A 1 29 ? 2.807   -5.857  -15.316 1.00 40.46 ? 27  THR A C     1 
ATOM   148 O O     . THR A 1 29 ? 3.526   -5.483  -16.263 1.00 38.87 ? 27  THR A O     1 
ATOM   149 C CB    . THR A 1 29 ? 4.298   -5.661  -13.274 1.00 38.08 ? 27  THR A CB    1 
ATOM   150 O OG1   . THR A 1 29 ? 4.919   -6.445  -12.256 1.00 36.88 ? 27  THR A OG1   1 
ATOM   151 C CG2   . THR A 1 29 ? 3.469   -4.573  -12.631 1.00 38.51 ? 27  THR A CG2   1 
ATOM   152 N N     . SER A 1 30 ? 1.488   -5.655  -15.263 1.00 38.51 ? 28  SER A N     1 
ATOM   153 C CA    . SER A 1 30 ? 0.742   -4.946  -16.333 1.00 38.11 ? 28  SER A CA    1 
ATOM   154 C C     . SER A 1 30 ? 1.071   -3.457  -16.230 1.00 37.66 ? 28  SER A C     1 
ATOM   155 O O     . SER A 1 30 ? 1.570   -3.035  -15.175 1.00 37.17 ? 28  SER A O     1 
ATOM   156 C CB    . SER A 1 30 ? -0.736  -5.212  -16.281 1.00 39.58 ? 28  SER A CB    1 
ATOM   157 O OG    . SER A 1 30 ? -1.358  -4.467  -15.245 1.00 43.77 ? 28  SER A OG    1 
ATOM   158 N N     . GLY A 1 31 ? 0.826   -2.701  -17.303 1.00 39.86 ? 29  GLY A N     1 
ATOM   159 C CA    . GLY A 1 31 ? 1.118   -1.258  -17.375 1.00 38.86 ? 29  GLY A CA    1 
ATOM   160 C C     . GLY A 1 31 ? 0.422   -0.487  -16.267 1.00 40.66 ? 29  GLY A C     1 
ATOM   161 O O     . GLY A 1 31 ? 0.982   0.531   -15.836 1.00 40.47 ? 29  GLY A O     1 
ATOM   162 N N     . ASP A 1 32 ? -0.740  -0.966  -15.807 1.00 40.61 ? 30  ASP A N     1 
ATOM   163 C CA    . ASP A 1 32 ? -1.641  -0.252  -14.860 1.00 43.24 ? 30  ASP A CA    1 
ATOM   164 C C     . ASP A 1 32 ? -1.757  -1.008  -13.522 1.00 42.15 ? 30  ASP A C     1 
ATOM   165 O O     . ASP A 1 32 ? -2.608  -0.614  -12.702 1.00 41.13 ? 30  ASP A O     1 
ATOM   166 C CB    . ASP A 1 32 ? -3.010  -0.027  -15.511 1.00 45.24 ? 30  ASP A CB    1 
ATOM   167 C CG    . ASP A 1 32 ? -3.718  -1.303  -15.943 1.00 48.79 ? 30  ASP A CG    1 
ATOM   168 O OD1   . ASP A 1 32 ? -3.049  -2.363  -15.979 1.00 51.00 ? 30  ASP A OD1   1 
ATOM   169 O OD2   . ASP A 1 32 ? -4.935  -1.230  -16.240 1.00 52.27 ? 30  ASP A OD2   1 
ATOM   170 N N     . ALA A 1 33 ? -0.932  -2.038  -13.295 1.00 40.73 ? 31  ALA A N     1 
ATOM   171 C CA    . ALA A 1 33 ? -0.917  -2.842  -12.051 1.00 41.78 ? 31  ALA A CA    1 
ATOM   172 C C     . ALA A 1 33 ? -0.498  -1.958  -10.875 1.00 41.72 ? 31  ALA A C     1 
ATOM   173 O O     . ALA A 1 33 ? -1.206  -1.984  -9.858  1.00 42.15 ? 31  ALA A O     1 
ATOM   174 C CB    . ALA A 1 33 ? -0.002  -4.032  -12.187 1.00 42.34 ? 31  ALA A CB    1 
ATOM   175 N N     . VAL A 1 34 ? 0.598   -1.204  -11.014 1.00 42.09 ? 32  VAL A N     1 
ATOM   176 C CA    . VAL A 1 34 ? 1.191   -0.387  -9.910  1.00 42.71 ? 32  VAL A CA    1 
ATOM   177 C C     . VAL A 1 34 ? 0.172   0.662   -9.451  1.00 41.90 ? 32  VAL A C     1 
ATOM   178 O O     . VAL A 1 34 ? 0.005   0.818   -8.229  1.00 39.39 ? 32  VAL A O     1 
ATOM   179 C CB    . VAL A 1 34 ? 2.530   0.249   -10.322 1.00 44.84 ? 32  VAL A CB    1 
ATOM   180 C CG1   . VAL A 1 34 ? 2.982   1.332   -9.355  1.00 46.59 ? 32  VAL A CG1   1 
ATOM   181 C CG2   . VAL A 1 34 ? 3.614   -0.806  -10.468 1.00 47.57 ? 32  VAL A CG2   1 
ATOM   182 N N     . ASP A 1 35 ? -0.492  1.354   -10.379 1.00 41.96 ? 33  ASP A N     1 
ATOM   183 C CA    . ASP A 1 35 ? -1.542  2.351   -10.031 1.00 42.55 ? 33  ASP A CA    1 
ATOM   184 C C     . ASP A 1 35 ? -2.615  1.657   -9.178  1.00 40.76 ? 33  ASP A C     1 
ATOM   185 O O     . ASP A 1 35 ? -3.000  2.225   -8.143  1.00 40.47 ? 33  ASP A O     1 
ATOM   186 C CB    . ASP A 1 35 ? -2.105  3.022   -11.285 1.00 47.07 ? 33  ASP A CB    1 
ATOM   187 C CG    . ASP A 1 35 ? -1.100  3.909   -12.006 1.00 50.76 ? 33  ASP A CG    1 
ATOM   188 O OD1   . ASP A 1 35 ? -0.320  4.606   -11.317 1.00 53.21 ? 33  ASP A OD1   1 
ATOM   189 O OD2   . ASP A 1 35 ? -1.101  3.897   -13.252 1.00 54.91 ? 33  ASP A OD2   1 
ATOM   190 N N     . GLY A 1 36 ? -3.053  0.463   -9.581  1.00 38.28 ? 34  GLY A N     1 
ATOM   191 C CA    . GLY A 1 36 ? -4.024  -0.364  -8.835  1.00 37.06 ? 34  GLY A CA    1 
ATOM   192 C C     . GLY A 1 36 ? -3.537  -0.726  -7.439  1.00 33.76 ? 34  GLY A C     1 
ATOM   193 O O     . GLY A 1 36 ? -4.332  -0.629  -6.494  1.00 31.71 ? 34  GLY A O     1 
ATOM   194 N N     . LEU A 1 37 ? -2.285  -1.165  -7.306  1.00 34.90 ? 35  LEU A N     1 
ATOM   195 C CA    . LEU A 1 37 ? -1.666  -1.504  -5.995  1.00 35.94 ? 35  LEU A CA    1 
ATOM   196 C C     . LEU A 1 37 ? -1.623  -0.252  -5.111  1.00 37.26 ? 35  LEU A C     1 
ATOM   197 O O     . LEU A 1 37 ? -1.816  -0.372  -3.886  1.00 37.17 ? 35  LEU A O     1 
ATOM   198 C CB    . LEU A 1 37 ? -0.256  -2.064  -6.211  1.00 35.47 ? 35  LEU A CB    1 
ATOM   199 C CG    . LEU A 1 37 ? 0.459   -2.515  -4.938  1.00 36.00 ? 35  LEU A CG    1 
ATOM   200 C CD1   . LEU A 1 37 ? -0.397  -3.503  -4.162  1.00 37.21 ? 35  LEU A CD1   1 
ATOM   201 C CD2   . LEU A 1 37 ? 1.812   -3.125  -5.250  1.00 37.22 ? 35  LEU A CD2   1 
ATOM   202 N N     . ASN A 1 38 ? -1.368  0.904   -5.719  1.00 39.16 ? 36  ASN A N     1 
ATOM   203 C CA    . ASN A 1 38 ? -1.269  2.212   -5.023  1.00 41.23 ? 36  ASN A CA    1 
ATOM   204 C C     . ASN A 1 38 ? -2.642  2.549   -4.432  1.00 40.74 ? 36  ASN A C     1 
ATOM   205 O O     . ASN A 1 38 ? -2.676  3.073   -3.302  1.00 39.23 ? 36  ASN A O     1 
ATOM   206 C CB    . ASN A 1 38 ? -0.740  3.296   -5.966  1.00 44.30 ? 36  ASN A CB    1 
ATOM   207 C CG    . ASN A 1 38 ? 0.001   4.402   -5.248  1.00 46.81 ? 36  ASN A CG    1 
ATOM   208 O OD1   . ASN A 1 38 ? 0.974   4.151   -4.537  1.00 47.24 ? 36  ASN A OD1   1 
ATOM   209 N ND2   . ASN A 1 38 ? -0.446  5.633   -5.439  1.00 48.64 ? 36  ASN A ND2   1 
ATOM   210 N N     . GLU A 1 39 ? -3.724  2.235   -5.158  1.00 38.67 ? 37  GLU A N     1 
ATOM   211 C CA    . GLU A 1 39 ? -5.123  2.450   -4.693  1.00 41.11 ? 37  GLU A CA    1 
ATOM   212 C C     . GLU A 1 39 ? -5.372  1.569   -3.468  1.00 37.53 ? 37  GLU A C     1 
ATOM   213 O O     . GLU A 1 39 ? -5.919  2.080   -2.478  1.00 39.22 ? 37  GLU A O     1 
ATOM   214 C CB    . GLU A 1 39 ? -6.164  2.123   -5.772  1.00 47.22 ? 37  GLU A CB    1 
ATOM   215 C CG    . GLU A 1 39 ? -6.039  2.937   -7.055  1.00 52.46 ? 37  GLU A CG    1 
ATOM   216 C CD    . GLU A 1 39 ? -5.896  4.445   -6.892  1.00 57.90 ? 37  GLU A CD    1 
ATOM   217 O OE1   . GLU A 1 39 ? -5.025  5.039   -7.580  1.00 58.62 ? 37  GLU A OE1   1 
ATOM   218 O OE2   . GLU A 1 39 ? -6.658  5.027   -6.086  1.00 63.60 ? 37  GLU A OE2   1 
ATOM   219 N N     . LYS A 1 40 ? -4.974  0.298   -3.528  1.00 35.34 ? 38  LYS A N     1 
ATOM   220 C CA    . LYS A 1 40 ? -5.146  -0.649  -2.398  1.00 35.76 ? 38  LYS A CA    1 
ATOM   221 C C     . LYS A 1 40 ? -4.380  -0.109  -1.186  1.00 34.79 ? 38  LYS A C     1 
ATOM   222 O O     . LYS A 1 40 ? -4.920  -0.184  -0.067  1.00 30.47 ? 38  LYS A O     1 
ATOM   223 C CB    . LYS A 1 40 ? -4.675  -2.055  -2.777  1.00 37.44 ? 38  LYS A CB    1 
ATOM   224 C CG    . LYS A 1 40 ? -5.464  -2.729  -3.890  1.00 38.16 ? 38  LYS A CG    1 
ATOM   225 C CD    . LYS A 1 40 ? -6.944  -2.844  -3.618  1.00 39.51 ? 38  LYS A CD    1 
ATOM   226 C CE    . LYS A 1 40 ? -7.644  -3.737  -4.621  1.00 40.40 ? 38  LYS A CE    1 
ATOM   227 N NZ    . LYS A 1 40 ? -9.114  -3.656  -4.484  1.00 41.95 ? 38  LYS A NZ    1 
ATOM   228 N N     . LEU A 1 41 ? -3.179  0.438   -1.404  1.00 33.75 ? 39  LEU A N     1 
ATOM   229 C CA    . LEU A 1 41 ? -2.308  0.935   -0.308  1.00 34.38 ? 39  LEU A CA    1 
ATOM   230 C C     . LEU A 1 41 ? -2.990  2.098   0.420   1.00 32.91 ? 39  LEU A C     1 
ATOM   231 O O     . LEU A 1 41 ? -3.008  2.092   1.662   1.00 35.15 ? 39  LEU A O     1 
ATOM   232 C CB    . LEU A 1 41 ? -0.955  1.353   -0.891  1.00 37.19 ? 39  LEU A CB    1 
ATOM   233 C CG    . LEU A 1 41 ? 0.140   1.627   0.137   1.00 40.04 ? 39  LEU A CG    1 
ATOM   234 C CD1   . LEU A 1 41 ? 0.172   0.554   1.220   1.00 40.01 ? 39  LEU A CD1   1 
ATOM   235 C CD2   . LEU A 1 41 ? 1.496   1.726   -0.545  1.00 42.05 ? 39  LEU A CD2   1 
ATOM   236 N N     . TYR A 1 42 ? -3.509  3.075   -0.321  1.00 32.82 ? 40  TYR A N     1 
ATOM   237 C CA    . TYR A 1 42 ? -4.316  4.195   0.222   1.00 32.98 ? 40  TYR A CA    1 
ATOM   238 C C     . TYR A 1 42 ? -5.472  3.642   1.052   1.00 32.19 ? 40  TYR A C     1 
ATOM   239 O O     . TYR A 1 42 ? -5.714  4.187   2.132   1.00 32.29 ? 40  TYR A O     1 
ATOM   240 C CB    . TYR A 1 42 ? -4.819  5.107   -0.896  1.00 34.56 ? 40  TYR A CB    1 
ATOM   241 C CG    . TYR A 1 42 ? -3.825  6.170   -1.276  1.00 36.60 ? 40  TYR A CG    1 
ATOM   242 C CD1   . TYR A 1 42 ? -3.705  7.326   -0.525  1.00 37.77 ? 40  TYR A CD1   1 
ATOM   243 C CD2   . TYR A 1 42 ? -2.973  6.003   -2.354  1.00 38.60 ? 40  TYR A CD2   1 
ATOM   244 C CE1   . TYR A 1 42 ? -2.773  8.301   -0.847  1.00 38.52 ? 40  TYR A CE1   1 
ATOM   245 C CE2   . TYR A 1 42 ? -2.043  6.973   -2.697  1.00 37.45 ? 40  TYR A CE2   1 
ATOM   246 C CZ    . TYR A 1 42 ? -1.941  8.127   -1.939  1.00 39.77 ? 40  TYR A CZ    1 
ATOM   247 O OH    . TYR A 1 42 ? -1.019  9.080   -2.270  1.00 39.46 ? 40  TYR A OH    1 
ATOM   248 N N     . ALA A 1 43 ? -6.163  2.609   0.565   1.00 33.23 ? 41  ALA A N     1 
ATOM   249 C CA    . ALA A 1 43 ? -7.337  2.017   1.247   1.00 33.94 ? 41  ALA A CA    1 
ATOM   250 C C     . ALA A 1 43 ? -6.868  1.427   2.574   1.00 34.58 ? 41  ALA A C     1 
ATOM   251 O O     . ALA A 1 43 ? -7.549  1.638   3.591   1.00 33.01 ? 41  ALA A O     1 
ATOM   252 C CB    . ALA A 1 43 ? -8.015  0.971   0.384   1.00 34.61 ? 41  ALA A CB    1 
ATOM   253 N N     . LEU A 1 44 ? -5.726  0.735   2.560   1.00 34.87 ? 42  LEU A N     1 
ATOM   254 C CA    . LEU A 1 44 ? -5.103  0.188   3.792   1.00 35.59 ? 42  LEU A CA    1 
ATOM   255 C C     . LEU A 1 44 ? -4.860  1.322   4.789   1.00 33.81 ? 42  LEU A C     1 
ATOM   256 O O     . LEU A 1 44 ? -5.256  1.170   5.967   1.00 31.55 ? 42  LEU A O     1 
ATOM   257 C CB    . LEU A 1 44 ? -3.781  -0.496  3.446   1.00 39.03 ? 42  LEU A CB    1 
ATOM   258 C CG    . LEU A 1 44 ? -3.868  -1.970  3.069   1.00 42.24 ? 42  LEU A CG    1 
ATOM   259 C CD1   . LEU A 1 44 ? -2.469  -2.550  2.909   1.00 43.25 ? 42  LEU A CD1   1 
ATOM   260 C CD2   . LEU A 1 44 ? -4.664  -2.756  4.100   1.00 42.75 ? 42  LEU A CD2   1 
ATOM   261 N N     . ILE A 1 45 ? -4.240  2.420   4.338   1.00 32.65 ? 43  ILE A N     1 
ATOM   262 C CA    . ILE A 1 45 ? -3.861  3.547   5.242   1.00 31.99 ? 43  ILE A CA    1 
ATOM   263 C C     . ILE A 1 45 ? -5.150  4.177   5.769   1.00 31.35 ? 43  ILE A C     1 
ATOM   264 O O     . ILE A 1 45 ? -5.258  4.320   6.986   1.00 27.23 ? 43  ILE A O     1 
ATOM   265 C CB    . ILE A 1 45 ? -2.932  4.574   4.567   1.00 33.57 ? 43  ILE A CB    1 
ATOM   266 C CG1   . ILE A 1 45 ? -1.592  3.937   4.180   1.00 34.24 ? 43  ILE A CG1   1 
ATOM   267 C CG2   . ILE A 1 45 ? -2.743  5.791   5.468   1.00 32.73 ? 43  ILE A CG2   1 
ATOM   268 C CD1   . ILE A 1 45 ? -0.777  4.746   3.194   1.00 35.33 ? 43  ILE A CD1   1 
ATOM   269 N N     . ASP A 1 46 ? -6.106  4.479   4.892   1.00 32.57 ? 44  ASP A N     1 
ATOM   270 C CA    . ASP A 1 46 ? -7.393  5.102   5.295   1.00 33.63 ? 44  ASP A CA    1 
ATOM   271 C C     . ASP A 1 46 ? -8.086  4.190   6.316   1.00 34.11 ? 44  ASP A C     1 
ATOM   272 O O     . ASP A 1 46 ? -8.573  4.718   7.312   1.00 32.48 ? 44  ASP A O     1 
ATOM   273 C CB    . ASP A 1 46 ? -8.260  5.434   4.078   1.00 36.25 ? 44  ASP A CB    1 
ATOM   274 C CG    . ASP A 1 46 ? -7.636  6.483   3.172   1.00 38.00 ? 44  ASP A CG    1 
ATOM   275 O OD1   . ASP A 1 46 ? -6.653  7.121   3.598   1.00 38.07 ? 44  ASP A OD1   1 
ATOM   276 O OD2   . ASP A 1 46 ? -8.123  6.644   2.040   1.00 39.61 ? 44  ASP A OD2   1 
ATOM   277 N N     . ASP A 1 47 ? -8.091  2.870   6.103   1.00 35.21 ? 45  ASP A N     1 
ATOM   278 C CA    . ASP A 1 47 ? -8.609  1.891   7.100   1.00 34.67 ? 45  ASP A CA    1 
ATOM   279 C C     . ASP A 1 47 ? -7.838  2.039   8.421   1.00 33.10 ? 45  ASP A C     1 
ATOM   280 O O     . ASP A 1 47 ? -8.486  2.059   9.485   1.00 29.85 ? 45  ASP A O     1 
ATOM   281 C CB    . ASP A 1 47 ? -8.509  0.456   6.579   1.00 36.96 ? 45  ASP A CB    1 
ATOM   282 C CG    . ASP A 1 47 ? -9.539  0.098   5.518   1.00 40.49 ? 45  ASP A CG    1 
ATOM   283 O OD1   . ASP A 1 47 ? -10.468 0.900   5.302   1.00 43.84 ? 45  ASP A OD1   1 
ATOM   284 O OD2   . ASP A 1 47 ? -9.407  -0.987  4.920   1.00 40.86 ? 45  ASP A OD2   1 
ATOM   285 N N     . ALA A 1 48 ? -6.505  2.122   8.362   1.00 31.78 ? 46  ALA A N     1 
ATOM   286 C CA    . ALA A 1 48 ? -5.612  2.186   9.545   1.00 31.27 ? 46  ALA A CA    1 
ATOM   287 C C     . ALA A 1 48 ? -5.889  3.459   10.346  1.00 32.04 ? 46  ALA A C     1 
ATOM   288 O O     . ALA A 1 48 ? -5.904  3.375   11.591  1.00 31.65 ? 46  ALA A O     1 
ATOM   289 C CB    . ALA A 1 48 ? -4.167  2.112   9.132   1.00 30.15 ? 46  ALA A CB    1 
ATOM   290 N N     . LEU A 1 49 ? -6.102  4.588   9.665   1.00 32.86 ? 47  LEU A N     1 
ATOM   291 C CA    . LEU A 1 49 ? -6.361  5.891   10.336  1.00 35.08 ? 47  LEU A CA    1 
ATOM   292 C C     . LEU A 1 49 ? -7.668  5.806   11.130  1.00 33.92 ? 47  LEU A C     1 
ATOM   293 O O     . LEU A 1 49 ? -7.725  6.362   12.234  1.00 35.28 ? 47  LEU A O     1 
ATOM   294 C CB    . LEU A 1 49 ? -6.408  7.018   9.301   1.00 35.06 ? 47  LEU A CB    1 
ATOM   295 C CG    . LEU A 1 49 ? -5.143  7.229   8.472   1.00 36.18 ? 47  LEU A CG    1 
ATOM   296 C CD1   . LEU A 1 49 ? -5.230  8.546   7.719   1.00 36.78 ? 47  LEU A CD1   1 
ATOM   297 C CD2   . LEU A 1 49 ? -3.883  7.178   9.325   1.00 35.77 ? 47  LEU A CD2   1 
ATOM   298 N N     . LYS A 1 50 ? -8.676  5.104   10.611  1.00 37.45 ? 48  LYS A N     1 
ATOM   299 C CA    . LYS A 1 50 ? -9.963  4.904   11.327  1.00 37.71 ? 48  LYS A CA    1 
ATOM   300 C C     . LYS A 1 50 ? -9.718  4.047   12.570  1.00 33.65 ? 48  LYS A C     1 
ATOM   301 O O     . LYS A 1 50 ? -10.385 4.295   13.567  1.00 35.71 ? 48  LYS A O     1 
ATOM   302 C CB    . LYS A 1 50 ? -11.022 4.267   10.421  1.00 43.62 ? 48  LYS A CB    1 
ATOM   303 C CG    . LYS A 1 50 ? -11.594 5.183   9.343   1.00 49.26 ? 48  LYS A CG    1 
ATOM   304 C CD    . LYS A 1 50 ? -12.565 4.476   8.405   1.00 54.43 ? 48  LYS A CD    1 
ATOM   305 C CE    . LYS A 1 50 ? -12.598 5.068   7.011   1.00 59.08 ? 48  LYS A CE    1 
ATOM   306 N NZ    . LYS A 1 50 ? -13.226 6.411   6.998   1.00 62.06 ? 48  LYS A NZ    1 
ATOM   307 N N     . ARG A 1 51 ? -8.806  3.070   12.511  1.00 32.35 ? 49  ARG A N     1 
ATOM   308 C CA    . ARG A 1 51 ? -8.478  2.204   13.678  1.00 31.17 ? 49  ARG A CA    1 
ATOM   309 C C     . ARG A 1 51 ? -7.735  3.034   14.733  1.00 29.55 ? 49  ARG A C     1 
ATOM   310 O O     . ARG A 1 51 ? -8.067  2.905   15.917  1.00 30.75 ? 49  ARG A O     1 
ATOM   311 C CB    . ARG A 1 51 ? -7.664  0.975   13.261  1.00 30.76 ? 49  ARG A CB    1 
ATOM   312 C CG    . ARG A 1 51 ? -8.422  0.023   12.344  1.00 32.26 ? 49  ARG A CG    1 
ATOM   313 C CD    . ARG A 1 51 ? -7.893  -1.398  12.348  1.00 31.34 ? 49  ARG A CD    1 
ATOM   314 N NE    . ARG A 1 51 ? -8.532  -2.158  11.284  1.00 31.21 ? 49  ARG A NE    1 
ATOM   315 C CZ    . ARG A 1 51 ? -8.124  -2.225  10.015  1.00 30.30 ? 49  ARG A CZ    1 
ATOM   316 N NH1   . ARG A 1 51 ? -7.028  -1.601  9.615   1.00 29.15 ? 49  ARG A NH1   1 
ATOM   317 N NH2   . ARG A 1 51 ? -8.819  -2.940  9.148   1.00 30.42 ? 49  ARG A NH2   1 
ATOM   318 N N     . THR A 1 52 ? -6.755  3.838   14.318  1.00 31.90 ? 50  THR A N     1 
ATOM   319 C CA    . THR A 1 52 ? -5.980  4.748   15.213  1.00 33.38 ? 50  THR A CA    1 
ATOM   320 C C     . THR A 1 52 ? -6.963  5.599   16.025  1.00 34.61 ? 50  THR A C     1 
ATOM   321 O O     . THR A 1 52 ? -6.874  5.603   17.264  1.00 36.79 ? 50  THR A O     1 
ATOM   322 C CB    . THR A 1 52 ? -4.997  5.610   14.408  1.00 31.26 ? 50  THR A CB    1 
ATOM   323 O OG1   . THR A 1 52 ? -4.168  4.718   13.663  1.00 30.45 ? 50  THR A OG1   1 
ATOM   324 C CG2   . THR A 1 52 ? -4.137  6.509   15.270  1.00 31.07 ? 50  THR A CG2   1 
ATOM   325 N N     . GLU A 1 53 ? -7.877  6.275   15.335  1.00 37.75 ? 51  GLU A N     1 
ATOM   326 C CA    . GLU A 1 53 ? -8.821  7.251   15.929  1.00 41.72 ? 51  GLU A CA    1 
ATOM   327 C C     . GLU A 1 53 ? -9.765  6.544   16.905  1.00 41.03 ? 51  GLU A C     1 
ATOM   328 O O     . GLU A 1 53 ? -9.969  7.080   17.996  1.00 41.91 ? 51  GLU A O     1 
ATOM   329 C CB    . GLU A 1 53 ? -9.599  7.957   14.821  1.00 47.29 ? 51  GLU A CB    1 
ATOM   330 C CG    . GLU A 1 53 ? -10.375 9.160   15.308  1.00 49.74 ? 51  GLU A CG    1 
ATOM   331 C CD    . GLU A 1 53 ? -10.817 10.084  14.191  1.00 54.66 ? 51  GLU A CD    1 
ATOM   332 O OE1   . GLU A 1 53 ? -11.162 11.246  14.488  1.00 61.92 ? 51  GLU A OE1   1 
ATOM   333 O OE2   . GLU A 1 53 ? -10.814 9.640   13.030  1.00 59.78 ? 51  GLU A OE2   1 
ATOM   334 N N     . SER A 1 54 ? -10.303 5.383   16.533  1.00 40.96 ? 52  SER A N     1 
ATOM   335 C CA    . SER A 1 54 ? -11.241 4.590   17.372  1.00 42.71 ? 52  SER A CA    1 
ATOM   336 C C     . SER A 1 54 ? -10.541 4.094   18.645  1.00 41.04 ? 52  SER A C     1 
ATOM   337 O O     . SER A 1 54 ? -11.249 3.751   19.594  1.00 41.97 ? 52  SER A O     1 
ATOM   338 C CB    . SER A 1 54 ? -11.830 3.442   16.603  1.00 42.84 ? 52  SER A CB    1 
ATOM   339 O OG    . SER A 1 54 ? -10.914 2.358   16.552  1.00 47.32 ? 52  SER A OG    1 
ATOM   340 N N     . ASN A 1 55 ? -9.205  4.037   18.668  1.00 41.00 ? 53  ASN A N     1 
ATOM   341 C CA    . ASN A 1 55 ? -8.418  3.732   19.895  1.00 39.67 ? 53  ASN A CA    1 
ATOM   342 C C     . ASN A 1 55 ? -7.986  5.032   20.595  1.00 39.06 ? 53  ASN A C     1 
ATOM   343 O O     . ASN A 1 55 ? -7.131  4.948   21.502  1.00 39.37 ? 53  ASN A O     1 
ATOM   344 C CB    . ASN A 1 55 ? -7.223  2.840   19.568  1.00 40.46 ? 53  ASN A CB    1 
ATOM   345 C CG    . ASN A 1 55 ? -7.643  1.420   19.259  1.00 41.76 ? 53  ASN A CG    1 
ATOM   346 O OD1   . ASN A 1 55 ? -8.156  0.726   20.132  1.00 39.88 ? 53  ASN A OD1   1 
ATOM   347 N ND2   . ASN A 1 55 ? -7.428  0.979   18.029  1.00 41.49 ? 53  ASN A ND2   1 
ATOM   348 N N     . LYS A 1 56 ? -8.557  6.182   20.210  1.00 37.52 ? 54  LYS A N     1 
ATOM   349 C CA    . LYS A 1 56 ? -8.295  7.514   20.824  1.00 37.46 ? 54  LYS A CA    1 
ATOM   350 C C     . LYS A 1 56 ? -6.813  7.880   20.682  1.00 38.17 ? 54  LYS A C     1 
ATOM   351 O O     . LYS A 1 56 ? -6.268  8.508   21.608  1.00 40.27 ? 54  LYS A O     1 
ATOM   352 C CB    . LYS A 1 56 ? -8.699  7.520   22.304  1.00 37.23 ? 54  LYS A CB    1 
ATOM   353 N N     . ARG A 1 57 ? -6.184  7.514   19.565  1.00 36.12 ? 55  ARG A N     1 
ATOM   354 C CA    . ARG A 1 57 ? -4.743  7.765   19.320  1.00 38.18 ? 55  ARG A CA    1 
ATOM   355 C C     . ARG A 1 57 ? -4.601  8.726   18.142  1.00 39.78 ? 55  ARG A C     1 
ATOM   356 O O     . ARG A 1 57 ? -5.562  8.859   17.364  1.00 38.69 ? 55  ARG A O     1 
ATOM   357 C CB    . ARG A 1 57 ? -3.990  6.452   19.101  1.00 38.44 ? 55  ARG A CB    1 
ATOM   358 C CG    . ARG A 1 57 ? -3.557  5.779   20.396  1.00 39.43 ? 55  ARG A CG    1 
ATOM   359 C CD    . ARG A 1 57 ? -2.678  4.564   20.171  1.00 38.58 ? 55  ARG A CD    1 
ATOM   360 N NE    . ARG A 1 57 ? -3.481  3.464   19.646  1.00 39.48 ? 55  ARG A NE    1 
ATOM   361 C CZ    . ARG A 1 57 ? -3.469  3.016   18.391  1.00 37.84 ? 55  ARG A CZ    1 
ATOM   362 N NH1   . ARG A 1 57 ? -2.677  3.564   17.479  1.00 36.48 ? 55  ARG A NH1   1 
ATOM   363 N NH2   . ARG A 1 57 ? -4.262  2.009   18.055  1.00 35.67 ? 55  ARG A NH2   1 
ATOM   364 N N     . THR A 1 58 ? -3.467  9.425   18.084  1.00 39.68 ? 56  THR A N     1 
ATOM   365 C CA    . THR A 1 58 ? -3.058  10.286  16.948  1.00 43.18 ? 56  THR A CA    1 
ATOM   366 C C     . THR A 1 58 ? -1.889  9.623   16.211  1.00 41.82 ? 56  THR A C     1 
ATOM   367 O O     . THR A 1 58 ? -1.591  10.070  15.087  1.00 44.07 ? 56  THR A O     1 
ATOM   368 C CB    . THR A 1 58 ? -2.692  11.698  17.424  1.00 46.91 ? 56  THR A CB    1 
ATOM   369 O OG1   . THR A 1 58 ? -1.394  11.651  18.015  1.00 52.12 ? 56  THR A OG1   1 
ATOM   370 C CG2   . THR A 1 58 ? -3.674  12.267  18.422  1.00 47.77 ? 56  THR A CG2   1 
ATOM   371 N N     . THR A 1 59 ? -1.252  8.613   16.819  1.00 38.31 ? 57  THR A N     1 
ATOM   372 C CA    . THR A 1 59 ? -0.040  7.935   16.279  1.00 38.12 ? 57  THR A CA    1 
ATOM   373 C C     . THR A 1 59 ? -0.409  6.563   15.692  1.00 37.25 ? 57  THR A C     1 
ATOM   374 O O     . THR A 1 59 ? -0.735  5.637   16.464  1.00 35.90 ? 57  THR A O     1 
ATOM   375 C CB    . THR A 1 59 ? 1.055   7.772   17.342  1.00 39.19 ? 57  THR A CB    1 
ATOM   376 O OG1   . THR A 1 59 ? 1.229   9.003   18.051  1.00 39.50 ? 57  THR A OG1   1 
ATOM   377 C CG2   . THR A 1 59 ? 2.370   7.336   16.735  1.00 39.56 ? 57  THR A CG2   1 
ATOM   378 N N     . VAL A 1 60 ? -0.278  6.425   14.374  1.00 37.11 ? 58  VAL A N     1 
ATOM   379 C CA    . VAL A 1 60 ? -0.543  5.157   13.638  1.00 36.57 ? 58  VAL A CA    1 
ATOM   380 C C     . VAL A 1 60 ? 0.577   4.163   13.976  1.00 38.26 ? 58  VAL A C     1 
ATOM   381 O O     . VAL A 1 60 ? 1.766   4.531   13.871  1.00 38.24 ? 58  VAL A O     1 
ATOM   382 C CB    . VAL A 1 60 ? -0.657  5.399   12.124  1.00 34.46 ? 58  VAL A CB    1 
ATOM   383 C CG1   . VAL A 1 60 ? -1.115  4.146   11.396  1.00 34.60 ? 58  VAL A CG1   1 
ATOM   384 C CG2   . VAL A 1 60 ? -1.590  6.556   11.812  1.00 34.40 ? 58  VAL A CG2   1 
ATOM   385 N N     . ARG A 1 61 ? 0.192   2.968   14.420  1.00 38.52 ? 59  ARG A N     1 
ATOM   386 C CA    . ARG A 1 61 ? 1.091   1.843   14.770  1.00 40.33 ? 59  ARG A CA    1 
ATOM   387 C C     . ARG A 1 61 ? 1.003   0.796   13.668  1.00 39.94 ? 59  ARG A C     1 
ATOM   388 O O     . ARG A 1 61 ? 0.021   0.771   12.936  1.00 41.00 ? 59  ARG A O     1 
ATOM   389 C CB    . ARG A 1 61 ? 0.651   1.207   16.090  1.00 43.93 ? 59  ARG A CB    1 
ATOM   390 C CG    . ARG A 1 61 ? 0.722   2.130   17.295  1.00 47.11 ? 59  ARG A CG    1 
ATOM   391 C CD    . ARG A 1 61 ? 0.878   1.301   18.554  1.00 50.85 ? 59  ARG A CD    1 
ATOM   392 N NE    . ARG A 1 61 ? 0.680   2.073   19.774  1.00 55.07 ? 59  ARG A NE    1 
ATOM   393 C CZ    . ARG A 1 61 ? -0.302  1.891   20.655  1.00 55.31 ? 59  ARG A CZ    1 
ATOM   394 N NH1   . ARG A 1 61 ? -1.217  0.946   20.483  1.00 53.53 ? 59  ARG A NH1   1 
ATOM   395 N NH2   . ARG A 1 61 ? -0.359  2.667   21.722  1.00 58.33 ? 59  ARG A NH2   1 
ATOM   396 N N     . PRO A 1 62 ? 2.003   -0.105  13.529  1.00 40.70 ? 60  PRO A N     1 
ATOM   397 C CA    . PRO A 1 62 ? 1.932   -1.180  12.538  1.00 39.57 ? 60  PRO A CA    1 
ATOM   398 C C     . PRO A 1 62 ? 0.666   -2.043  12.691  1.00 39.90 ? 60  PRO A C     1 
ATOM   399 O O     . PRO A 1 62 ? 0.106   -2.477  11.697  1.00 39.99 ? 60  PRO A O     1 
ATOM   400 C CB    . PRO A 1 62 ? 3.215   -1.992  12.779  1.00 39.55 ? 60  PRO A CB    1 
ATOM   401 C CG    . PRO A 1 62 ? 3.701   -1.563  14.155  1.00 42.24 ? 60  PRO A CG    1 
ATOM   402 C CD    . PRO A 1 62 ? 3.257   -0.126  14.300  1.00 40.87 ? 60  PRO A CD    1 
ATOM   403 N N     . THR A 1 63 ? 0.223   -2.236  13.933  1.00 40.92 ? 61  THR A N     1 
ATOM   404 C CA    . THR A 1 63 ? -0.933  -3.083  14.310  1.00 40.64 ? 61  THR A CA    1 
ATOM   405 C C     . THR A 1 63 ? -2.231  -2.487  13.747  1.00 40.47 ? 61  THR A C     1 
ATOM   406 O O     . THR A 1 63 ? -3.142  -3.277  13.438  1.00 43.69 ? 61  THR A O     1 
ATOM   407 C CB    . THR A 1 63 ? -0.930  -3.283  15.828  1.00 43.92 ? 61  THR A CB    1 
ATOM   408 O OG1   . THR A 1 63 ? -0.772  -1.998  16.422  1.00 47.98 ? 61  THR A OG1   1 
ATOM   409 C CG2   . THR A 1 63 ? 0.197   -4.179  16.290  1.00 45.80 ? 61  THR A CG2   1 
ATOM   410 N N     . ASP A 1 64 ? -2.306  -1.167  13.554  1.00 36.12 ? 62  ASP A N     1 
ATOM   411 C CA    . ASP A 1 64 ? -3.497  -0.479  12.979  1.00 34.53 ? 62  ASP A CA    1 
ATOM   412 C C     . ASP A 1 64 ? -3.715  -0.843  11.496  1.00 36.00 ? 62  ASP A C     1 
ATOM   413 O O     . ASP A 1 64 ? -4.822  -0.577  10.996  1.00 32.44 ? 62  ASP A O     1 
ATOM   414 C CB    . ASP A 1 64 ? -3.389  1.042   13.117  1.00 33.62 ? 62  ASP A CB    1 
ATOM   415 C CG    . ASP A 1 64 ? -3.451  1.534   14.552  1.00 34.42 ? 62  ASP A CG    1 
ATOM   416 O OD1   . ASP A 1 64 ? -4.113  0.858   15.372  1.00 29.61 ? 62  ASP A OD1   1 
ATOM   417 O OD2   . ASP A 1 64 ? -2.837  2.593   14.836  1.00 33.61 ? 62  ASP A OD2   1 
ATOM   418 N N     . PHE A 1 65 ? -2.712  -1.376  10.791  1.00 36.76 ? 63  PHE A N     1 
ATOM   419 C CA    . PHE A 1 65 ? -2.831  -1.736  9.350   1.00 38.48 ? 63  PHE A CA    1 
ATOM   420 C C     . PHE A 1 65 ? -3.473  -3.123  9.205   1.00 41.55 ? 63  PHE A C     1 
ATOM   421 O O     . PHE A 1 65 ? -3.709  -3.836  10.188  1.00 41.79 ? 63  PHE A O     1 
ATOM   422 C CB    . PHE A 1 65 ? -1.471  -1.676  8.655   1.00 39.76 ? 63  PHE A CB    1 
ATOM   423 C CG    . PHE A 1 65 ? -0.810  -0.323  8.675   1.00 39.74 ? 63  PHE A CG    1 
ATOM   424 C CD1   . PHE A 1 65 ? -1.347  0.739   7.968   1.00 41.60 ? 63  PHE A CD1   1 
ATOM   425 C CD2   . PHE A 1 65 ? 0.357   -0.115  9.390   1.00 40.65 ? 63  PHE A CD2   1 
ATOM   426 C CE1   . PHE A 1 65 ? -0.733  1.983   7.981   1.00 42.06 ? 63  PHE A CE1   1 
ATOM   427 C CE2   . PHE A 1 65 ? 0.974   1.127   9.397   1.00 41.34 ? 63  PHE A CE2   1 
ATOM   428 C CZ    . PHE A 1 65 ? 0.427   2.174   8.695   1.00 41.42 ? 63  PHE A CZ    1 
ATOM   429 O OXT   . PHE A 1 65 ? -3.787  -3.573  8.081   1.00 47.11 ? 63  PHE A OXT   1 
ATOM   430 P P     . DC  B 2 8  ? 23.508  10.506  13.584  1.00 74.52 ? 8   DC  B P     1 
ATOM   431 O OP1   . DC  B 2 8  ? 22.225  9.750   13.561  1.00 71.77 ? 8   DC  B OP1   1 
ATOM   432 O OP2   . DC  B 2 8  ? 24.778  9.804   13.887  1.00 76.51 ? 8   DC  B OP2   1 
ATOM   433 O "O5'" . DC  B 2 8  ? 23.384  11.743  14.580  1.00 74.42 ? 8   DC  B "O5'" 1 
ATOM   434 C "C5'" . DC  B 2 8  ? 24.384  12.781  14.585  1.00 71.25 ? 8   DC  B "C5'" 1 
ATOM   435 C "C4'" . DC  B 2 8  ? 23.892  13.996  15.337  1.00 71.18 ? 8   DC  B "C4'" 1 
ATOM   436 O "O4'" . DC  B 2 8  ? 22.813  14.637  14.614  1.00 69.87 ? 8   DC  B "O4'" 1 
ATOM   437 C "C3'" . DC  B 2 8  ? 23.363  13.715  16.745  1.00 70.34 ? 8   DC  B "C3'" 1 
ATOM   438 O "O3'" . DC  B 2 8  ? 23.995  14.642  17.636  1.00 68.86 ? 8   DC  B "O3'" 1 
ATOM   439 C "C2'" . DC  B 2 8  ? 21.857  13.887  16.613  1.00 68.93 ? 8   DC  B "C2'" 1 
ATOM   440 C "C1'" . DC  B 2 8  ? 21.732  14.908  15.494  1.00 68.42 ? 8   DC  B "C1'" 1 
ATOM   441 N N1    . DC  B 2 8  ? 20.486  14.850  14.704  1.00 64.80 ? 8   DC  B N1    1 
ATOM   442 C C2    . DC  B 2 8  ? 19.652  15.975  14.651  1.00 61.34 ? 8   DC  B C2    1 
ATOM   443 O O2    . DC  B 2 8  ? 19.962  16.984  15.300  1.00 61.08 ? 8   DC  B O2    1 
ATOM   444 N N3    . DC  B 2 8  ? 18.529  15.929  13.898  1.00 59.06 ? 8   DC  B N3    1 
ATOM   445 C C4    . DC  B 2 8  ? 18.233  14.825  13.208  1.00 62.18 ? 8   DC  B C4    1 
ATOM   446 N N4    . DC  B 2 8  ? 17.113  14.822  12.483  1.00 62.62 ? 8   DC  B N4    1 
ATOM   447 C C5    . DC  B 2 8  ? 19.065  13.669  13.242  1.00 63.21 ? 8   DC  B C5    1 
ATOM   448 C C6    . DC  B 2 8  ? 20.176  13.727  13.989  1.00 64.96 ? 8   DC  B C6    1 
ATOM   449 P P     . DC  B 2 9  ? 23.893  14.464  19.226  1.00 65.66 ? 9   DC  B P     1 
ATOM   450 O OP1   . DC  B 2 9  ? 25.105  15.066  19.837  1.00 65.77 ? 9   DC  B OP1   1 
ATOM   451 O OP2   . DC  B 2 9  ? 23.491  13.064  19.533  1.00 61.67 ? 9   DC  B OP2   1 
ATOM   452 O "O5'" . DC  B 2 9  ? 22.682  15.415  19.600  1.00 59.10 ? 9   DC  B "O5'" 1 
ATOM   453 C "C5'" . DC  B 2 9  ? 22.666  16.765  19.135  1.00 55.01 ? 9   DC  B "C5'" 1 
ATOM   454 C "C4'" . DC  B 2 9  ? 21.309  17.354  19.427  1.00 53.93 ? 9   DC  B "C4'" 1 
ATOM   455 O "O4'" . DC  B 2 9  ? 20.347  16.886  18.457  1.00 50.65 ? 9   DC  B "O4'" 1 
ATOM   456 C "C3'" . DC  B 2 9  ? 20.745  16.991  20.804  1.00 50.95 ? 9   DC  B "C3'" 1 
ATOM   457 O "O3'" . DC  B 2 9  ? 20.480  18.253  21.413  1.00 53.12 ? 9   DC  B "O3'" 1 
ATOM   458 C "C2'" . DC  B 2 9  ? 19.512  16.154  20.491  1.00 51.11 ? 9   DC  B "C2'" 1 
ATOM   459 C "C1'" . DC  B 2 9  ? 19.121  16.658  19.112  1.00 50.10 ? 9   DC  B "C1'" 1 
ATOM   460 N N1    . DC  B 2 9  ? 18.314  15.768  18.254  1.00 48.68 ? 9   DC  B N1    1 
ATOM   461 C C2    . DC  B 2 9  ? 17.239  16.314  17.538  1.00 49.92 ? 9   DC  B C2    1 
ATOM   462 O O2    . DC  B 2 9  ? 16.966  17.511  17.688  1.00 52.55 ? 9   DC  B O2    1 
ATOM   463 N N3    . DC  B 2 9  ? 16.515  15.518  16.719  1.00 52.90 ? 9   DC  B N3    1 
ATOM   464 C C4    . DC  B 2 9  ? 16.834  14.229  16.592  1.00 52.73 ? 9   DC  B C4    1 
ATOM   465 N N4    . DC  B 2 9  ? 16.086  13.480  15.780  1.00 53.03 ? 9   DC  B N4    1 
ATOM   466 C C5    . DC  B 2 9  ? 17.930  13.649  17.297  1.00 52.06 ? 9   DC  B C5    1 
ATOM   467 C C6    . DC  B 2 9  ? 18.645  14.451  18.099  1.00 50.44 ? 9   DC  B C6    1 
ATOM   468 P P     . DG  B 2 10 ? 20.343  18.417  22.988  1.00 50.79 ? 10  DG  B P     1 
ATOM   469 O OP1   . DG  B 2 10 ? 21.576  19.059  23.493  1.00 49.62 ? 10  DG  B OP1   1 
ATOM   470 O OP2   . DG  B 2 10 ? 19.904  17.125  23.564  1.00 53.13 ? 10  DG  B OP2   1 
ATOM   471 O "O5'" . DG  B 2 10 ? 19.174  19.490  23.079  1.00 48.80 ? 10  DG  B "O5'" 1 
ATOM   472 C "C5'" . DG  B 2 10 ? 19.104  20.546  22.102  1.00 45.91 ? 10  DG  B "C5'" 1 
ATOM   473 C "C4'" . DG  B 2 10 ? 17.668  20.935  21.847  1.00 44.64 ? 10  DG  B "C4'" 1 
ATOM   474 O "O4'" . DG  B 2 10 ? 17.024  19.926  21.036  1.00 44.92 ? 10  DG  B "O4'" 1 
ATOM   475 C "C3'" . DG  B 2 10 ? 16.810  21.079  23.104  1.00 44.22 ? 10  DG  B "C3'" 1 
ATOM   476 O "O3'" . DG  B 2 10 ? 15.983  22.230  22.950  1.00 42.12 ? 10  DG  B "O3'" 1 
ATOM   477 C "C2'" . DG  B 2 10 ? 16.027  19.779  23.153  1.00 45.84 ? 10  DG  B "C2'" 1 
ATOM   478 C "C1'" . DG  B 2 10 ? 15.861  19.445  21.686  1.00 45.02 ? 10  DG  B "C1'" 1 
ATOM   479 N N9    . DG  B 2 10 ? 15.753  18.024  21.385  1.00 47.87 ? 10  DG  B N9    1 
ATOM   480 C C8    . DG  B 2 10 ? 16.505  16.994  21.897  1.00 48.86 ? 10  DG  B C8    1 
ATOM   481 N N7    . DG  B 2 10 ? 16.201  15.835  21.382  1.00 48.17 ? 10  DG  B N7    1 
ATOM   482 C C5    . DG  B 2 10 ? 15.206  16.121  20.458  1.00 46.27 ? 10  DG  B C5    1 
ATOM   483 C C6    . DG  B 2 10 ? 14.479  15.265  19.599  1.00 48.21 ? 10  DG  B C6    1 
ATOM   484 O O6    . DG  B 2 10 ? 14.576  14.040  19.469  1.00 48.45 ? 10  DG  B O6    1 
ATOM   485 N N1    . DG  B 2 10 ? 13.559  15.972  18.833  1.00 50.49 ? 10  DG  B N1    1 
ATOM   486 C C2    . DG  B 2 10 ? 13.364  17.331  18.887  1.00 50.03 ? 10  DG  B C2    1 
ATOM   487 N N2    . DG  B 2 10 ? 12.428  17.833  18.070  1.00 50.61 ? 10  DG  B N2    1 
ATOM   488 N N3    . DG  B 2 10 ? 14.029  18.138  19.691  1.00 44.33 ? 10  DG  B N3    1 
ATOM   489 C C4    . DG  B 2 10 ? 14.924  17.470  20.446  1.00 44.88 ? 10  DG  B C4    1 
ATOM   490 P P     . DT  B 2 11 ? 15.014  22.674  24.117  1.00 45.53 ? 11  DT  B P     1 
ATOM   491 O OP1   . DT  B 2 11 ? 15.117  24.151  24.261  1.00 49.08 ? 11  DT  B OP1   1 
ATOM   492 O OP2   . DT  B 2 11 ? 15.258  21.797  25.283  1.00 45.10 ? 11  DT  B OP2   1 
ATOM   493 O "O5'" . DT  B 2 11 ? 13.580  22.391  23.490  1.00 45.94 ? 11  DT  B "O5'" 1 
ATOM   494 C "C5'" . DT  B 2 11 ? 13.351  22.716  22.110  1.00 45.71 ? 11  DT  B "C5'" 1 
ATOM   495 C "C4'" . DT  B 2 11 ? 11.949  22.334  21.707  1.00 48.52 ? 11  DT  B "C4'" 1 
ATOM   496 O "O4'" . DT  B 2 11 ? 11.907  20.931  21.354  1.00 48.64 ? 11  DT  B "O4'" 1 
ATOM   497 C "C3'" . DT  B 2 11 ? 10.893  22.534  22.793  1.00 49.24 ? 11  DT  B "C3'" 1 
ATOM   498 O "O3'" . DT  B 2 11 ? 9.762   23.124  22.148  1.00 52.07 ? 11  DT  B "O3'" 1 
ATOM   499 C "C2'" . DT  B 2 11 ? 10.678  21.134  23.346  1.00 46.60 ? 11  DT  B "C2'" 1 
ATOM   500 C "C1'" . DT  B 2 11 ? 10.923  20.261  22.121  1.00 46.01 ? 11  DT  B "C1'" 1 
ATOM   501 N N1    . DT  B 2 11 ? 11.399  18.876  22.355  1.00 44.16 ? 11  DT  B N1    1 
ATOM   502 C C2    . DT  B 2 11 ? 10.854  17.877  21.576  1.00 44.03 ? 11  DT  B C2    1 
ATOM   503 O O2    . DT  B 2 11 ? 9.996   18.079  20.735  1.00 47.10 ? 11  DT  B O2    1 
ATOM   504 N N3    . DT  B 2 11 ? 11.357  16.626  21.817  1.00 41.01 ? 11  DT  B N3    1 
ATOM   505 C C4    . DT  B 2 11 ? 12.318  16.275  22.741  1.00 44.06 ? 11  DT  B C4    1 
ATOM   506 O O4    . DT  B 2 11 ? 12.663  15.101  22.842  1.00 44.55 ? 11  DT  B O4    1 
ATOM   507 C C5    . DT  B 2 11 ? 12.854  17.370  23.519  1.00 42.97 ? 11  DT  B C5    1 
ATOM   508 C C7    . DT  B 2 11 ? 13.908  17.088  24.544  1.00 41.68 ? 11  DT  B C7    1 
ATOM   509 C C6    . DT  B 2 11 ? 12.380  18.601  23.283  1.00 43.34 ? 11  DT  B C6    1 
ATOM   510 P P     . DT  B 2 12 ? 8.537   23.687  22.996  1.00 54.17 ? 12  DT  B P     1 
ATOM   511 O OP1   . DT  B 2 12 ? 8.054   24.914  22.322  1.00 53.02 ? 12  DT  B OP1   1 
ATOM   512 O OP2   . DT  B 2 12 ? 8.921   23.734  24.425  1.00 53.83 ? 12  DT  B OP2   1 
ATOM   513 O "O5'" . DT  B 2 12 ? 7.444   22.543  22.811  1.00 53.19 ? 12  DT  B "O5'" 1 
ATOM   514 C "C5'" . DT  B 2 12 ? 7.260   21.896  21.538  1.00 54.84 ? 12  DT  B "C5'" 1 
ATOM   515 C "C4'" . DT  B 2 12 ? 6.485   20.613  21.717  1.00 57.13 ? 12  DT  B "C4'" 1 
ATOM   516 O "O4'" . DT  B 2 12 ? 7.391   19.524  22.038  1.00 56.95 ? 12  DT  B "O4'" 1 
ATOM   517 C "C3'" . DT  B 2 12 ? 5.442   20.643  22.842  1.00 58.61 ? 12  DT  B "C3'" 1 
ATOM   518 O "O3'" . DT  B 2 12 ? 4.223   20.036  22.410  1.00 63.67 ? 12  DT  B "O3'" 1 
ATOM   519 C "C2'" . DT  B 2 12 ? 6.045   19.744  23.904  1.00 58.88 ? 12  DT  B "C2'" 1 
ATOM   520 C "C1'" . DT  B 2 12 ? 6.768   18.734  23.033  1.00 58.42 ? 12  DT  B "C1'" 1 
ATOM   521 N N1    . DT  B 2 12 ? 7.800   17.880  23.671  1.00 55.62 ? 12  DT  B N1    1 
ATOM   522 C C2    . DT  B 2 12 ? 7.990   16.607  23.176  1.00 55.16 ? 12  DT  B C2    1 
ATOM   523 O O2    . DT  B 2 12 ? 7.364   16.155  22.233  1.00 55.93 ? 12  DT  B O2    1 
ATOM   524 N N3    . DT  B 2 12 ? 8.959   15.881  23.821  1.00 57.37 ? 12  DT  B N3    1 
ATOM   525 C C4    . DT  B 2 12 ? 9.729   16.285  24.895  1.00 54.21 ? 12  DT  B C4    1 
ATOM   526 O O4    . DT  B 2 12 ? 10.557  15.516  25.374  1.00 50.59 ? 12  DT  B O4    1 
ATOM   527 C C5    . DT  B 2 12 ? 9.471   17.628  25.368  1.00 56.95 ? 12  DT  B C5    1 
ATOM   528 C C7    . DT  B 2 12 ? 10.253  18.152  26.533  1.00 55.80 ? 12  DT  B C7    1 
ATOM   529 C C6    . DT  B 2 12 ? 8.530   18.347  24.743  1.00 56.22 ? 12  DT  B C6    1 
ATOM   530 P P     . DT  B 2 13 ? 2.881   20.891  22.252  1.00 62.32 ? 13  DT  B P     1 
ATOM   531 O OP1   . DT  B 2 13 ? 3.170   22.046  21.376  1.00 63.56 ? 13  DT  B OP1   1 
ATOM   532 O OP2   . DT  B 2 13 ? 2.295   21.097  23.607  1.00 58.69 ? 13  DT  B OP2   1 
ATOM   533 O "O5'" . DT  B 2 13 ? 1.963   19.908  21.402  1.00 64.30 ? 13  DT  B "O5'" 1 
ATOM   534 C "C5'" . DT  B 2 13 ? 2.487   19.258  20.228  1.00 63.52 ? 13  DT  B "C5'" 1 
ATOM   535 C "C4'" . DT  B 2 13 ? 2.406   17.754  20.368  1.00 62.90 ? 13  DT  B "C4'" 1 
ATOM   536 O "O4'" . DT  B 2 13 ? 3.439   17.265  21.257  1.00 64.88 ? 13  DT  B "O4'" 1 
ATOM   537 C "C3'" . DT  B 2 13 ? 1.079   17.215  20.913  1.00 61.76 ? 13  DT  B "C3'" 1 
ATOM   538 O "O3'" . DT  B 2 13 ? 0.579   16.299  19.930  1.00 62.79 ? 13  DT  B "O3'" 1 
ATOM   539 C "C2'" . DT  B 2 13 ? 1.456   16.595  22.251  1.00 64.72 ? 13  DT  B "C2'" 1 
ATOM   540 C "C1'" . DT  B 2 13 ? 2.901   16.198  22.012  1.00 64.55 ? 13  DT  B "C1'" 1 
ATOM   541 N N1    . DT  B 2 13 ? 3.765   15.993  23.204  1.00 61.69 ? 13  DT  B N1    1 
ATOM   542 C C2    . DT  B 2 13 ? 4.547   14.857  23.238  1.00 61.18 ? 13  DT  B C2    1 
ATOM   543 O O2    . DT  B 2 13 ? 4.549   14.023  22.350  1.00 63.18 ? 13  DT  B O2    1 
ATOM   544 N N3    . DT  B 2 13 ? 5.333   14.735  24.357  1.00 60.35 ? 13  DT  B N3    1 
ATOM   545 C C4    . DT  B 2 13 ? 5.418   15.616  25.417  1.00 60.41 ? 13  DT  B C4    1 
ATOM   546 O O4    . DT  B 2 13 ? 6.173   15.375  26.354  1.00 58.94 ? 13  DT  B O4    1 
ATOM   547 C C5    . DT  B 2 13 ? 4.571   16.787  25.316  1.00 61.38 ? 13  DT  B C5    1 
ATOM   548 C C7    . DT  B 2 13 ? 4.586   17.790  26.425  1.00 61.66 ? 13  DT  B C7    1 
ATOM   549 C C6    . DT  B 2 13 ? 3.799   16.915  24.228  1.00 60.86 ? 13  DT  B C6    1 
ATOM   550 P P     . DA  B 2 14 ? -0.760  15.444  20.179  1.00 55.33 ? 14  DA  B P     1 
ATOM   551 O OP1   . DA  B 2 14 ? -1.365  15.148  18.856  1.00 54.22 ? 14  DA  B OP1   1 
ATOM   552 O OP2   . DA  B 2 14 ? -1.552  16.087  21.258  1.00 54.38 ? 14  DA  B OP2   1 
ATOM   553 O "O5'" . DA  B 2 14 ? -0.199  14.085  20.771  1.00 51.05 ? 14  DA  B "O5'" 1 
ATOM   554 C "C5'" . DA  B 2 14 ? 0.810   13.366  20.067  1.00 48.94 ? 14  DA  B "C5'" 1 
ATOM   555 C "C4'" . DA  B 2 14 ? 1.063   12.057  20.773  1.00 49.77 ? 14  DA  B "C4'" 1 
ATOM   556 O "O4'" . DA  B 2 14 ? 1.816   12.292  21.983  1.00 47.84 ? 14  DA  B "O4'" 1 
ATOM   557 C "C3'" . DA  B 2 14 ? -0.201  11.322  21.212  1.00 51.56 ? 14  DA  B "C3'" 1 
ATOM   558 O "O3'" . DA  B 2 14 ? 0.113   9.941   21.109  1.00 53.07 ? 14  DA  B "O3'" 1 
ATOM   559 C "C2'" . DA  B 2 14 ? -0.359  11.740  22.662  1.00 50.10 ? 14  DA  B "C2'" 1 
ATOM   560 C "C1'" . DA  B 2 14 ? 1.093   11.791  23.098  1.00 50.00 ? 14  DA  B "C1'" 1 
ATOM   561 N N9    . DA  B 2 14 ? 1.404   12.638  24.252  1.00 50.15 ? 14  DA  B N9    1 
ATOM   562 C C8    . DA  B 2 14 ? 0.862   13.847  24.615  1.00 49.65 ? 14  DA  B C8    1 
ATOM   563 N N7    . DA  B 2 14 ? 1.380   14.349  25.711  1.00 47.65 ? 14  DA  B N7    1 
ATOM   564 C C5    . DA  B 2 14 ? 2.329   13.411  26.091  1.00 48.04 ? 14  DA  B C5    1 
ATOM   565 C C6    . DA  B 2 14 ? 3.220   13.353  27.176  1.00 51.93 ? 14  DA  B C6    1 
ATOM   566 N N6    . DA  B 2 14 ? 3.308   14.301  28.111  1.00 53.51 ? 14  DA  B N6    1 
ATOM   567 N N1    . DA  B 2 14 ? 4.025   12.271  27.272  1.00 53.02 ? 14  DA  B N1    1 
ATOM   568 C C2    . DA  B 2 14 ? 3.940   11.322  26.327  1.00 50.51 ? 14  DA  B C2    1 
ATOM   569 N N3    . DA  B 2 14 ? 3.145   11.267  25.262  1.00 45.22 ? 14  DA  B N3    1 
ATOM   570 C C4    . DA  B 2 14 ? 2.355   12.352  25.201  1.00 47.27 ? 14  DA  B C4    1 
ATOM   571 P P     . DA  B 2 15 ? -1.021  8.872   20.878  1.00 46.17 ? 15  DA  B P     1 
ATOM   572 O OP1   . DA  B 2 15 ? -0.927  8.416   19.477  1.00 46.70 ? 15  DA  B OP1   1 
ATOM   573 O OP2   . DA  B 2 15 ? -2.290  9.426   21.391  1.00 45.77 ? 15  DA  B OP2   1 
ATOM   574 O "O5'" . DA  B 2 15 ? -0.498  7.670   21.773  1.00 47.65 ? 15  DA  B "O5'" 1 
ATOM   575 C "C5'" . DA  B 2 15 ? 0.876   7.261   21.636  1.00 49.71 ? 15  DA  B "C5'" 1 
ATOM   576 C "C4'" . DA  B 2 15 ? 1.394   6.707   22.940  1.00 49.88 ? 15  DA  B "C4'" 1 
ATOM   577 O "O4'" . DA  B 2 15 ? 1.610   7.764   23.908  1.00 47.51 ? 15  DA  B "O4'" 1 
ATOM   578 C "C3'" . DA  B 2 15 ? 0.463   5.699   23.612  1.00 52.03 ? 15  DA  B "C3'" 1 
ATOM   579 O "O3'" . DA  B 2 15 ? 1.324   4.628   24.000  1.00 60.57 ? 15  DA  B "O3'" 1 
ATOM   580 C "C2'" . DA  B 2 15 ? -0.154  6.491   24.753  1.00 50.28 ? 15  DA  B "C2'" 1 
ATOM   581 C "C1'" . DA  B 2 15 ? 0.993   7.406   25.136  1.00 47.36 ? 15  DA  B "C1'" 1 
ATOM   582 N N9    . DA  B 2 15 ? 0.615   8.638   25.829  1.00 44.70 ? 15  DA  B N9    1 
ATOM   583 C C8    . DA  B 2 15 ? -0.371  9.538   25.507  1.00 45.30 ? 15  DA  B C8    1 
ATOM   584 N N7    . DA  B 2 15 ? -0.456  10.549  26.336  1.00 42.01 ? 15  DA  B N7    1 
ATOM   585 C C5    . DA  B 2 15 ? 0.547   10.303  27.263  1.00 43.81 ? 15  DA  B C5    1 
ATOM   586 C C6    . DA  B 2 15 ? 0.987   11.015  28.388  1.00 45.32 ? 15  DA  B C6    1 
ATOM   587 N N6    . DA  B 2 15 ? 0.440   12.162  28.796  1.00 47.03 ? 15  DA  B N6    1 
ATOM   588 N N1    . DA  B 2 15 ? 2.009   10.493  29.102  1.00 47.88 ? 15  DA  B N1    1 
ATOM   589 C C2    . DA  B 2 15 ? 2.556   9.342   28.692  1.00 47.21 ? 15  DA  B C2    1 
ATOM   590 N N3    . DA  B 2 15 ? 2.235   8.583   27.647  1.00 45.65 ? 15  DA  B N3    1 
ATOM   591 C C4    . DA  B 2 15 ? 1.213   9.128   26.963  1.00 44.88 ? 15  DA  B C4    1 
ATOM   592 P P     . DA  B 2 16 ? 0.780   3.404   24.850  1.00 67.23 ? 16  DA  B P     1 
ATOM   593 O OP1   . DA  B 2 16 ? 1.460   2.176   24.354  1.00 63.49 ? 16  DA  B OP1   1 
ATOM   594 O OP2   . DA  B 2 16 ? -0.709  3.479   24.887  1.00 61.99 ? 16  DA  B OP2   1 
ATOM   595 O "O5'" . DA  B 2 16 ? 1.343   3.733   26.299  1.00 66.74 ? 16  DA  B "O5'" 1 
ATOM   596 C "C5'" . DA  B 2 16 ? 2.746   3.644   26.594  1.00 65.95 ? 16  DA  B "C5'" 1 
ATOM   597 C "C4'" . DA  B 2 16 ? 2.931   3.678   28.090  1.00 67.44 ? 16  DA  B "C4'" 1 
ATOM   598 O "O4'" . DA  B 2 16 ? 2.362   4.903   28.607  1.00 68.29 ? 16  DA  B "O4'" 1 
ATOM   599 C "C3'" . DA  B 2 16 ? 2.205   2.564   28.839  1.00 68.66 ? 16  DA  B "C3'" 1 
ATOM   600 O "O3'" . DA  B 2 16 ? 2.884   2.361   30.076  1.00 76.31 ? 16  DA  B "O3'" 1 
ATOM   601 C "C2'" . DA  B 2 16 ? 0.838   3.172   29.087  1.00 64.23 ? 16  DA  B "C2'" 1 
ATOM   602 C "C1'" . DA  B 2 16 ? 1.233   4.596   29.424  1.00 62.56 ? 16  DA  B "C1'" 1 
ATOM   603 N N9    . DA  B 2 16 ? 0.225   5.626   29.192  1.00 56.94 ? 16  DA  B N9    1 
ATOM   604 C C8    . DA  B 2 16 ? -0.824  5.677   28.307  1.00 56.62 ? 16  DA  B C8    1 
ATOM   605 N N7    . DA  B 2 16 ? -1.512  6.792   28.369  1.00 52.33 ? 16  DA  B N7    1 
ATOM   606 C C5    . DA  B 2 16 ? -0.866  7.526   29.354  1.00 53.19 ? 16  DA  B C5    1 
ATOM   607 C C6    . DA  B 2 16 ? -1.107  8.796   29.900  1.00 50.43 ? 16  DA  B C6    1 
ATOM   608 N N6    . DA  B 2 16 ? -2.107  9.592   29.513  1.00 50.49 ? 16  DA  B N6    1 
ATOM   609 N N1    . DA  B 2 16 ? -0.270  9.230   30.867  1.00 53.89 ? 16  DA  B N1    1 
ATOM   610 C C2    . DA  B 2 16 ? 0.734   8.431   31.255  1.00 52.58 ? 16  DA  B C2    1 
ATOM   611 N N3    . DA  B 2 16 ? 1.044   7.212   30.838  1.00 49.17 ? 16  DA  B N3    1 
ATOM   612 C C4    . DA  B 2 16 ? 0.209   6.820   29.863  1.00 52.25 ? 16  DA  B C4    1 
ATOM   613 P P     . DG  B 2 17 ? 2.636   1.039   30.914  1.00 83.15 ? 17  DG  B P     1 
ATOM   614 O OP1   . DG  B 2 17 ? 3.804   0.149   30.704  1.00 85.94 ? 17  DG  B OP1   1 
ATOM   615 O OP2   . DG  B 2 17 ? 1.264   0.543   30.609  1.00 80.63 ? 17  DG  B OP2   1 
ATOM   616 O "O5'" . DG  B 2 17 ? 2.649   1.554   32.420  1.00 80.46 ? 17  DG  B "O5'" 1 
ATOM   617 C "C5'" . DG  B 2 17 ? 3.203   2.829   32.802  1.00 78.19 ? 17  DG  B "C5'" 1 
ATOM   618 C "C4'" . DG  B 2 17 ? 2.613   3.264   34.123  1.00 77.06 ? 17  DG  B "C4'" 1 
ATOM   619 O "O4'" . DG  B 2 17 ? 1.677   4.341   33.881  1.00 74.16 ? 17  DG  B "O4'" 1 
ATOM   620 C "C3'" . DG  B 2 17 ? 1.810   2.186   34.851  1.00 77.64 ? 17  DG  B "C3'" 1 
ATOM   621 O "O3'" . DG  B 2 17 ? 1.862   2.381   36.270  1.00 80.97 ? 17  DG  B "O3'" 1 
ATOM   622 C "C2'" . DG  B 2 17 ? 0.409   2.413   34.322  1.00 74.59 ? 17  DG  B "C2'" 1 
ATOM   623 C "C1'" . DG  B 2 17 ? 0.372   3.929   34.256  1.00 69.89 ? 17  DG  B "C1'" 1 
ATOM   624 N N9    . DG  B 2 17 ? -0.572  4.486   33.295  1.00 64.71 ? 17  DG  B N9    1 
ATOM   625 C C8    . DG  B 2 17 ? -1.004  3.934   32.114  1.00 61.99 ? 17  DG  B C8    1 
ATOM   626 N N7    . DG  B 2 17 ? -1.875  4.678   31.489  1.00 60.38 ? 17  DG  B N7    1 
ATOM   627 C C5    . DG  B 2 17 ? -2.036  5.782   32.313  1.00 61.11 ? 17  DG  B C5    1 
ATOM   628 C C6    . DG  B 2 17 ? -2.857  6.928   32.164  1.00 60.10 ? 17  DG  B C6    1 
ATOM   629 O O6    . DG  B 2 17 ? -3.631  7.206   31.240  1.00 61.99 ? 17  DG  B O6    1 
ATOM   630 N N1    . DG  B 2 17 ? -2.713  7.803   33.236  1.00 62.33 ? 17  DG  B N1    1 
ATOM   631 C C2    . DG  B 2 17 ? -1.884  7.602   34.313  1.00 62.25 ? 17  DG  B C2    1 
ATOM   632 N N2    . DG  B 2 17 ? -1.881  8.561   35.249  1.00 64.70 ? 17  DG  B N2    1 
ATOM   633 N N3    . DG  B 2 17 ? -1.111  6.541   34.461  1.00 59.40 ? 17  DG  B N3    1 
ATOM   634 C C4    . DG  B 2 17 ? -1.238  5.678   33.432  1.00 61.59 ? 17  DG  B C4    1 
ATOM   635 P P     . DC  B 2 18 ? 1.367   1.221   37.268  1.00 78.59 ? 18  DC  B P     1 
ATOM   636 O OP1   . DC  B 2 18 ? 2.432   0.189   37.326  1.00 73.14 ? 18  DC  B OP1   1 
ATOM   637 O OP2   . DC  B 2 18 ? -0.016  0.827   36.884  1.00 78.22 ? 18  DC  B OP2   1 
ATOM   638 O "O5'" . DC  B 2 18 ? 1.265   1.972   38.671  1.00 75.15 ? 18  DC  B "O5'" 1 
ATOM   639 C "C5'" . DC  B 2 18 ? 1.114   3.407   38.763  1.00 76.90 ? 18  DC  B "C5'" 1 
ATOM   640 C "C4'" . DC  B 2 18 ? -0.256  3.789   39.279  1.00 76.30 ? 18  DC  B "C4'" 1 
ATOM   641 O "O4'" . DC  B 2 18 ? -1.029  4.404   38.221  1.00 73.34 ? 18  DC  B "O4'" 1 
ATOM   642 C "C3'" . DC  B 2 18 ? -1.119  2.651   39.840  1.00 77.03 ? 18  DC  B "C3'" 1 
ATOM   643 O "O3'" . DC  B 2 18 ? -1.423  2.924   41.214  1.00 78.45 ? 18  DC  B "O3'" 1 
ATOM   644 C "C2'" . DC  B 2 18 ? -2.364  2.649   38.962  1.00 73.77 ? 18  DC  B "C2'" 1 
ATOM   645 C "C1'" . DC  B 2 18 ? -2.388  4.051   38.380  1.00 71.38 ? 18  DC  B "C1'" 1 
ATOM   646 N N1    . DC  B 2 18 ? -3.047  4.200   37.068  1.00 68.87 ? 18  DC  B N1    1 
ATOM   647 C C2    . DC  B 2 18 ? -3.894  5.294   36.856  1.00 68.41 ? 18  DC  B C2    1 
ATOM   648 O O2    . DC  B 2 18 ? -4.093  6.089   37.786  1.00 72.88 ? 18  DC  B O2    1 
ATOM   649 N N3    . DC  B 2 18 ? -4.482  5.451   35.648  1.00 66.18 ? 18  DC  B N3    1 
ATOM   650 C C4    . DC  B 2 18 ? -4.242  4.573   34.672  1.00 63.87 ? 18  DC  B C4    1 
ATOM   651 N N4    . DC  B 2 18 ? -4.845  4.763   33.499  1.00 62.67 ? 18  DC  B N4    1 
ATOM   652 C C5    . DC  B 2 18 ? -3.372  3.459   34.856  1.00 65.86 ? 18  DC  B C5    1 
ATOM   653 C C6    . DC  B 2 18 ? -2.797  3.315   36.058  1.00 67.23 ? 18  DC  B C6    1 
ATOM   654 P P     . DC  B 2 19 ? -2.057  1.790   42.153  1.00 76.11 ? 19  DC  B P     1 
ATOM   655 O OP1   . DC  B 2 19 ? -1.116  1.544   43.272  1.00 75.43 ? 19  DC  B OP1   1 
ATOM   656 O OP2   . DC  B 2 19 ? -2.502  0.661   41.297  1.00 80.51 ? 19  DC  B OP2   1 
ATOM   657 O "O5'" . DC  B 2 19 ? -3.371  2.482   42.725  1.00 78.21 ? 19  DC  B "O5'" 1 
ATOM   658 C "C5'" . DC  B 2 19 ? -3.549  3.909   42.691  1.00 79.77 ? 19  DC  B "C5'" 1 
ATOM   659 C "C4'" . DC  B 2 19 ? -4.938  4.248   42.202  1.00 81.80 ? 19  DC  B "C4'" 1 
ATOM   660 O "O4'" . DC  B 2 19 ? -5.020  4.103   40.765  1.00 78.30 ? 19  DC  B "O4'" 1 
ATOM   661 C "C3'" . DC  B 2 19 ? -6.066  3.383   42.780  1.00 82.11 ? 19  DC  B "C3'" 1 
ATOM   662 O "O3'" . DC  B 2 19 ? -7.003  4.218   43.467  1.00 88.26 ? 19  DC  B "O3'" 1 
ATOM   663 C "C2'" . DC  B 2 19 ? -6.716  2.752   41.555  1.00 79.78 ? 19  DC  B "C2'" 1 
ATOM   664 C "C1'" . DC  B 2 19 ? -6.355  3.747   40.476  1.00 77.47 ? 19  DC  B "C1'" 1 
ATOM   665 N N1    . DC  B 2 19 ? -6.414  3.273   39.083  1.00 75.02 ? 19  DC  B N1    1 
ATOM   666 C C2    . DC  B 2 19 ? -7.176  4.000   38.165  1.00 71.83 ? 19  DC  B C2    1 
ATOM   667 O O2    . DC  B 2 19 ? -7.786  5.005   38.556  1.00 74.84 ? 19  DC  B O2    1 
ATOM   668 N N3    . DC  B 2 19 ? -7.235  3.588   36.878  1.00 68.39 ? 19  DC  B N3    1 
ATOM   669 C C4    . DC  B 2 19 ? -6.564  2.499   36.496  1.00 71.24 ? 19  DC  B C4    1 
ATOM   670 N N4    . DC  B 2 19 ? -6.647  2.130   35.217  1.00 69.31 ? 19  DC  B N4    1 
ATOM   671 C C5    . DC  B 2 19 ? -5.775  1.742   37.411  1.00 72.81 ? 19  DC  B C5    1 
ATOM   672 C C6    . DC  B 2 19 ? -5.727  2.162   38.682  1.00 75.44 ? 19  DC  B C6    1 
ATOM   673 P P     . DG  B 2 20 ? -7.796  3.677   44.749  1.00 94.67 ? 20  DG  B P     1 
ATOM   674 O OP1   . DG  B 2 20 ? -7.328  4.443   45.933  1.00 88.91 ? 20  DG  B OP1   1 
ATOM   675 O OP2   . DG  B 2 20 ? -7.734  2.190   44.748  1.00 93.44 ? 20  DG  B OP2   1 
ATOM   676 O "O5'" . DG  B 2 20 ? -9.301  4.095   44.442  1.00 89.24 ? 20  DG  B "O5'" 1 
ATOM   677 C "C5'" . DG  B 2 20 ? -9.678  5.480   44.397  1.00 85.18 ? 20  DG  B "C5'" 1 
ATOM   678 C "C4'" . DG  B 2 20 ? -10.826 5.669   43.434  1.00 85.58 ? 20  DG  B "C4'" 1 
ATOM   679 O "O4'" . DG  B 2 20 ? -10.467 5.139   42.135  1.00 80.59 ? 20  DG  B "O4'" 1 
ATOM   680 C "C3'" . DG  B 2 20 ? -12.125 4.960   43.828  1.00 87.50 ? 20  DG  B "C3'" 1 
ATOM   681 O "O3'" . DG  B 2 20 ? -13.203 5.859   43.527  1.00 92.28 ? 20  DG  B "O3'" 1 
ATOM   682 C "C2'" . DG  B 2 20 ? -12.102 3.709   42.967  1.00 83.92 ? 20  DG  B "C2'" 1 
ATOM   683 C "C1'" . DG  B 2 20 ? -11.508 4.280   41.702  1.00 82.22 ? 20  DG  B "C1'" 1 
ATOM   684 N N9    . DG  B 2 20 ? -10.948 3.338   40.741  1.00 79.95 ? 20  DG  B N9    1 
ATOM   685 C C8    . DG  B 2 20 ? -10.269 2.166   40.978  1.00 78.56 ? 20  DG  B C8    1 
ATOM   686 N N7    . DG  B 2 20 ? -9.896  1.561   39.882  1.00 74.40 ? 20  DG  B N7    1 
ATOM   687 C C5    . DG  B 2 20 ? -10.361 2.382   38.864  1.00 73.36 ? 20  DG  B C5    1 
ATOM   688 C C6    . DG  B 2 20 ? -10.259 2.249   37.459  1.00 69.25 ? 20  DG  B C6    1 
ATOM   689 O O6    . DG  B 2 20 ? -9.718  1.350   36.808  1.00 63.39 ? 20  DG  B O6    1 
ATOM   690 N N1    . DG  B 2 20 ? -10.868 3.312   36.800  1.00 72.39 ? 20  DG  B N1    1 
ATOM   691 C C2    . DG  B 2 20 ? -11.498 4.369   37.415  1.00 74.77 ? 20  DG  B C2    1 
ATOM   692 N N2    . DG  B 2 20 ? -12.023 5.310   36.615  1.00 75.61 ? 20  DG  B N2    1 
ATOM   693 N N3    . DG  B 2 20 ? -11.594 4.504   38.723  1.00 78.33 ? 20  DG  B N3    1 
ATOM   694 C C4    . DG  B 2 20 ? -11.010 3.482   39.380  1.00 77.40 ? 20  DG  B C4    1 
ATOM   695 P P     . DT  B 2 21 ? -14.735 5.421   43.716  1.00 96.38 ? 21  DT  B P     1 
ATOM   696 O OP1   . DT  B 2 21 ? -15.436 6.513   44.436  1.00 95.03 ? 21  DT  B OP1   1 
ATOM   697 O OP2   . DT  B 2 21 ? -14.768 4.040   44.266  1.00 91.73 ? 21  DT  B OP2   1 
ATOM   698 O "O5'" . DT  B 2 21 ? -15.282 5.407   42.219  1.00 88.97 ? 21  DT  B "O5'" 1 
ATOM   699 C "C5'" . DT  B 2 21 ? -15.008 6.504   41.325  1.00 83.51 ? 21  DT  B "C5'" 1 
ATOM   700 C "C4'" . DT  B 2 21 ? -15.814 6.363   40.055  1.00 82.51 ? 21  DT  B "C4'" 1 
ATOM   701 O "O4'" . DT  B 2 21 ? -15.124 5.474   39.142  1.00 79.04 ? 21  DT  B "O4'" 1 
ATOM   702 C "C3'" . DT  B 2 21 ? -17.224 5.788   40.235  1.00 83.27 ? 21  DT  B "C3'" 1 
ATOM   703 O "O3'" . DT  B 2 21 ? -18.176 6.598   39.529  1.00 81.50 ? 21  DT  B "O3'" 1 
ATOM   704 C "C2'" . DT  B 2 21 ? -17.104 4.365   39.711  1.00 81.58 ? 21  DT  B "C2'" 1 
ATOM   705 C "C1'" . DT  B 2 21 ? -16.025 4.494   38.653  1.00 78.05 ? 21  DT  B "C1'" 1 
ATOM   706 N N1    . DT  B 2 21 ? -15.249 3.269   38.372  1.00 73.37 ? 21  DT  B N1    1 
ATOM   707 C C2    . DT  B 2 21 ? -15.053 2.918   37.055  1.00 69.00 ? 21  DT  B C2    1 
ATOM   708 O O2    . DT  B 2 21 ? -15.512 3.553   36.120  1.00 68.56 ? 21  DT  B O2    1 
ATOM   709 N N3    . DT  B 2 21 ? -14.303 1.783   36.873  1.00 63.81 ? 21  DT  B N3    1 
ATOM   710 C C4    . DT  B 2 21 ? -13.741 0.987   37.851  1.00 63.54 ? 21  DT  B C4    1 
ATOM   711 O O4    . DT  B 2 21 ? -13.092 -0.004  37.533  1.00 57.48 ? 21  DT  B O4    1 
ATOM   712 C C5    . DT  B 2 21 ? -13.983 1.417   39.210  1.00 68.29 ? 21  DT  B C5    1 
ATOM   713 C C7    . DT  B 2 21 ? -13.414 0.617   40.339  1.00 69.70 ? 21  DT  B C7    1 
ATOM   714 C C6    . DT  B 2 21 ? -14.709 2.526   39.399  1.00 70.12 ? 21  DT  B C6    1 
ATOM   715 P P     . DT  B 2 22 ? -19.718 6.159   39.440  1.00 80.73 ? 22  DT  B P     1 
ATOM   716 O OP1   . DT  B 2 22 ? -20.551 7.385   39.478  1.00 83.19 ? 22  DT  B OP1   1 
ATOM   717 O OP2   . DT  B 2 22 ? -19.958 5.069   40.421  1.00 78.29 ? 22  DT  B OP2   1 
ATOM   718 O "O5'" . DT  B 2 22 ? -19.829 5.566   37.967  1.00 81.71 ? 22  DT  B "O5'" 1 
ATOM   719 C "C5'" . DT  B 2 22 ? -19.182 6.213   36.849  1.00 78.77 ? 22  DT  B "C5'" 1 
ATOM   720 C "C4'" . DT  B 2 22 ? -19.388 5.397   35.596  1.00 78.23 ? 22  DT  B "C4'" 1 
ATOM   721 O "O4'" . DT  B 2 22 ? -18.490 4.258   35.604  1.00 78.41 ? 22  DT  B "O4'" 1 
ATOM   722 C "C3'" . DT  B 2 22 ? -20.802 4.827   35.445  1.00 77.32 ? 22  DT  B "C3'" 1 
ATOM   723 O "O3'" . DT  B 2 22 ? -21.294 5.040   34.119  1.00 73.94 ? 22  DT  B "O3'" 1 
ATOM   724 C "C2'" . DT  B 2 22 ? -20.641 3.360   35.811  1.00 76.63 ? 22  DT  B "C2'" 1 
ATOM   725 C "C1'" . DT  B 2 22 ? -19.226 3.071   35.345  1.00 77.62 ? 22  DT  B "C1'" 1 
ATOM   726 N N1    . DT  B 2 22 ? -18.539 1.942   36.019  1.00 76.40 ? 22  DT  B N1    1 
ATOM   727 C C2    . DT  B 2 22 ? -17.833 1.054   35.237  1.00 76.56 ? 22  DT  B C2    1 
ATOM   728 O O2    . DT  B 2 22 ? -17.749 1.154   34.024  1.00 77.09 ? 22  DT  B O2    1 
ATOM   729 N N3    . DT  B 2 22 ? -17.223 0.038   35.932  1.00 73.09 ? 22  DT  B N3    1 
ATOM   730 C C4    . DT  B 2 22 ? -17.246 -0.169  37.297  1.00 72.71 ? 22  DT  B C4    1 
ATOM   731 O O4    . DT  B 2 22 ? -16.643 -1.125  37.777  1.00 68.49 ? 22  DT  B O4    1 
ATOM   732 C C5    . DT  B 2 22 ? -18.008 0.798   38.056  1.00 74.19 ? 22  DT  B C5    1 
ATOM   733 C C7    . DT  B 2 22 ? -18.087 0.654   39.543  1.00 73.64 ? 22  DT  B C7    1 
ATOM   734 C C6    . DT  B 2 22 ? -18.608 1.791   37.388  1.00 73.58 ? 22  DT  B C6    1 
HETATM 735 O O     . HOH C 3 .  ? -9.971  -4.323  -2.319  1.00 36.91 ? 101 HOH A O     1 
HETATM 736 O O     . HOH C 3 .  ? 2.280   -1.252  -13.452 1.00 46.41 ? 102 HOH A O     1 
HETATM 737 O O     . HOH C 3 .  ? -5.520  -1.227  15.963  1.00 34.28 ? 103 HOH A O     1 
HETATM 738 O O     . HOH C 3 .  ? -0.540  6.432   -13.333 1.00 61.78 ? 104 HOH A O     1 
HETATM 739 O O     . HOH C 3 .  ? 0.914   1.114   -13.244 1.00 39.37 ? 105 HOH A O     1 
HETATM 740 O O     . HOH C 3 .  ? 10.600  2.794   -9.578  1.00 46.91 ? 106 HOH A O     1 
HETATM 741 O O     . HOH C 3 .  ? -6.986  -2.019  0.299   1.00 40.30 ? 107 HOH A O     1 
HETATM 742 O O     . HOH C 3 .  ? 12.280  -5.628  -12.442 1.00 43.57 ? 108 HOH A O     1 
HETATM 743 O O     . HOH D 3 .  ? 4.795   7.467   24.390  1.00 56.47 ? 101 HOH B O     1 
# 
